data_4NME
#
_entry.id   4NME
#
_cell.length_a   95.235
_cell.length_b   151.177
_cell.length_c   175.180
_cell.angle_alpha   90.000
_cell.angle_beta   90.000
_cell.angle_gamma   90.000
#
_symmetry.space_group_name_H-M   'P 21 21 21'
#
loop_
_entity.id
_entity.type
_entity.pdbx_description
1 polymer 'Proline dehydrogenase and Delta-1-pyrroline-5-carboxylate dehydrogenase'
2 non-polymer 'N-propargylglycine-modified flavin adenine dinucleotide'
3 non-polymer 1,2-ETHANEDIOL
4 water water
#
_entity_poly.entity_id   1
_entity_poly.type   'polypeptide(L)'
_entity_poly.pdbx_seq_one_letter_code
;SMLNSELNTKIVNRGKEFFGSISGEKPSLFNKGAWMGKAMDWSMQNEQFKIQMFRFVDVFPSLTTSKLLTEHIREYFGNE
QDMPAFMSTGAKVAGMLGSFGGAVLNKVLTSNIEEMARQFIVGETTKEAVKNLEKLRKDGFAAVVDVLGEATLSEEEAEV
YTNTYLELLEALKKEQGSWKGLPGKGGDPGLDWGHAPKVNIAVKPTALFCLANPQDFEGSVVAILDRMRRIFKKVMELNG
FLCIDMESYRHKEIILEVFRRLKLEYRDYPHLGIVLQAYLKDNDKDLDDLLAWAKEHKVQISVRLVKGAYWDYETVKAKQ
NDWEVPVWTIKAESDAAYERQARKILENHQICHFACASHNIRTISAVMEMARELNVPEDRYEFQVLYGMAEPVRKGILKV
AGRIRLYAPYGNMVPGMGYLVRRLLENTANESFLRQSFAEDAQIERLLEDPAVTVERERAARAAKPKKERKGLGGLPPFN
NEAMVDFTRADHRAAFPKHIAQVRTQLGKTYPLFINGKEVRTNDLIPTVNPNKPSEVLGQICQAGTTEVGDAIAAAKAAF
PAWRDTDPRTRAEYLLKAAQAARKRLFELSAWQVLEIGKQWDQAYADVTEAIDFLEYYAREMIRLGQPQRVGHAPGELNH
YFYEPKGVAAVIAPWNFPLAISMGMASAAIVTGNCVVFKPSGITSIIGWHLVELFREAGLPEGVFNFTPGRGSVMGDYLV
DHPDISLIAFTGSMETGLRIIERAAKVHPGQANVKKIISEMGGKNAIIIDDDADLDEAVPHVLYSAFGFQGQKCSACSRV
IVLDAVYDKFIERLVSMAKATKVGPSEDPANYMGAVADDKAMKSIKEYAEIGKREGHVLYESPVPAGEGYFVPMTIIGGI
KPEHRIAQEEIFGPVLAVMRAKDFDQAIEWANSTQFALTGGIFSRSPEHLAKARREFRVGNLYINRNNTGALVERQPFGG
ARMSGVGTKAGGPDYLLHFMDPRVVTENTMRRGFAPIEEDDDWVD
;
_entity_poly.pdbx_strand_id   A,B
#
# COMPACT_ATOMS: atom_id res chain seq x y z
N SER A 1 -33.40 48.89 2.70
CA SER A 1 -33.92 47.96 1.70
C SER A 1 -34.69 48.68 0.60
N MET A 2 -35.70 49.45 0.97
CA MET A 2 -36.36 50.34 0.02
C MET A 2 -35.40 51.46 -0.34
N LEU A 3 -34.74 52.01 0.68
CA LEU A 3 -33.73 53.04 0.51
C LEU A 3 -32.53 52.49 -0.27
N ASN A 4 -32.18 51.25 0.04
CA ASN A 4 -31.06 50.57 -0.59
C ASN A 4 -31.21 50.49 -2.11
N SER A 5 -32.40 50.12 -2.56
CA SER A 5 -32.71 50.03 -3.98
C SER A 5 -32.60 51.39 -4.68
N GLU A 6 -32.99 52.45 -3.97
CA GLU A 6 -32.92 53.81 -4.51
C GLU A 6 -31.49 54.29 -4.73
N LEU A 7 -30.62 54.06 -3.74
CA LEU A 7 -29.24 54.51 -3.81
C LEU A 7 -28.48 53.73 -4.86
N ASN A 8 -28.74 52.43 -4.90
CA ASN A 8 -28.14 51.54 -5.89
C ASN A 8 -28.44 51.98 -7.32
N THR A 9 -29.63 52.53 -7.53
CA THR A 9 -30.04 53.08 -8.83
C THR A 9 -29.21 54.32 -9.16
N LYS A 10 -28.83 55.07 -8.14
CA LYS A 10 -27.97 56.22 -8.34
C LYS A 10 -26.53 55.77 -8.63
N ILE A 11 -26.12 54.67 -8.02
CA ILE A 11 -24.76 54.18 -8.23
C ILE A 11 -24.61 53.66 -9.66
N VAL A 12 -25.60 52.87 -10.09
CA VAL A 12 -25.58 52.29 -11.43
C VAL A 12 -25.49 53.37 -12.50
N ASN A 13 -26.33 54.40 -12.39
CA ASN A 13 -26.32 55.50 -13.34
C ASN A 13 -24.97 56.23 -13.37
N ARG A 14 -24.35 56.37 -12.21
CA ARG A 14 -23.02 56.97 -12.14
C ARG A 14 -22.01 56.07 -12.86
N GLY A 15 -22.23 54.76 -12.77
CA GLY A 15 -21.37 53.78 -13.39
C GLY A 15 -21.28 53.99 -14.90
N LYS A 16 -22.40 54.39 -15.50
CA LYS A 16 -22.49 54.58 -16.94
C LYS A 16 -21.93 55.92 -17.39
N GLU A 17 -21.92 56.90 -16.50
CA GLU A 17 -21.24 58.16 -16.79
C GLU A 17 -19.74 57.92 -16.92
N PHE A 18 -19.24 56.93 -16.17
CA PHE A 18 -17.85 56.52 -16.27
C PHE A 18 -17.60 55.70 -17.53
N PHE A 19 -18.58 54.86 -17.89
CA PHE A 19 -18.47 54.07 -19.11
C PHE A 19 -18.57 54.95 -20.36
N GLY A 20 -19.49 55.93 -20.32
CA GLY A 20 -19.60 56.92 -21.37
C GLY A 20 -18.32 57.71 -21.50
N SER A 21 -17.87 58.31 -20.40
CA SER A 21 -16.61 59.08 -20.40
C SER A 21 -15.41 58.21 -20.75
N ILE A 22 -15.59 56.89 -20.72
CA ILE A 22 -14.58 55.96 -21.21
C ILE A 22 -14.79 55.70 -22.70
N PRO A 27 -8.00 49.77 -22.33
CA PRO A 27 -6.62 49.79 -21.84
C PRO A 27 -5.68 48.91 -22.67
N SER A 28 -4.37 49.19 -22.54
CA SER A 28 -3.35 48.61 -23.39
C SER A 28 -3.25 47.08 -23.29
N LEU A 29 -3.56 46.57 -22.10
CA LEU A 29 -3.43 45.13 -21.81
C LEU A 29 -4.49 44.31 -22.54
N PHE A 30 -5.61 44.96 -22.87
CA PHE A 30 -6.70 44.28 -23.56
C PHE A 30 -6.80 44.66 -25.04
N ASN A 31 -5.93 45.56 -25.49
CA ASN A 31 -5.83 45.92 -26.90
C ASN A 31 -5.11 44.84 -27.69
N LYS A 32 -5.87 44.02 -28.40
CA LYS A 32 -5.32 42.83 -29.07
C LYS A 32 -4.57 43.15 -30.38
N GLY A 33 -4.21 44.41 -30.56
CA GLY A 33 -3.38 44.81 -31.68
C GLY A 33 -1.92 44.85 -31.29
N ALA A 34 -1.66 45.22 -30.04
CA ALA A 34 -0.30 45.25 -29.51
C ALA A 34 0.12 43.86 -29.05
N TRP A 35 1.43 43.59 -29.09
CA TRP A 35 1.99 42.29 -28.71
C TRP A 35 1.58 41.89 -27.30
N MET A 36 1.55 42.88 -26.40
CA MET A 36 1.18 42.66 -25.01
C MET A 36 -0.23 42.10 -24.89
N GLY A 37 -1.18 42.75 -25.57
CA GLY A 37 -2.57 42.33 -25.55
C GLY A 37 -2.79 40.92 -26.08
N LYS A 38 -2.06 40.58 -27.14
CA LYS A 38 -2.16 39.26 -27.76
C LYS A 38 -1.58 38.18 -26.84
N ALA A 39 -0.59 38.56 -26.04
CA ALA A 39 0.03 37.64 -25.11
C ALA A 39 -0.90 37.40 -23.93
N MET A 40 -1.50 38.48 -23.44
CA MET A 40 -2.48 38.39 -22.36
C MET A 40 -3.75 37.68 -22.82
N ASP A 41 -4.13 37.90 -24.07
CA ASP A 41 -5.30 37.25 -24.64
C ASP A 41 -5.14 35.74 -24.61
N TRP A 42 -4.00 35.25 -25.06
CA TRP A 42 -3.71 33.82 -25.06
C TRP A 42 -3.56 33.33 -23.62
N SER A 43 -3.01 34.18 -22.75
CA SER A 43 -2.91 33.86 -21.33
C SER A 43 -4.29 33.59 -20.73
N MET A 44 -5.28 34.41 -21.09
CA MET A 44 -6.62 34.27 -20.52
C MET A 44 -7.39 33.16 -21.21
N GLN A 45 -6.86 32.69 -22.33
CA GLN A 45 -7.45 31.56 -23.05
C GLN A 45 -6.84 30.24 -22.61
N ASN A 46 -5.55 30.25 -22.31
CA ASN A 46 -4.82 29.02 -21.98
C ASN A 46 -4.09 29.18 -20.64
N GLU A 47 -4.51 28.39 -19.65
CA GLU A 47 -3.95 28.49 -18.31
C GLU A 47 -2.51 27.96 -18.23
N GLN A 48 -2.25 26.89 -18.99
CA GLN A 48 -0.90 26.35 -19.08
C GLN A 48 0.06 27.42 -19.60
N PHE A 49 -0.32 28.07 -20.70
CA PHE A 49 0.49 29.16 -21.24
C PHE A 49 0.63 30.32 -20.25
N LYS A 50 -0.47 30.69 -19.61
CA LYS A 50 -0.47 31.75 -18.61
C LYS A 50 0.59 31.48 -17.55
N ILE A 51 0.59 30.29 -16.98
CA ILE A 51 1.57 29.90 -15.98
C ILE A 51 3.02 30.06 -16.48
N GLN A 52 3.26 29.61 -17.71
CA GLN A 52 4.59 29.67 -18.31
C GLN A 52 5.03 31.11 -18.56
N MET A 53 4.14 31.89 -19.17
CA MET A 53 4.40 33.29 -19.47
C MET A 53 4.70 34.10 -18.20
N PHE A 54 3.89 33.92 -17.15
CA PHE A 54 4.06 34.74 -15.95
C PHE A 54 5.33 34.35 -15.19
N ARG A 55 5.60 33.06 -15.11
CA ARG A 55 6.82 32.58 -14.47
C ARG A 55 8.05 33.04 -15.25
N PHE A 56 7.94 33.07 -16.58
CA PHE A 56 9.02 33.56 -17.41
C PHE A 56 9.30 35.03 -17.12
N VAL A 57 8.25 35.84 -17.03
CA VAL A 57 8.43 37.26 -16.70
C VAL A 57 9.10 37.44 -15.33
N ASP A 58 8.74 36.56 -14.39
CA ASP A 58 9.33 36.58 -13.06
C ASP A 58 10.83 36.33 -13.08
N VAL A 59 11.27 35.37 -13.90
CA VAL A 59 12.68 34.97 -13.92
C VAL A 59 13.46 35.86 -14.90
N PHE A 60 12.75 36.50 -15.81
CA PHE A 60 13.34 37.32 -16.88
C PHE A 60 14.54 38.22 -16.49
N PRO A 61 14.42 39.02 -15.41
CA PRO A 61 15.57 39.89 -15.13
C PRO A 61 16.86 39.16 -14.69
N SER A 62 16.78 37.89 -14.30
CA SER A 62 18.00 37.16 -13.95
CA SER A 62 17.97 37.12 -13.94
C SER A 62 18.60 36.51 -15.20
N LEU A 63 17.93 36.67 -16.32
CA LEU A 63 18.43 36.07 -17.56
C LEU A 63 19.48 36.98 -18.23
N THR A 64 20.62 37.08 -17.57
CA THR A 64 21.63 38.11 -17.89
C THR A 64 22.68 37.78 -18.97
N THR A 65 22.73 36.52 -19.41
CA THR A 65 23.57 36.16 -20.55
C THR A 65 22.73 35.66 -21.73
N SER A 66 23.32 35.71 -22.93
CA SER A 66 22.65 35.21 -24.13
C SER A 66 22.25 33.75 -23.95
N LYS A 67 23.08 33.00 -23.23
CA LYS A 67 22.81 31.60 -22.97
C LYS A 67 21.62 31.39 -22.02
N LEU A 68 21.60 32.10 -20.89
CA LEU A 68 20.50 31.98 -19.95
C LEU A 68 19.18 32.32 -20.63
N LEU A 69 19.19 33.40 -21.40
CA LEU A 69 17.99 33.90 -22.06
C LEU A 69 17.47 32.88 -23.06
N THR A 70 18.33 32.51 -24.02
CA THR A 70 17.96 31.52 -25.04
C THR A 70 17.44 30.19 -24.46
N GLU A 71 18.10 29.68 -23.44
CA GLU A 71 17.70 28.39 -22.89
C GLU A 71 16.37 28.46 -22.16
N HIS A 72 16.13 29.57 -21.46
CA HIS A 72 14.90 29.67 -20.66
C HIS A 72 13.71 29.85 -21.57
N ILE A 73 13.90 30.64 -22.63
CA ILE A 73 12.88 30.82 -23.63
C ILE A 73 12.43 29.45 -24.16
N ARG A 74 13.39 28.63 -24.54
CA ARG A 74 13.07 27.30 -25.05
C ARG A 74 12.39 26.46 -23.99
N GLU A 75 12.88 26.54 -22.75
CA GLU A 75 12.37 25.73 -21.65
C GLU A 75 10.97 26.13 -21.19
N TYR A 76 10.59 27.38 -21.38
CA TYR A 76 9.26 27.81 -20.96
C TYR A 76 8.24 27.73 -22.09
N PHE A 77 8.69 27.97 -23.32
CA PHE A 77 7.77 28.10 -24.44
C PHE A 77 7.97 27.05 -25.52
N GLY A 78 8.94 26.15 -25.35
CA GLY A 78 9.22 25.16 -26.37
C GLY A 78 10.03 25.70 -27.54
N ASN A 79 10.04 24.97 -28.65
CA ASN A 79 10.79 25.37 -29.84
C ASN A 79 10.14 26.49 -30.63
N GLU A 80 10.89 27.07 -31.57
CA GLU A 80 10.41 28.18 -32.39
C GLU A 80 9.23 27.81 -33.29
N GLN A 81 8.77 26.57 -33.22
CA GLN A 81 7.70 26.08 -34.08
C GLN A 81 6.38 25.85 -33.34
N ASP A 82 6.44 25.10 -32.23
CA ASP A 82 5.26 24.76 -31.45
C ASP A 82 4.75 25.91 -30.56
N MET A 83 5.43 27.06 -30.66
CA MET A 83 5.02 28.27 -29.95
C MET A 83 3.75 28.88 -30.54
N PRO A 84 3.11 29.81 -29.81
CA PRO A 84 2.05 30.61 -30.42
C PRO A 84 2.64 31.61 -31.41
N ALA A 85 1.85 32.00 -32.42
CA ALA A 85 2.33 32.85 -33.51
C ALA A 85 3.02 34.12 -33.02
N PHE A 86 2.27 34.98 -32.33
CA PHE A 86 2.77 36.26 -31.83
C PHE A 86 4.11 36.11 -31.10
N VAL A 104 16.36 36.37 -32.26
CA VAL A 104 15.20 37.13 -32.69
C VAL A 104 13.99 36.78 -31.82
N LEU A 105 14.09 35.65 -31.12
CA LEU A 105 13.15 35.34 -30.05
C LEU A 105 13.62 36.16 -28.85
N ASN A 106 14.93 36.21 -28.66
CA ASN A 106 15.55 37.02 -27.62
C ASN A 106 15.19 38.49 -27.79
N LYS A 107 15.19 38.98 -29.03
CA LYS A 107 14.93 40.40 -29.29
C LYS A 107 13.45 40.76 -29.17
N VAL A 108 12.58 39.87 -29.66
CA VAL A 108 11.13 40.11 -29.62
C VAL A 108 10.58 40.09 -28.20
N LEU A 109 11.06 39.17 -27.39
CA LEU A 109 10.59 39.07 -26.01
C LEU A 109 11.16 40.18 -25.13
N THR A 110 12.46 40.43 -25.25
CA THR A 110 13.13 41.41 -24.39
C THR A 110 12.48 42.77 -24.53
N SER A 111 12.42 43.29 -25.75
CA SER A 111 11.89 44.61 -26.01
C SER A 111 10.44 44.74 -25.54
N ASN A 112 9.63 43.72 -25.81
CA ASN A 112 8.24 43.74 -25.37
C ASN A 112 8.07 43.74 -23.85
N ILE A 113 8.74 42.81 -23.19
CA ILE A 113 8.59 42.68 -21.74
C ILE A 113 9.07 43.95 -21.04
N GLU A 114 10.21 44.47 -21.49
CA GLU A 114 10.73 45.72 -20.94
C GLU A 114 9.76 46.88 -21.20
N GLU A 115 9.17 46.90 -22.39
CA GLU A 115 8.18 47.92 -22.72
C GLU A 115 6.98 47.82 -21.78
N MET A 116 6.51 46.59 -21.53
CA MET A 116 5.38 46.41 -20.62
C MET A 116 5.71 46.90 -19.21
N ALA A 117 6.93 46.62 -18.74
CA ALA A 117 7.34 47.03 -17.40
C ALA A 117 7.42 48.55 -17.26
N ARG A 118 7.95 49.21 -18.28
CA ARG A 118 8.11 50.66 -18.25
C ARG A 118 6.79 51.41 -18.19
N GLN A 119 5.73 50.79 -18.71
CA GLN A 119 4.42 51.42 -18.72
C GLN A 119 3.87 51.67 -17.31
N PHE A 120 4.47 51.03 -16.31
CA PHE A 120 3.96 51.08 -14.94
C PHE A 120 4.85 51.88 -13.99
N ILE A 121 6.00 52.33 -14.47
CA ILE A 121 6.90 53.13 -13.63
C ILE A 121 7.11 54.51 -14.22
N VAL A 122 7.40 55.49 -13.37
CA VAL A 122 7.53 56.86 -13.86
C VAL A 122 9.00 57.25 -14.06
N GLY A 123 9.90 56.27 -13.93
CA GLY A 123 11.30 56.56 -14.14
C GLY A 123 12.21 55.59 -13.43
N GLU A 124 13.46 55.53 -13.88
CA GLU A 124 14.44 54.65 -13.28
C GLU A 124 15.41 55.44 -12.43
N THR A 125 15.42 56.76 -12.61
CA THR A 125 16.19 57.64 -11.75
C THR A 125 15.26 58.64 -11.09
N THR A 126 15.76 59.30 -10.05
CA THR A 126 15.00 60.33 -9.35
C THR A 126 14.69 61.51 -10.26
N LYS A 127 15.70 62.01 -10.96
CA LYS A 127 15.51 63.18 -11.83
C LYS A 127 14.48 62.89 -12.93
N GLU A 128 14.48 61.66 -13.43
CA GLU A 128 13.52 61.28 -14.46
C GLU A 128 12.11 61.19 -13.87
N ALA A 129 12.00 60.58 -12.69
CA ALA A 129 10.73 60.48 -11.99
C ALA A 129 10.16 61.87 -11.68
N VAL A 130 10.99 62.75 -11.12
CA VAL A 130 10.58 64.12 -10.84
C VAL A 130 10.16 64.87 -12.09
N LYS A 131 10.90 64.68 -13.18
CA LYS A 131 10.52 65.28 -14.47
C LYS A 131 9.18 64.74 -14.95
N ASN A 132 9.02 63.42 -14.92
CA ASN A 132 7.74 62.83 -15.29
C ASN A 132 6.58 63.20 -14.37
N LEU A 133 6.88 63.46 -13.10
CA LEU A 133 5.81 63.82 -12.16
C LEU A 133 5.27 65.22 -12.46
N GLU A 134 6.15 66.09 -12.92
CA GLU A 134 5.74 67.45 -13.29
C GLU A 134 4.90 67.43 -14.55
N LYS A 135 5.23 66.54 -15.48
CA LYS A 135 4.42 66.39 -16.69
C LYS A 135 3.02 65.91 -16.32
N LEU A 136 2.95 65.00 -15.35
CA LEU A 136 1.67 64.50 -14.86
C LEU A 136 0.82 65.60 -14.25
N ARG A 137 1.45 66.44 -13.43
CA ARG A 137 0.78 67.59 -12.84
C ARG A 137 0.16 68.49 -13.91
N LYS A 138 0.93 68.77 -14.95
CA LYS A 138 0.43 69.63 -16.03
C LYS A 138 -0.74 68.96 -16.77
N ASP A 139 -0.85 67.64 -16.65
CA ASP A 139 -2.01 66.94 -17.19
C ASP A 139 -3.15 66.85 -16.17
N GLY A 140 -2.95 67.46 -14.99
CA GLY A 140 -3.97 67.53 -13.97
C GLY A 140 -4.01 66.37 -12.99
N PHE A 141 -2.93 65.59 -12.93
CA PHE A 141 -2.88 64.45 -12.01
C PHE A 141 -1.96 64.69 -10.82
N ALA A 142 -2.46 64.46 -9.61
CA ALA A 142 -1.59 64.42 -8.45
C ALA A 142 -0.88 63.07 -8.46
N ALA A 143 0.10 62.89 -7.59
CA ALA A 143 0.77 61.60 -7.48
C ALA A 143 1.08 61.20 -6.04
N VAL A 144 1.32 59.90 -5.84
CA VAL A 144 1.98 59.43 -4.64
C VAL A 144 3.13 58.57 -5.12
N VAL A 145 4.34 58.88 -4.65
CA VAL A 145 5.54 58.23 -5.16
C VAL A 145 6.00 57.12 -4.25
N ASP A 146 6.34 55.98 -4.85
CA ASP A 146 6.79 54.82 -4.11
C ASP A 146 8.09 54.30 -4.72
N VAL A 147 9.01 53.85 -3.87
CA VAL A 147 10.32 53.44 -4.35
C VAL A 147 10.36 51.95 -4.61
N LEU A 148 10.63 51.57 -5.86
CA LEU A 148 10.77 50.15 -6.21
C LEU A 148 12.08 49.60 -5.63
N GLY A 149 12.05 48.35 -5.18
CA GLY A 149 13.27 47.71 -4.76
C GLY A 149 13.12 46.21 -4.58
N GLU A 150 14.25 45.51 -4.61
CA GLU A 150 14.28 44.12 -4.18
C GLU A 150 13.98 44.08 -2.69
N ALA A 151 13.56 42.93 -2.18
CA ALA A 151 13.29 42.82 -0.74
C ALA A 151 14.51 43.23 0.05
N THR A 152 14.30 43.87 1.19
CA THR A 152 15.36 44.27 2.09
C THR A 152 15.82 43.06 2.88
N LEU A 153 17.09 42.71 2.71
CA LEU A 153 17.65 41.54 3.40
C LEU A 153 18.76 41.96 4.35
N SER A 154 19.02 43.26 4.48
CA SER A 154 20.05 43.71 5.40
C SER A 154 19.84 45.13 5.90
N GLU A 155 20.60 45.51 6.92
CA GLU A 155 20.60 46.87 7.40
C GLU A 155 21.07 47.84 6.31
N GLU A 156 22.12 47.49 5.60
CA GLU A 156 22.63 48.36 4.53
C GLU A 156 21.55 48.57 3.46
N GLU A 157 20.82 47.51 3.12
CA GLU A 157 19.75 47.62 2.13
C GLU A 157 18.61 48.49 2.63
N ALA A 158 18.26 48.35 3.91
CA ALA A 158 17.24 49.20 4.51
C ALA A 158 17.69 50.67 4.47
N GLU A 159 18.98 50.90 4.69
CA GLU A 159 19.53 52.25 4.67
C GLU A 159 19.52 52.84 3.26
N VAL A 160 19.83 52.01 2.27
CA VAL A 160 19.75 52.45 0.89
C VAL A 160 18.33 52.85 0.52
N TYR A 161 17.37 51.99 0.89
CA TYR A 161 15.96 52.27 0.66
C TYR A 161 15.56 53.58 1.34
N THR A 162 15.97 53.75 2.59
CA THR A 162 15.62 54.96 3.35
C THR A 162 16.21 56.21 2.70
N ASN A 163 17.47 56.12 2.30
CA ASN A 163 18.16 57.24 1.68
C ASN A 163 17.58 57.62 0.32
N THR A 164 16.97 56.64 -0.35
CA THR A 164 16.36 56.95 -1.63
C THR A 164 15.16 57.87 -1.42
N TYR A 165 14.38 57.63 -0.37
CA TYR A 165 13.27 58.53 -0.07
C TYR A 165 13.79 59.91 0.31
N LEU A 166 14.82 59.96 1.14
CA LEU A 166 15.40 61.24 1.57
C LEU A 166 15.86 62.03 0.35
N GLU A 167 16.46 61.33 -0.60
CA GLU A 167 16.98 61.94 -1.82
C GLU A 167 15.84 62.44 -2.67
N LEU A 168 14.78 61.63 -2.76
CA LEU A 168 13.58 62.01 -3.50
C LEU A 168 12.97 63.26 -2.88
N LEU A 169 12.78 63.24 -1.56
CA LEU A 169 12.17 64.37 -0.87
C LEU A 169 13.00 65.63 -1.07
N GLU A 170 14.32 65.49 -1.10
CA GLU A 170 15.19 66.65 -1.28
C GLU A 170 15.00 67.24 -2.67
N ALA A 171 14.92 66.37 -3.67
CA ALA A 171 14.66 66.80 -5.03
C ALA A 171 13.31 67.53 -5.10
N LEU A 172 12.25 66.88 -4.63
CA LEU A 172 10.90 67.48 -4.63
C LEU A 172 10.85 68.78 -3.85
N LYS A 173 11.63 68.88 -2.78
CA LYS A 173 11.66 70.09 -1.96
C LYS A 173 12.06 71.31 -2.79
N LYS A 174 13.01 71.10 -3.70
CA LYS A 174 13.52 72.19 -4.53
C LYS A 174 12.59 72.56 -5.68
N GLU A 175 11.61 71.71 -5.97
CA GLU A 175 10.77 71.88 -7.16
C GLU A 175 9.36 72.35 -6.83
N GLN A 176 8.83 71.91 -5.69
CA GLN A 176 7.42 72.07 -5.40
C GLN A 176 6.98 73.53 -5.30
N GLY A 177 7.90 74.40 -4.90
CA GLY A 177 7.62 75.82 -4.79
C GLY A 177 7.21 76.45 -6.11
N SER A 178 7.65 75.86 -7.22
CA SER A 178 7.29 76.38 -8.54
C SER A 178 6.01 75.75 -9.09
N TRP A 179 5.45 74.79 -8.35
CA TRP A 179 4.23 74.12 -8.80
C TRP A 179 2.97 74.88 -8.43
N LYS A 180 2.14 75.15 -9.43
CA LYS A 180 0.81 75.67 -9.19
C LYS A 180 -0.03 74.51 -8.68
N GLY A 181 -0.89 74.76 -7.71
CA GLY A 181 -1.79 73.73 -7.23
C GLY A 181 -2.77 73.31 -8.32
N LEU A 182 -3.06 72.01 -8.40
CA LEU A 182 -4.13 71.53 -9.27
C LEU A 182 -5.42 72.27 -8.95
N PRO A 183 -6.20 72.61 -9.99
CA PRO A 183 -7.37 73.46 -9.84
C PRO A 183 -8.43 72.85 -8.93
N GLY A 184 -9.00 73.66 -8.05
CA GLY A 184 -10.04 73.23 -7.14
C GLY A 184 -11.13 74.27 -7.06
N LYS A 185 -12.16 73.96 -6.27
CA LYS A 185 -13.31 74.86 -6.14
C LYS A 185 -13.05 76.01 -5.16
N GLY A 186 -11.89 76.00 -4.51
CA GLY A 186 -11.55 77.04 -3.56
C GLY A 186 -10.45 76.62 -2.60
N GLY A 187 -10.10 77.51 -1.67
CA GLY A 187 -9.04 77.24 -0.73
C GLY A 187 -7.73 77.87 -1.16
N ASP A 188 -6.65 77.10 -1.03
CA ASP A 188 -5.31 77.61 -1.27
C ASP A 188 -4.82 77.20 -2.66
N PRO A 189 -4.62 78.18 -3.55
CA PRO A 189 -4.21 77.87 -4.92
C PRO A 189 -2.79 77.32 -5.02
N GLY A 190 -2.10 77.23 -3.90
CA GLY A 190 -0.80 76.57 -3.83
C GLY A 190 -0.90 75.13 -3.36
N LEU A 191 -2.10 74.71 -2.99
CA LEU A 191 -2.33 73.32 -2.60
C LEU A 191 -3.16 72.62 -3.66
N ASP A 192 -2.97 71.31 -3.83
CA ASP A 192 -3.77 70.61 -4.83
C ASP A 192 -5.27 70.59 -4.52
N TRP A 193 -6.06 71.08 -5.48
CA TRP A 193 -7.51 71.26 -5.35
C TRP A 193 -7.85 72.23 -4.21
N GLY A 194 -6.86 73.02 -3.84
CA GLY A 194 -7.02 74.00 -2.79
C GLY A 194 -6.79 73.47 -1.38
N HIS A 195 -6.43 72.18 -1.25
CA HIS A 195 -6.27 71.60 0.09
C HIS A 195 -5.19 70.52 0.24
N ALA A 196 -5.02 69.66 -0.76
CA ALA A 196 -4.03 68.58 -0.65
C ALA A 196 -2.57 69.03 -0.81
N PRO A 197 -1.70 68.54 0.07
CA PRO A 197 -0.25 68.75 -0.07
C PRO A 197 0.25 68.20 -1.41
N LYS A 198 1.16 68.92 -2.05
CA LYS A 198 1.64 68.58 -3.38
C LYS A 198 2.59 67.39 -3.35
N VAL A 199 3.34 67.26 -2.25
CA VAL A 199 4.25 66.15 -2.09
C VAL A 199 3.62 65.02 -1.27
N ASN A 200 3.53 63.85 -1.87
CA ASN A 200 2.86 62.71 -1.26
C ASN A 200 3.68 61.47 -1.58
N ILE A 201 4.17 60.78 -0.56
CA ILE A 201 4.96 59.58 -0.79
C ILE A 201 4.39 58.42 0.03
N ALA A 202 4.65 57.19 -0.43
CA ALA A 202 4.27 56.00 0.32
C ALA A 202 5.50 55.11 0.53
N VAL A 203 5.54 54.44 1.69
CA VAL A 203 6.70 53.63 2.07
C VAL A 203 6.22 52.24 2.49
N LYS A 204 7.02 51.22 2.16
CA LYS A 204 6.72 49.83 2.52
C LYS A 204 7.47 49.55 3.80
N PRO A 205 6.73 49.32 4.90
CA PRO A 205 7.29 49.20 6.24
C PRO A 205 8.33 48.10 6.42
N THR A 206 8.07 46.90 5.89
CA THR A 206 9.02 45.82 6.08
C THR A 206 10.29 46.05 5.27
N ALA A 207 10.21 46.94 4.27
CA ALA A 207 11.42 47.28 3.53
C ALA A 207 12.40 48.05 4.41
N LEU A 208 11.93 48.49 5.58
CA LEU A 208 12.80 49.22 6.51
C LEU A 208 13.48 48.29 7.53
N PHE A 209 13.18 47.00 7.50
CA PHE A 209 13.75 46.07 8.48
C PHE A 209 13.70 44.63 7.98
N CYS A 210 14.88 44.09 7.69
CA CYS A 210 14.98 42.80 7.03
C CYS A 210 14.53 41.63 7.91
N LEU A 211 14.43 41.85 9.21
CA LEU A 211 14.01 40.78 10.11
C LEU A 211 12.62 41.04 10.71
N ALA A 212 11.80 41.83 10.03
CA ALA A 212 10.45 42.11 10.51
C ALA A 212 9.66 40.82 10.70
N ASN A 213 9.19 40.59 11.93
CA ASN A 213 8.62 39.31 12.33
C ASN A 213 7.82 39.50 13.64
N PRO A 214 6.52 39.15 13.62
CA PRO A 214 5.73 39.33 14.84
C PRO A 214 6.19 38.46 16.01
N GLN A 215 6.98 37.42 15.75
CA GLN A 215 7.63 36.64 16.80
C GLN A 215 8.50 37.54 17.68
N ASP A 216 9.11 38.56 17.07
CA ASP A 216 9.76 39.63 17.83
C ASP A 216 9.02 40.93 17.51
N PHE A 217 7.79 41.02 18.02
CA PHE A 217 6.88 42.12 17.70
C PHE A 217 7.45 43.51 18.03
N GLU A 218 7.86 43.70 19.28
CA GLU A 218 8.36 45.01 19.71
C GLU A 218 9.62 45.42 18.95
N GLY A 219 10.53 44.47 18.76
CA GLY A 219 11.77 44.74 18.06
C GLY A 219 11.49 45.18 16.64
N SER A 220 10.51 44.54 16.01
CA SER A 220 10.16 44.86 14.63
C SER A 220 9.52 46.24 14.54
N VAL A 221 8.57 46.52 15.44
CA VAL A 221 7.90 47.81 15.46
C VAL A 221 8.92 48.94 15.59
N VAL A 222 9.81 48.81 16.57
CA VAL A 222 10.79 49.85 16.87
C VAL A 222 11.78 50.08 15.72
N ALA A 223 12.27 49.00 15.12
CA ALA A 223 13.25 49.14 14.05
C ALA A 223 12.63 49.78 12.81
N ILE A 224 11.41 49.35 12.48
CA ILE A 224 10.70 49.95 11.37
C ILE A 224 10.39 51.42 11.67
N LEU A 225 9.86 51.66 12.87
CA LEU A 225 9.48 53.00 13.31
C LEU A 225 10.64 53.98 13.31
N ASP A 226 11.83 53.51 13.66
CA ASP A 226 12.97 54.43 13.69
C ASP A 226 13.31 54.97 12.30
N ARG A 227 13.24 54.11 11.29
CA ARG A 227 13.51 54.56 9.93
C ARG A 227 12.34 55.37 9.40
N MET A 228 11.12 54.91 9.67
CA MET A 228 9.94 55.64 9.22
C MET A 228 9.91 57.06 9.76
N ARG A 229 10.33 57.22 11.01
CA ARG A 229 10.38 58.52 11.63
C ARG A 229 11.39 59.44 10.90
N ARG A 230 12.51 58.87 10.47
CA ARG A 230 13.51 59.64 9.75
C ARG A 230 12.94 60.18 8.44
N ILE A 231 12.17 59.34 7.75
CA ILE A 231 11.52 59.76 6.51
C ILE A 231 10.41 60.79 6.80
N PHE A 232 9.61 60.52 7.82
CA PHE A 232 8.49 61.38 8.18
C PHE A 232 8.95 62.81 8.51
N LYS A 233 10.09 62.92 9.20
CA LYS A 233 10.59 64.25 9.57
C LYS A 233 10.90 65.07 8.31
N LYS A 234 11.51 64.43 7.33
CA LYS A 234 11.81 65.10 6.07
C LYS A 234 10.51 65.46 5.35
N VAL A 235 9.54 64.55 5.37
CA VAL A 235 8.23 64.80 4.77
C VAL A 235 7.54 66.02 5.41
N MET A 236 7.63 66.13 6.73
CA MET A 236 7.04 67.26 7.43
C MET A 236 7.74 68.57 7.09
N GLU A 237 9.07 68.51 6.92
CA GLU A 237 9.86 69.69 6.57
C GLU A 237 9.31 70.40 5.34
N LEU A 238 8.77 69.64 4.39
CA LEU A 238 8.20 70.26 3.21
C LEU A 238 6.67 70.19 3.18
N ASN A 239 6.08 70.00 4.35
CA ASN A 239 4.62 69.92 4.50
C ASN A 239 3.97 68.94 3.52
N GLY A 240 4.57 67.74 3.42
CA GLY A 240 4.09 66.75 2.49
C GLY A 240 3.24 65.70 3.19
N PHE A 241 2.82 64.67 2.44
CA PHE A 241 2.01 63.59 2.99
C PHE A 241 2.80 62.30 2.96
N LEU A 242 2.76 61.54 4.05
CA LEU A 242 3.35 60.20 4.10
C LEU A 242 2.27 59.14 4.27
N CYS A 243 2.18 58.21 3.32
CA CYS A 243 1.25 57.09 3.47
C CYS A 243 2.04 55.83 3.78
N ILE A 244 1.61 55.11 4.80
CA ILE A 244 2.26 53.86 5.15
C ILE A 244 1.53 52.69 4.48
N ASP A 245 2.21 52.02 3.55
CA ASP A 245 1.61 50.93 2.81
C ASP A 245 1.31 49.74 3.72
N MET A 246 0.29 48.97 3.38
CA MET A 246 0.00 47.75 4.11
C MET A 246 0.46 46.55 3.29
N GLU A 247 1.20 45.66 3.94
CA GLU A 247 1.77 44.51 3.25
C GLU A 247 1.04 43.24 3.68
N SER A 248 1.76 42.12 3.83
CA SER A 248 1.09 40.82 4.07
C SER A 248 0.58 40.66 5.51
N TYR A 249 -0.39 39.76 5.68
CA TYR A 249 -1.08 39.61 6.97
C TYR A 249 -0.12 39.37 8.13
N ARG A 250 0.97 38.67 7.85
CA ARG A 250 2.05 38.45 8.81
C ARG A 250 2.53 39.73 9.51
N HIS A 251 2.49 40.85 8.80
CA HIS A 251 3.01 42.11 9.35
C HIS A 251 1.94 43.18 9.61
N LYS A 252 0.67 42.83 9.44
CA LYS A 252 -0.41 43.83 9.57
C LYS A 252 -0.45 44.50 10.95
N GLU A 253 -0.36 43.72 12.01
CA GLU A 253 -0.43 44.28 13.35
C GLU A 253 0.79 45.14 13.63
N ILE A 254 1.96 44.68 13.19
CA ILE A 254 3.18 45.46 13.34
C ILE A 254 3.02 46.80 12.65
N ILE A 255 2.48 46.78 11.44
CA ILE A 255 2.31 48.02 10.67
C ILE A 255 1.32 48.98 11.33
N LEU A 256 0.20 48.46 11.84
CA LEU A 256 -0.77 49.32 12.51
C LEU A 256 -0.15 50.03 13.71
N GLU A 257 0.69 49.31 14.43
CA GLU A 257 1.30 49.83 15.65
C GLU A 257 2.37 50.87 15.31
N VAL A 258 3.12 50.63 14.23
CA VAL A 258 4.05 51.65 13.72
C VAL A 258 3.29 52.95 13.39
N PHE A 259 2.16 52.81 12.69
CA PHE A 259 1.34 53.98 12.37
C PHE A 259 0.81 54.68 13.61
N ARG A 260 0.31 53.91 14.57
CA ARG A 260 -0.26 54.49 15.78
C ARG A 260 0.81 55.26 16.56
N ARG A 261 2.01 54.70 16.68
CA ARG A 261 3.07 55.33 17.46
C ARG A 261 3.55 56.63 16.83
N LEU A 262 3.75 56.60 15.51
CA LEU A 262 4.26 57.77 14.80
C LEU A 262 3.21 58.88 14.82
N LYS A 263 1.95 58.50 14.68
CA LYS A 263 0.85 59.47 14.72
C LYS A 263 0.85 60.27 16.01
N LEU A 264 0.96 59.54 17.12
CA LEU A 264 0.94 60.15 18.44
C LEU A 264 2.20 60.94 18.74
N GLU A 265 3.33 60.54 18.14
CA GLU A 265 4.55 61.35 18.26
C GLU A 265 4.39 62.71 17.60
N TYR A 266 3.51 62.80 16.61
CA TYR A 266 3.25 64.05 15.90
C TYR A 266 1.76 64.27 15.79
N ARG A 267 1.09 64.33 16.94
CA ARG A 267 -0.36 64.30 17.02
C ARG A 267 -1.02 65.43 16.23
N ASP A 268 -0.28 66.51 16.00
CA ASP A 268 -0.83 67.68 15.35
C ASP A 268 -0.59 67.71 13.84
N TYR A 269 0.23 66.80 13.33
CA TYR A 269 0.49 66.75 11.89
C TYR A 269 -0.53 65.87 11.17
N PRO A 270 -1.34 66.50 10.30
CA PRO A 270 -2.51 65.86 9.70
C PRO A 270 -2.20 64.94 8.53
N HIS A 271 -1.03 65.09 7.92
CA HIS A 271 -0.76 64.42 6.65
C HIS A 271 -0.03 63.08 6.78
N LEU A 272 -0.61 62.19 7.59
CA LEU A 272 -0.07 60.85 7.75
C LEU A 272 -1.20 59.85 7.49
N GLY A 273 -0.92 58.87 6.63
CA GLY A 273 -1.95 57.93 6.21
C GLY A 273 -1.56 56.48 6.38
N ILE A 274 -2.57 55.62 6.50
CA ILE A 274 -2.34 54.20 6.63
C ILE A 274 -3.22 53.48 5.62
N VAL A 275 -2.76 52.33 5.14
CA VAL A 275 -3.56 51.53 4.23
C VAL A 275 -4.30 50.44 5.00
N LEU A 276 -5.56 50.20 4.63
CA LEU A 276 -6.32 49.09 5.17
C LEU A 276 -6.87 48.28 3.99
N GLN A 277 -6.97 46.97 4.17
CA GLN A 277 -7.32 46.03 3.13
C GLN A 277 -8.70 45.41 3.36
N ALA A 278 -9.63 45.74 2.48
CA ALA A 278 -11.01 45.27 2.58
C ALA A 278 -11.16 43.75 2.42
N TYR A 279 -10.15 43.09 1.88
CA TYR A 279 -10.27 41.65 1.72
C TYR A 279 -10.02 40.88 3.02
N LEU A 280 -9.58 41.58 4.07
CA LEU A 280 -9.34 40.95 5.37
C LEU A 280 -10.61 40.83 6.21
N LYS A 281 -10.91 39.62 6.66
CA LYS A 281 -12.02 39.44 7.59
C LYS A 281 -11.85 40.36 8.81
N ASP A 282 -10.60 40.53 9.25
CA ASP A 282 -10.26 41.43 10.37
C ASP A 282 -10.62 42.90 10.13
N ASN A 283 -10.78 43.32 8.88
CA ASN A 283 -10.79 44.75 8.59
C ASN A 283 -11.96 45.54 9.17
N ASP A 284 -13.13 44.92 9.27
CA ASP A 284 -14.27 45.61 9.84
C ASP A 284 -13.90 46.05 11.26
N LYS A 285 -13.38 45.12 12.04
CA LYS A 285 -12.90 45.42 13.39
C LYS A 285 -11.70 46.37 13.39
N ASP A 286 -10.75 46.16 12.48
CA ASP A 286 -9.54 47.00 12.47
C ASP A 286 -9.89 48.45 12.19
N LEU A 287 -10.81 48.65 11.25
CA LEU A 287 -11.26 50.00 10.94
C LEU A 287 -12.04 50.61 12.13
N ASP A 288 -12.94 49.83 12.72
CA ASP A 288 -13.69 50.29 13.90
C ASP A 288 -12.73 50.68 15.03
N ASP A 289 -11.76 49.81 15.31
CA ASP A 289 -10.78 50.06 16.37
C ASP A 289 -9.98 51.33 16.09
N LEU A 290 -9.55 51.49 14.83
CA LEU A 290 -8.69 52.61 14.46
C LEU A 290 -9.45 53.92 14.60
N LEU A 291 -10.68 53.96 14.09
CA LEU A 291 -11.53 55.13 14.27
C LEU A 291 -11.76 55.45 15.75
N ALA A 292 -12.02 54.43 16.56
CA ALA A 292 -12.22 54.64 17.99
C ALA A 292 -10.94 55.15 18.66
N TRP A 293 -9.80 54.56 18.27
CA TRP A 293 -8.50 54.99 18.75
C TRP A 293 -8.23 56.45 18.44
N ALA A 294 -8.55 56.89 17.23
CA ALA A 294 -8.31 58.27 16.84
C ALA A 294 -9.16 59.23 17.67
N LYS A 295 -10.41 58.83 17.89
CA LYS A 295 -11.35 59.61 18.72
C LYS A 295 -10.85 59.69 20.15
N GLU A 296 -10.46 58.54 20.70
CA GLU A 296 -9.94 58.48 22.06
C GLU A 296 -8.76 59.43 22.23
N HIS A 297 -7.83 59.43 21.26
CA HIS A 297 -6.64 60.28 21.33
C HIS A 297 -6.83 61.66 20.72
N LYS A 298 -8.05 61.92 20.24
CA LYS A 298 -8.36 63.21 19.65
C LYS A 298 -7.39 63.64 18.55
N VAL A 299 -7.02 62.69 17.70
CA VAL A 299 -6.23 62.98 16.52
C VAL A 299 -7.08 62.76 15.27
N GLN A 300 -6.58 63.20 14.12
CA GLN A 300 -7.20 62.84 12.86
C GLN A 300 -6.31 61.84 12.14
N ILE A 301 -6.88 61.08 11.22
CA ILE A 301 -6.10 60.11 10.45
C ILE A 301 -6.48 60.16 8.98
N SER A 302 -5.71 59.45 8.16
CA SER A 302 -6.10 59.24 6.78
C SER A 302 -5.98 57.76 6.45
N VAL A 303 -6.98 57.23 5.76
CA VAL A 303 -6.93 55.83 5.35
C VAL A 303 -7.00 55.70 3.84
N ARG A 304 -6.05 54.97 3.27
CA ARG A 304 -6.22 54.53 1.89
C ARG A 304 -6.81 53.12 1.95
N LEU A 305 -8.08 52.99 1.55
CA LEU A 305 -8.71 51.67 1.54
C LEU A 305 -8.46 50.98 0.19
N VAL A 306 -7.84 49.81 0.26
CA VAL A 306 -7.62 48.97 -0.90
C VAL A 306 -8.34 47.66 -0.66
N LYS A 307 -8.57 46.89 -1.70
CA LYS A 307 -9.12 45.56 -1.51
C LYS A 307 -8.06 44.61 -0.96
N GLY A 308 -6.86 44.61 -1.55
CA GLY A 308 -5.76 43.80 -1.06
C GLY A 308 -4.94 43.15 -2.16
N ALA A 309 -3.62 43.17 -2.00
CA ALA A 309 -2.72 42.72 -3.06
C ALA A 309 -2.22 41.28 -2.95
N TYR A 310 -2.42 40.63 -1.81
CA TYR A 310 -1.79 39.33 -1.54
C TYR A 310 -2.78 38.17 -1.45
N TRP A 311 -3.84 38.19 -2.25
CA TRP A 311 -4.94 37.25 -2.02
C TRP A 311 -4.51 35.78 -2.10
N ASP A 312 -3.91 35.41 -3.22
CA ASP A 312 -3.47 34.02 -3.42
C ASP A 312 -2.46 33.60 -2.36
N TYR A 313 -1.57 34.51 -2.00
CA TYR A 313 -0.53 34.22 -1.04
C TYR A 313 -1.10 33.94 0.35
N GLU A 314 -2.07 34.76 0.80
CA GLU A 314 -2.63 34.57 2.14
C GLU A 314 -3.42 33.28 2.22
N THR A 315 -4.17 32.98 1.17
CA THR A 315 -4.95 31.75 1.14
C THR A 315 -4.02 30.55 1.26
N VAL A 316 -3.00 30.52 0.40
CA VAL A 316 -2.02 29.43 0.41
C VAL A 316 -1.31 29.33 1.75
N LYS A 317 -0.83 30.47 2.25
CA LYS A 317 -0.03 30.47 3.47
C LYS A 317 -0.84 29.91 4.62
N ALA A 318 -2.08 30.36 4.74
CA ALA A 318 -2.94 29.92 5.84
C ALA A 318 -3.22 28.43 5.75
N LYS A 319 -3.52 27.96 4.54
CA LYS A 319 -3.83 26.54 4.33
C LYS A 319 -2.59 25.66 4.56
N GLN A 320 -1.40 26.22 4.35
CA GLN A 320 -0.17 25.48 4.59
C GLN A 320 0.14 25.31 6.08
N ASN A 321 -0.42 26.18 6.91
CA ASN A 321 -0.11 26.14 8.33
C ASN A 321 -1.32 25.86 9.17
N ASP A 322 -2.39 25.45 8.51
CA ASP A 322 -3.64 25.10 9.16
C ASP A 322 -4.16 26.26 10.03
N TRP A 323 -3.93 27.47 9.52
CA TRP A 323 -4.48 28.70 10.09
C TRP A 323 -5.80 29.05 9.41
N GLU A 324 -6.65 29.80 10.11
CA GLU A 324 -7.84 30.35 9.48
C GLU A 324 -7.43 31.31 8.35
N VAL A 325 -7.98 31.10 7.16
CA VAL A 325 -7.73 31.97 6.01
C VAL A 325 -8.19 33.40 6.36
N PRO A 326 -7.25 34.36 6.35
CA PRO A 326 -7.59 35.72 6.83
C PRO A 326 -8.36 36.57 5.81
N VAL A 327 -8.44 36.12 4.56
CA VAL A 327 -9.14 36.87 3.53
C VAL A 327 -10.48 36.24 3.19
N TRP A 328 -11.44 37.07 2.76
CA TRP A 328 -12.65 36.56 2.13
C TRP A 328 -12.21 35.76 0.91
N THR A 329 -12.96 34.73 0.57
CA THR A 329 -12.59 33.89 -0.58
C THR A 329 -13.58 33.93 -1.74
N ILE A 330 -14.70 34.63 -1.56
CA ILE A 330 -15.56 34.96 -2.69
C ILE A 330 -15.24 36.40 -3.03
N LYS A 331 -14.86 36.65 -4.29
CA LYS A 331 -14.43 38.00 -4.69
C LYS A 331 -15.45 39.12 -4.38
N ALA A 332 -16.73 38.88 -4.63
CA ALA A 332 -17.77 39.84 -4.27
C ALA A 332 -17.80 40.20 -2.79
N GLU A 333 -17.35 39.29 -1.92
CA GLU A 333 -17.26 39.60 -0.49
C GLU A 333 -16.26 40.73 -0.21
N SER A 334 -15.17 40.78 -0.98
CA SER A 334 -14.22 41.88 -0.88
C SER A 334 -14.81 43.20 -1.38
N ASP A 335 -15.50 43.14 -2.52
CA ASP A 335 -16.21 44.31 -3.04
C ASP A 335 -17.24 44.84 -2.04
N ALA A 336 -18.04 43.93 -1.47
CA ALA A 336 -19.09 44.32 -0.52
C ALA A 336 -18.44 44.90 0.73
N ALA A 337 -17.34 44.29 1.17
CA ALA A 337 -16.62 44.79 2.32
C ALA A 337 -16.09 46.21 2.06
N TYR A 338 -15.57 46.43 0.85
CA TYR A 338 -15.06 47.75 0.45
C TYR A 338 -16.13 48.82 0.54
N GLU A 339 -17.28 48.58 -0.08
CA GLU A 339 -18.34 49.57 -0.11
C GLU A 339 -18.85 49.83 1.31
N ARG A 340 -18.89 48.77 2.12
CA ARG A 340 -19.26 48.84 3.53
C ARG A 340 -18.26 49.67 4.35
N GLN A 341 -16.98 49.38 4.18
CA GLN A 341 -15.96 50.09 4.95
C GLN A 341 -15.72 51.53 4.46
N ALA A 342 -15.90 51.75 3.16
CA ALA A 342 -15.84 53.10 2.62
C ALA A 342 -16.95 53.96 3.23
N ARG A 343 -18.15 53.41 3.33
CA ARG A 343 -19.25 54.13 3.96
C ARG A 343 -18.89 54.50 5.40
N LYS A 344 -18.26 53.58 6.12
CA LYS A 344 -17.92 53.82 7.51
C LYS A 344 -16.93 54.99 7.65
N ILE A 345 -15.93 55.01 6.76
CA ILE A 345 -14.96 56.10 6.75
C ILE A 345 -15.62 57.42 6.41
N LEU A 346 -16.43 57.43 5.36
CA LEU A 346 -17.14 58.63 4.93
C LEU A 346 -18.06 59.18 6.02
N GLU A 347 -18.71 58.28 6.75
CA GLU A 347 -19.57 58.66 7.87
C GLU A 347 -18.70 59.40 8.89
N ASN A 348 -17.44 58.96 8.99
CA ASN A 348 -16.48 59.52 9.92
C ASN A 348 -15.54 60.56 9.31
N HIS A 349 -16.00 61.28 8.30
CA HIS A 349 -15.11 62.15 7.53
C HIS A 349 -14.47 63.28 8.35
N GLN A 350 -15.12 63.69 9.44
CA GLN A 350 -14.59 64.75 10.29
C GLN A 350 -13.23 64.39 10.88
N ILE A 351 -13.02 63.11 11.19
CA ILE A 351 -11.76 62.67 11.77
C ILE A 351 -10.91 61.84 10.79
N CYS A 352 -11.55 61.29 9.75
CA CYS A 352 -10.83 60.38 8.87
C CYS A 352 -10.91 60.80 7.40
N HIS A 353 -9.78 61.28 6.89
CA HIS A 353 -9.63 61.58 5.47
C HIS A 353 -9.59 60.27 4.68
N PHE A 354 -10.21 60.26 3.50
CA PHE A 354 -10.36 59.03 2.71
C PHE A 354 -9.66 59.06 1.35
N ALA A 355 -8.89 58.01 1.04
CA ALA A 355 -8.43 57.83 -0.33
C ALA A 355 -9.00 56.51 -0.87
N CYS A 356 -9.89 56.64 -1.84
CA CYS A 356 -10.44 55.49 -2.54
C CYS A 356 -9.40 54.98 -3.52
N ALA A 357 -8.95 53.74 -3.34
CA ALA A 357 -7.92 53.19 -4.20
C ALA A 357 -8.43 51.94 -4.91
N SER A 358 -9.12 52.15 -6.03
CA SER A 358 -9.70 51.05 -6.79
C SER A 358 -9.81 51.43 -8.26
N HIS A 359 -9.75 50.44 -9.14
CA HIS A 359 -9.92 50.68 -10.57
C HIS A 359 -11.29 50.18 -11.00
N ASN A 360 -12.06 49.70 -10.02
CA ASN A 360 -13.38 49.16 -10.25
C ASN A 360 -14.43 50.26 -10.33
N ILE A 361 -15.07 50.40 -11.49
CA ILE A 361 -16.05 51.47 -11.74
C ILE A 361 -17.27 51.41 -10.81
N ARG A 362 -17.74 50.20 -10.51
CA ARG A 362 -18.79 50.01 -9.51
C ARG A 362 -18.34 50.57 -8.14
N THR A 363 -17.18 50.12 -7.69
CA THR A 363 -16.62 50.56 -6.42
C THR A 363 -16.45 52.08 -6.37
N ILE A 364 -15.88 52.65 -7.42
CA ILE A 364 -15.71 54.09 -7.49
C ILE A 364 -17.06 54.80 -7.48
N SER A 365 -17.99 54.33 -8.30
CA SER A 365 -19.31 54.95 -8.39
C SER A 365 -20.09 54.86 -7.07
N ALA A 366 -19.86 53.78 -6.32
CA ALA A 366 -20.47 53.62 -5.01
C ALA A 366 -19.95 54.68 -4.03
N VAL A 367 -18.63 54.86 -4.02
CA VAL A 367 -18.00 55.85 -3.15
C VAL A 367 -18.51 57.25 -3.46
N MET A 368 -18.64 57.57 -4.75
CA MET A 368 -19.08 58.91 -5.15
C MET A 368 -20.50 59.22 -4.70
N GLU A 369 -21.42 58.29 -4.91
CA GLU A 369 -22.80 58.50 -4.48
C GLU A 369 -22.97 58.45 -2.96
N MET A 370 -22.16 57.65 -2.29
CA MET A 370 -22.19 57.58 -0.84
C MET A 370 -21.71 58.89 -0.21
N ALA A 371 -20.63 59.45 -0.75
CA ALA A 371 -20.13 60.76 -0.33
C ALA A 371 -21.20 61.84 -0.56
N ARG A 372 -21.95 61.71 -1.65
CA ARG A 372 -23.04 62.62 -1.94
C ARG A 372 -24.19 62.44 -0.95
N GLU A 373 -24.57 61.19 -0.70
CA GLU A 373 -25.64 60.88 0.25
C GLU A 373 -25.34 61.46 1.63
N LEU A 374 -24.09 61.36 2.07
CA LEU A 374 -23.68 61.77 3.41
C LEU A 374 -23.14 63.19 3.44
N ASN A 375 -23.19 63.87 2.30
CA ASN A 375 -22.75 65.26 2.20
C ASN A 375 -21.33 65.52 2.70
N VAL A 376 -20.39 64.69 2.26
CA VAL A 376 -19.00 64.79 2.67
C VAL A 376 -18.30 65.86 1.85
N PRO A 377 -17.55 66.76 2.51
CA PRO A 377 -16.80 67.81 1.78
C PRO A 377 -15.68 67.21 0.95
N GLU A 378 -15.40 67.81 -0.20
CA GLU A 378 -14.48 67.22 -1.17
C GLU A 378 -13.06 67.11 -0.65
N ASP A 379 -12.70 67.98 0.29
CA ASP A 379 -11.36 67.94 0.86
C ASP A 379 -11.18 66.76 1.80
N ARG A 380 -12.21 65.93 1.95
CA ARG A 380 -12.14 64.77 2.83
C ARG A 380 -12.01 63.44 2.09
N TYR A 381 -12.11 63.49 0.75
CA TYR A 381 -11.88 62.28 -0.04
C TYR A 381 -11.34 62.55 -1.46
N GLU A 382 -10.46 61.65 -1.90
CA GLU A 382 -9.86 61.69 -3.23
C GLU A 382 -9.83 60.27 -3.79
N PHE A 383 -9.48 60.15 -5.07
CA PHE A 383 -9.43 58.85 -5.73
C PHE A 383 -8.01 58.53 -6.21
N GLN A 384 -7.59 57.28 -6.04
CA GLN A 384 -6.24 56.89 -6.39
C GLN A 384 -6.27 55.67 -7.29
N VAL A 385 -5.42 55.69 -8.32
CA VAL A 385 -5.24 54.55 -9.22
C VAL A 385 -3.75 54.36 -9.52
N LEU A 386 -3.39 53.16 -9.96
CA LEU A 386 -2.01 52.87 -10.29
C LEU A 386 -1.69 53.49 -11.65
N TYR A 387 -0.56 54.19 -11.73
CA TYR A 387 0.01 54.64 -13.00
C TYR A 387 0.09 53.49 -14.01
N GLY A 388 -0.34 53.73 -15.25
CA GLY A 388 -0.30 52.68 -16.26
C GLY A 388 -1.60 51.89 -16.39
N MET A 389 -2.56 52.18 -15.53
CA MET A 389 -3.84 51.46 -15.55
C MET A 389 -5.02 52.42 -15.52
N VAL A 393 -7.04 54.54 -19.08
CA VAL A 393 -8.36 55.18 -19.07
C VAL A 393 -8.48 56.08 -17.85
N ARG A 394 -7.35 56.65 -17.41
CA ARG A 394 -7.32 57.49 -16.22
C ARG A 394 -8.10 58.79 -16.43
N LYS A 395 -7.96 59.37 -17.61
CA LYS A 395 -8.64 60.63 -17.96
C LYS A 395 -10.15 60.56 -17.70
N GLY A 396 -10.79 59.52 -18.20
CA GLY A 396 -12.22 59.33 -17.99
C GLY A 396 -12.62 59.37 -16.52
N ILE A 397 -11.75 58.87 -15.66
CA ILE A 397 -11.98 58.88 -14.22
C ILE A 397 -11.84 60.31 -13.69
N LEU A 398 -10.79 60.99 -14.16
CA LEU A 398 -10.48 62.36 -13.79
C LEU A 398 -11.58 63.35 -14.15
N LYS A 399 -12.31 63.07 -15.24
CA LYS A 399 -13.36 63.97 -15.70
C LYS A 399 -14.58 63.96 -14.77
N VAL A 400 -14.99 62.77 -14.36
CA VAL A 400 -16.15 62.63 -13.48
C VAL A 400 -15.81 62.98 -12.04
N ALA A 401 -14.73 62.41 -11.53
CA ALA A 401 -14.30 62.62 -10.14
C ALA A 401 -13.62 63.97 -9.96
N GLY A 402 -12.51 64.20 -10.66
CA GLY A 402 -11.81 65.46 -10.57
C GLY A 402 -10.56 65.40 -9.72
N ARG A 403 -10.63 64.68 -8.62
CA ARG A 403 -9.47 64.59 -7.72
C ARG A 403 -8.86 63.19 -7.76
N ILE A 404 -7.87 63.05 -8.64
CA ILE A 404 -7.26 61.77 -8.96
C ILE A 404 -5.76 61.87 -8.69
N ARG A 405 -5.24 60.87 -7.98
CA ARG A 405 -3.83 60.79 -7.65
C ARG A 405 -3.25 59.47 -8.18
N LEU A 406 -2.19 59.55 -8.97
CA LEU A 406 -1.60 58.36 -9.54
C LEU A 406 -0.53 57.79 -8.63
N TYR A 407 -0.66 56.50 -8.32
CA TYR A 407 0.39 55.78 -7.62
C TYR A 407 1.58 55.53 -8.56
N ALA A 408 2.72 56.15 -8.26
CA ALA A 408 3.80 56.24 -9.25
C ALA A 408 5.10 55.62 -8.74
N PRO A 409 5.33 54.35 -9.09
CA PRO A 409 6.58 53.76 -8.61
C PRO A 409 7.76 54.14 -9.51
N TYR A 410 8.94 54.22 -8.92
CA TYR A 410 10.12 54.43 -9.73
C TYR A 410 11.30 53.67 -9.12
N GLY A 411 12.33 53.45 -9.92
CA GLY A 411 13.47 52.69 -9.47
C GLY A 411 13.94 51.68 -10.50
N ASN A 412 14.49 50.58 -10.01
CA ASN A 412 15.21 49.64 -10.86
C ASN A 412 14.28 48.70 -11.63
N MET A 413 14.72 48.31 -12.82
CA MET A 413 13.94 47.41 -13.67
C MET A 413 13.80 46.00 -13.09
N VAL A 414 14.75 45.57 -12.25
CA VAL A 414 14.64 44.25 -11.62
C VAL A 414 13.36 44.13 -10.77
N PRO A 415 13.20 45.00 -9.75
CA PRO A 415 11.91 44.94 -9.04
C PRO A 415 10.75 45.44 -9.88
N GLY A 416 11.04 46.23 -10.91
CA GLY A 416 10.01 46.66 -11.84
C GLY A 416 9.40 45.48 -12.57
N MET A 417 10.21 44.45 -12.80
CA MET A 417 9.75 43.23 -13.47
C MET A 417 8.80 42.44 -12.59
N GLY A 418 9.10 42.37 -11.29
CA GLY A 418 8.23 41.67 -10.36
C GLY A 418 6.92 42.41 -10.19
N TYR A 419 7.00 43.74 -10.24
CA TYR A 419 5.82 44.60 -10.14
C TYR A 419 4.94 44.40 -11.37
N LEU A 420 5.56 44.32 -12.54
CA LEU A 420 4.85 44.02 -13.77
C LEU A 420 4.05 42.71 -13.67
N VAL A 421 4.68 41.67 -13.13
CA VAL A 421 4.04 40.37 -12.98
C VAL A 421 2.73 40.52 -12.20
N ARG A 422 2.80 41.30 -11.11
CA ARG A 422 1.63 41.62 -10.31
C ARG A 422 0.53 42.25 -11.14
N ARG A 423 0.89 43.22 -11.98
CA ARG A 423 -0.10 43.93 -12.79
C ARG A 423 -0.73 43.01 -13.83
N LEU A 424 0.06 42.08 -14.34
CA LEU A 424 -0.41 41.15 -15.35
C LEU A 424 -1.44 40.21 -14.71
N LEU A 425 -1.07 39.68 -13.54
CA LEU A 425 -1.95 38.83 -12.75
C LEU A 425 -3.24 39.55 -12.38
N GLU A 426 -3.11 40.75 -11.83
CA GLU A 426 -4.25 41.57 -11.44
C GLU A 426 -5.23 41.78 -12.59
N ASN A 427 -4.73 42.14 -13.76
CA ASN A 427 -5.57 42.47 -14.91
C ASN A 427 -6.19 41.29 -15.65
N THR A 428 -5.60 40.11 -15.48
CA THR A 428 -6.04 38.93 -16.23
C THR A 428 -6.70 37.86 -15.35
N ALA A 429 -6.96 38.20 -14.09
CA ALA A 429 -7.68 37.29 -13.19
C ALA A 429 -9.10 37.08 -13.68
N ASN A 430 -9.63 35.88 -13.50
CA ASN A 430 -11.02 35.60 -13.87
C ASN A 430 -12.00 36.56 -13.19
N GLU A 431 -11.72 36.88 -11.93
CA GLU A 431 -12.59 37.75 -11.13
C GLU A 431 -12.27 39.25 -11.26
N SER A 432 -11.24 39.59 -12.02
CA SER A 432 -10.87 40.98 -12.26
C SER A 432 -12.00 41.76 -12.94
N PHE A 433 -12.42 42.84 -12.29
CA PHE A 433 -13.45 43.74 -12.84
C PHE A 433 -13.00 44.30 -14.20
N LEU A 434 -11.70 44.51 -14.34
CA LEU A 434 -11.17 45.02 -15.61
C LEU A 434 -11.28 43.99 -16.74
N ARG A 435 -10.81 42.76 -16.50
CA ARG A 435 -10.95 41.69 -17.49
C ARG A 435 -12.40 41.49 -17.94
N GLN A 436 -13.32 41.50 -16.97
CA GLN A 436 -14.74 41.33 -17.26
C GLN A 436 -15.31 42.45 -18.12
N SER A 437 -14.82 43.67 -17.89
CA SER A 437 -15.36 44.86 -18.56
C SER A 437 -14.98 44.96 -20.05
N PHE A 438 -13.85 44.37 -20.41
CA PHE A 438 -13.35 44.47 -21.77
C PHE A 438 -13.22 43.11 -22.44
N ALA A 439 -12.24 42.34 -21.98
CA ALA A 439 -11.92 41.01 -22.54
C ALA A 439 -13.12 40.07 -22.67
N GLU A 440 -14.10 40.21 -21.78
CA GLU A 440 -15.28 39.34 -21.80
C GLU A 440 -16.52 39.98 -22.44
N ASP A 441 -16.53 41.32 -22.52
CA ASP A 441 -17.71 42.06 -22.96
C ASP A 441 -18.96 41.61 -22.18
N ALA A 442 -18.98 41.96 -20.89
CA ALA A 442 -20.04 41.51 -19.99
C ALA A 442 -21.22 42.48 -20.01
N GLN A 443 -22.37 42.01 -19.53
CA GLN A 443 -23.54 42.88 -19.40
C GLN A 443 -23.24 43.90 -18.30
N ILE A 444 -23.48 45.17 -18.61
CA ILE A 444 -23.14 46.24 -17.68
C ILE A 444 -23.99 46.14 -16.41
N GLU A 445 -25.16 45.53 -16.55
CA GLU A 445 -26.05 45.31 -15.42
C GLU A 445 -25.41 44.40 -14.37
N ARG A 446 -24.74 43.35 -14.81
CA ARG A 446 -24.06 42.44 -13.89
C ARG A 446 -22.80 43.08 -13.30
N LEU A 447 -22.19 44.00 -14.05
CA LEU A 447 -20.96 44.65 -13.61
C LEU A 447 -21.22 45.66 -12.50
N LEU A 448 -22.31 46.41 -12.65
CA LEU A 448 -22.62 47.49 -11.72
C LEU A 448 -23.58 47.01 -10.64
N GLU A 449 -23.72 45.70 -10.52
CA GLU A 449 -24.56 45.07 -9.50
C GLU A 449 -24.05 45.38 -8.08
N ASP A 450 -24.97 45.57 -7.15
CA ASP A 450 -24.59 45.69 -5.75
C ASP A 450 -23.94 44.36 -5.37
N PRO A 451 -22.65 44.42 -4.97
CA PRO A 451 -21.89 43.20 -4.69
C PRO A 451 -22.46 42.40 -3.52
N ALA A 452 -23.26 43.05 -2.68
CA ALA A 452 -23.97 42.36 -1.60
C ALA A 452 -24.93 41.35 -2.17
N VAL A 453 -25.56 41.69 -3.30
CA VAL A 453 -26.47 40.78 -4.00
C VAL A 453 -25.66 39.65 -4.63
N THR A 454 -24.55 40.01 -5.27
CA THR A 454 -23.63 39.03 -5.82
C THR A 454 -23.17 38.06 -4.74
N VAL A 455 -22.84 38.61 -3.56
CA VAL A 455 -22.40 37.79 -2.44
C VAL A 455 -23.40 36.68 -2.13
N GLU A 456 -24.64 37.07 -1.88
CA GLU A 456 -25.68 36.12 -1.51
C GLU A 456 -25.89 35.06 -2.58
N ARG A 457 -25.81 35.46 -3.84
CA ARG A 457 -25.96 34.51 -4.93
C ARG A 457 -24.80 33.51 -4.91
N GLU A 458 -23.58 34.04 -4.79
CA GLU A 458 -22.38 33.20 -4.77
C GLU A 458 -22.37 32.25 -3.59
N ARG A 459 -22.87 32.71 -2.45
CA ARG A 459 -22.92 31.88 -1.26
C ARG A 459 -23.92 30.74 -1.45
N ALA A 460 -25.08 31.09 -2.00
CA ALA A 460 -26.13 30.11 -2.30
C ALA A 460 -25.60 29.01 -3.21
N ALA A 461 -24.88 29.41 -4.25
CA ALA A 461 -24.27 28.48 -5.20
C ALA A 461 -23.27 27.50 -4.55
N ARG A 462 -23.02 27.66 -3.25
CA ARG A 462 -22.15 26.77 -2.51
C ARG A 462 -22.83 26.28 -1.23
N LYS A 471 -12.50 13.53 3.32
CA LYS A 471 -13.32 12.41 3.80
C LYS A 471 -12.52 11.45 4.68
N GLY A 472 -12.88 11.41 5.97
CA GLY A 472 -12.20 10.55 6.93
C GLY A 472 -12.74 9.13 6.96
N LEU A 473 -12.14 8.28 7.79
CA LEU A 473 -12.54 6.87 7.87
C LEU A 473 -12.68 6.36 9.31
N GLY A 474 -13.57 5.39 9.50
CA GLY A 474 -13.81 4.83 10.81
C GLY A 474 -14.47 5.84 11.72
N GLY A 475 -15.10 6.85 11.13
CA GLY A 475 -15.77 7.90 11.88
C GLY A 475 -14.84 9.01 12.36
N LEU A 476 -13.54 8.86 12.09
CA LEU A 476 -12.56 9.87 12.48
C LEU A 476 -12.40 10.90 11.37
N PRO A 477 -12.17 12.17 11.75
CA PRO A 477 -11.83 13.22 10.77
C PRO A 477 -10.61 12.80 9.95
N PRO A 478 -10.48 13.29 8.72
CA PRO A 478 -9.25 12.97 7.99
C PRO A 478 -8.07 13.62 8.71
N PHE A 479 -6.86 13.11 8.48
CA PHE A 479 -5.68 13.70 9.07
C PHE A 479 -5.46 15.12 8.55
N ASN A 480 -5.05 16.00 9.44
CA ASN A 480 -4.62 17.34 9.10
C ASN A 480 -3.57 17.73 10.09
N ASN A 481 -2.47 18.34 9.62
CA ASN A 481 -1.40 18.76 10.51
C ASN A 481 -1.87 19.78 11.53
N GLU A 482 -1.37 19.67 12.76
CA GLU A 482 -1.76 20.59 13.83
C GLU A 482 -1.34 22.02 13.45
N ALA A 483 -2.20 23.00 13.76
CA ALA A 483 -1.91 24.40 13.46
C ALA A 483 -0.60 24.88 14.07
N MET A 484 0.20 25.57 13.27
CA MET A 484 1.46 26.11 13.73
C MET A 484 1.21 27.33 14.61
N VAL A 485 2.11 27.61 15.54
CA VAL A 485 1.99 28.81 16.37
C VAL A 485 1.84 30.04 15.46
N ASP A 486 1.01 30.99 15.87
CA ASP A 486 0.67 32.10 14.99
C ASP A 486 0.86 33.42 15.70
N PHE A 487 2.04 34.01 15.53
CA PHE A 487 2.39 35.23 16.27
C PHE A 487 1.77 36.53 15.74
N THR A 488 0.90 36.45 14.74
CA THR A 488 0.06 37.62 14.44
C THR A 488 -0.95 37.81 15.58
N ARG A 489 -1.12 36.78 16.41
CA ARG A 489 -2.08 36.80 17.52
C ARG A 489 -1.45 37.31 18.82
N ALA A 490 -2.10 38.27 19.45
CA ALA A 490 -1.64 38.78 20.74
C ALA A 490 -1.56 37.67 21.80
N ASP A 491 -2.54 36.77 21.82
CA ASP A 491 -2.52 35.72 22.82
C ASP A 491 -1.34 34.74 22.63
N HIS A 492 -1.00 34.42 21.39
CA HIS A 492 0.15 33.55 21.14
C HIS A 492 1.44 34.25 21.52
N ARG A 493 1.55 35.53 21.22
CA ARG A 493 2.73 36.29 21.62
C ARG A 493 2.89 36.29 23.13
N ALA A 494 1.80 36.44 23.86
CA ALA A 494 1.86 36.59 25.31
C ALA A 494 2.09 35.25 26.00
N ALA A 495 1.76 34.18 25.29
CA ALA A 495 1.73 32.86 25.90
C ALA A 495 3.13 32.39 26.29
N PHE A 496 4.12 32.63 25.44
CA PHE A 496 5.46 32.12 25.72
C PHE A 496 6.13 32.67 27.00
N PRO A 497 6.20 34.01 27.16
CA PRO A 497 6.76 34.53 28.43
C PRO A 497 5.99 34.01 29.66
N LYS A 498 4.67 33.87 29.52
CA LYS A 498 3.82 33.34 30.58
C LYS A 498 4.22 31.90 30.95
N HIS A 499 4.29 31.03 29.94
CA HIS A 499 4.58 29.61 30.17
C HIS A 499 6.04 29.31 30.50
N ILE A 500 6.96 30.11 29.97
CA ILE A 500 8.35 29.99 30.38
C ILE A 500 8.46 30.30 31.88
N ALA A 501 7.71 31.31 32.33
CA ALA A 501 7.70 31.64 33.75
C ALA A 501 7.06 30.52 34.58
N GLN A 502 5.96 29.96 34.07
CA GLN A 502 5.26 28.89 34.78
C GLN A 502 6.13 27.63 34.89
N VAL A 503 6.86 27.31 33.82
CA VAL A 503 7.81 26.21 33.88
C VAL A 503 8.89 26.48 34.93
N ARG A 504 9.32 27.74 35.05
CA ARG A 504 10.34 28.07 36.05
C ARG A 504 9.92 27.84 37.52
N THR A 505 8.62 27.83 37.80
CA THR A 505 8.16 27.51 39.16
C THR A 505 8.22 26.01 39.44
N GLN A 506 8.47 25.20 38.39
CA GLN A 506 8.45 23.73 38.51
C GLN A 506 9.84 23.10 38.40
N LEU A 507 10.88 23.88 38.62
CA LEU A 507 12.24 23.37 38.51
C LEU A 507 12.69 22.67 39.79
N GLY A 508 13.72 21.83 39.69
CA GLY A 508 14.32 21.25 40.87
C GLY A 508 13.78 19.88 41.25
N LYS A 509 12.98 19.27 40.38
CA LYS A 509 12.42 17.97 40.64
C LYS A 509 13.44 16.88 40.34
N THR A 510 13.31 15.76 41.04
CA THR A 510 14.04 14.55 40.67
C THR A 510 13.13 13.65 39.82
N TYR A 511 13.63 13.21 38.66
CA TYR A 511 12.85 12.40 37.74
C TYR A 511 13.27 10.93 37.80
N PRO A 512 12.31 10.04 38.11
CA PRO A 512 12.60 8.61 38.29
C PRO A 512 12.45 7.83 36.99
N LEU A 513 12.86 6.56 37.01
CA LEU A 513 12.53 5.67 35.91
C LEU A 513 11.04 5.41 36.00
N PHE A 514 10.45 4.97 34.90
CA PHE A 514 9.06 4.54 34.94
C PHE A 514 8.99 3.14 34.38
N ILE A 515 8.78 2.17 35.27
CA ILE A 515 8.82 0.78 34.86
C ILE A 515 7.57 0.04 35.31
N ASN A 516 6.86 -0.54 34.34
CA ASN A 516 5.67 -1.33 34.63
C ASN A 516 4.66 -0.54 35.46
N GLY A 517 4.49 0.74 35.13
CA GLY A 517 3.53 1.60 35.79
C GLY A 517 3.97 2.18 37.13
N LYS A 518 5.21 1.91 37.55
CA LYS A 518 5.69 2.44 38.82
C LYS A 518 6.91 3.35 38.63
N GLU A 519 6.96 4.41 39.42
CA GLU A 519 8.16 5.23 39.50
C GLU A 519 9.24 4.47 40.27
N VAL A 520 10.44 4.41 39.69
CA VAL A 520 11.56 3.68 40.29
C VAL A 520 12.76 4.60 40.39
N ARG A 521 13.15 4.97 41.61
CA ARG A 521 14.31 5.82 41.79
C ARG A 521 15.60 5.01 41.89
N THR A 522 16.70 5.60 41.46
CA THR A 522 18.02 5.03 41.70
C THR A 522 18.93 6.08 42.33
N ASN A 523 20.10 5.67 42.82
CA ASN A 523 21.00 6.61 43.46
C ASN A 523 21.92 7.38 42.52
N ASP A 524 21.82 7.13 41.22
CA ASP A 524 22.68 7.80 40.26
C ASP A 524 21.92 8.94 39.56
N LEU A 525 22.20 10.17 39.95
CA LEU A 525 21.48 11.32 39.43
C LEU A 525 22.36 12.14 38.50
N ILE A 526 21.82 12.48 37.32
CA ILE A 526 22.47 13.42 36.42
C ILE A 526 21.62 14.69 36.24
N PRO A 527 22.21 15.86 36.49
CA PRO A 527 21.53 17.15 36.32
C PRO A 527 21.24 17.49 34.87
N THR A 528 20.13 18.17 34.63
CA THR A 528 19.82 18.69 33.30
C THR A 528 19.73 20.21 33.44
N VAL A 529 20.50 20.92 32.64
CA VAL A 529 20.60 22.37 32.77
C VAL A 529 20.24 23.09 31.48
N ASN A 530 19.98 24.39 31.61
CA ASN A 530 19.65 25.27 30.50
C ASN A 530 20.91 25.59 29.71
N PRO A 531 20.95 25.20 28.42
CA PRO A 531 22.18 25.41 27.66
C PRO A 531 22.53 26.89 27.46
N ASN A 532 21.52 27.76 27.44
CA ASN A 532 21.77 29.19 27.39
C ASN A 532 22.13 29.81 28.73
N LYS A 533 21.90 29.08 29.81
CA LYS A 533 22.25 29.55 31.15
C LYS A 533 22.49 28.32 32.03
N PRO A 534 23.67 27.71 31.89
CA PRO A 534 24.00 26.41 32.50
C PRO A 534 23.94 26.40 34.01
N SER A 535 24.00 27.58 34.63
CA SER A 535 23.84 27.67 36.07
C SER A 535 22.37 27.40 36.46
N GLU A 536 21.45 27.54 35.52
CA GLU A 536 20.06 27.19 35.79
C GLU A 536 19.83 25.69 35.64
N VAL A 537 19.63 25.01 36.76
CA VAL A 537 19.43 23.56 36.75
C VAL A 537 17.94 23.22 36.73
N LEU A 538 17.49 22.51 35.70
CA LEU A 538 16.07 22.23 35.59
C LEU A 538 15.60 21.05 36.45
N GLY A 539 16.51 20.13 36.78
CA GLY A 539 16.13 18.97 37.57
C GLY A 539 17.21 17.90 37.61
N GLN A 540 16.94 16.81 38.32
CA GLN A 540 17.87 15.68 38.42
C GLN A 540 17.23 14.42 37.84
N ILE A 541 18.00 13.64 37.09
CA ILE A 541 17.48 12.48 36.40
C ILE A 541 18.12 11.20 36.93
N CYS A 542 17.32 10.29 37.49
CA CYS A 542 17.80 8.97 37.89
C CYS A 542 18.27 8.16 36.69
N GLN A 543 19.34 7.40 36.86
CA GLN A 543 19.87 6.61 35.75
C GLN A 543 19.56 5.15 35.97
N ALA A 544 19.12 4.47 34.91
CA ALA A 544 18.86 3.04 34.98
C ALA A 544 20.15 2.25 34.80
N GLY A 545 20.50 1.41 35.77
CA GLY A 545 21.54 0.43 35.56
C GLY A 545 21.03 -0.70 34.66
N THR A 546 21.87 -1.70 34.44
CA THR A 546 21.47 -2.85 33.63
C THR A 546 20.36 -3.64 34.30
N THR A 547 20.38 -3.69 35.62
CA THR A 547 19.32 -4.38 36.34
C THR A 547 17.97 -3.73 36.05
N GLU A 548 17.94 -2.39 36.10
CA GLU A 548 16.70 -1.68 35.86
C GLU A 548 16.26 -1.78 34.40
N VAL A 549 17.22 -1.73 33.48
CA VAL A 549 16.89 -1.92 32.07
C VAL A 549 16.31 -3.32 31.86
N GLY A 550 16.94 -4.34 32.45
CA GLY A 550 16.46 -5.71 32.37
C GLY A 550 15.04 -5.83 32.93
N ASP A 551 14.77 -5.12 34.01
CA ASP A 551 13.42 -5.10 34.58
C ASP A 551 12.39 -4.52 33.62
N ALA A 552 12.75 -3.42 32.95
CA ALA A 552 11.84 -2.77 32.01
C ALA A 552 11.58 -3.64 30.79
N ILE A 553 12.64 -4.31 30.32
CA ILE A 553 12.48 -5.25 29.23
C ILE A 553 11.55 -6.39 29.69
N ALA A 554 11.73 -6.86 30.92
CA ALA A 554 10.91 -7.93 31.45
C ALA A 554 9.46 -7.48 31.55
N ALA A 555 9.27 -6.24 31.99
CA ALA A 555 7.92 -5.67 32.08
C ALA A 555 7.29 -5.58 30.70
N ALA A 556 8.06 -5.12 29.73
CA ALA A 556 7.55 -4.95 28.38
C ALA A 556 7.15 -6.29 27.79
N LYS A 557 8.00 -7.29 28.00
CA LYS A 557 7.74 -8.63 27.50
C LYS A 557 6.48 -9.24 28.13
N ALA A 558 6.27 -8.99 29.43
CA ALA A 558 5.11 -9.55 30.13
C ALA A 558 3.82 -8.88 29.65
N ALA A 559 3.90 -7.59 29.33
CA ALA A 559 2.73 -6.85 28.86
C ALA A 559 2.40 -7.18 27.40
N PHE A 560 3.40 -7.67 26.68
CA PHE A 560 3.29 -7.88 25.24
C PHE A 560 2.11 -8.74 24.75
N PRO A 561 1.94 -9.97 25.29
CA PRO A 561 0.86 -10.82 24.74
C PRO A 561 -0.54 -10.18 24.81
N ALA A 562 -0.85 -9.50 25.91
CA ALA A 562 -2.13 -8.82 26.06
C ALA A 562 -2.22 -7.59 25.15
N TRP A 563 -1.12 -6.86 25.01
CA TRP A 563 -1.14 -5.66 24.17
C TRP A 563 -1.26 -6.05 22.70
N ARG A 564 -0.53 -7.10 22.33
CA ARG A 564 -0.60 -7.62 20.97
C ARG A 564 -2.02 -8.04 20.59
N ASP A 565 -2.72 -8.64 21.55
CA ASP A 565 -4.08 -9.13 21.33
C ASP A 565 -5.14 -8.03 21.42
N THR A 566 -4.72 -6.82 21.76
CA THR A 566 -5.64 -5.69 21.81
C THR A 566 -5.98 -5.24 20.39
N ASP A 567 -7.26 -4.98 20.13
CA ASP A 567 -7.70 -4.57 18.80
C ASP A 567 -6.99 -3.29 18.31
N PRO A 568 -6.50 -3.31 17.07
CA PRO A 568 -5.76 -2.16 16.50
C PRO A 568 -6.47 -0.82 16.68
N ARG A 569 -7.79 -0.79 16.55
CA ARG A 569 -8.59 0.41 16.74
C ARG A 569 -8.52 0.88 18.20
N THR A 570 -8.49 -0.06 19.13
CA THR A 570 -8.37 0.28 20.54
C THR A 570 -6.98 0.85 20.83
N ARG A 571 -5.95 0.19 20.28
CA ARG A 571 -4.58 0.70 20.44
C ARG A 571 -4.46 2.11 19.87
N ALA A 572 -5.03 2.32 18.67
CA ALA A 572 -5.03 3.64 18.04
C ALA A 572 -5.67 4.69 18.94
N GLU A 573 -6.74 4.31 19.63
CA GLU A 573 -7.43 5.20 20.56
C GLU A 573 -6.54 5.77 21.67
N TYR A 574 -5.55 5.00 22.13
CA TYR A 574 -4.67 5.55 23.15
C TYR A 574 -3.82 6.68 22.57
N LEU A 575 -3.35 6.51 21.33
CA LEU A 575 -2.59 7.56 20.66
C LEU A 575 -3.44 8.82 20.48
N LEU A 576 -4.70 8.64 20.12
CA LEU A 576 -5.61 9.77 19.99
C LEU A 576 -5.80 10.49 21.31
N LYS A 577 -5.87 9.73 22.40
CA LYS A 577 -6.00 10.35 23.72
C LYS A 577 -4.72 11.07 24.11
N ALA A 578 -3.57 10.46 23.84
CA ALA A 578 -2.30 11.12 24.11
C ALA A 578 -2.16 12.42 23.31
N ALA A 579 -2.66 12.43 22.07
CA ALA A 579 -2.59 13.61 21.19
C ALA A 579 -3.41 14.74 21.79
N GLN A 580 -4.60 14.41 22.25
CA GLN A 580 -5.41 15.42 22.91
C GLN A 580 -4.76 15.90 24.20
N ALA A 581 -4.18 14.98 24.97
CA ALA A 581 -3.44 15.36 26.19
C ALA A 581 -2.33 16.37 25.85
N ALA A 582 -1.62 16.13 24.77
CA ALA A 582 -0.56 17.02 24.31
C ALA A 582 -1.10 18.35 23.77
N ARG A 583 -2.13 18.27 22.95
CA ARG A 583 -2.75 19.46 22.36
C ARG A 583 -3.18 20.45 23.45
N LYS A 584 -3.64 19.90 24.56
CA LYS A 584 -4.08 20.72 25.68
C LYS A 584 -2.93 21.39 26.44
N ARG A 585 -1.71 20.86 26.28
CA ARG A 585 -0.55 21.38 26.99
C ARG A 585 0.47 22.01 26.05
N LEU A 586 0.03 22.37 24.86
CA LEU A 586 0.92 22.83 23.78
C LEU A 586 1.97 23.87 24.20
N PHE A 587 1.55 24.99 24.77
CA PHE A 587 2.51 26.03 25.15
C PHE A 587 3.36 25.64 26.35
N GLU A 588 2.80 24.90 27.29
CA GLU A 588 3.57 24.40 28.43
C GLU A 588 4.68 23.46 27.96
N LEU A 589 4.32 22.51 27.10
CA LEU A 589 5.30 21.55 26.58
C LEU A 589 6.38 22.27 25.76
N SER A 590 5.99 23.31 25.05
CA SER A 590 6.96 24.10 24.28
C SER A 590 7.97 24.81 25.19
N ALA A 591 7.46 25.40 26.26
CA ALA A 591 8.30 26.20 27.16
C ALA A 591 9.42 25.38 27.77
N TRP A 592 9.13 24.12 28.10
CA TRP A 592 10.15 23.21 28.61
C TRP A 592 11.31 23.08 27.66
N GLN A 593 11.00 22.98 26.38
CA GLN A 593 12.02 22.77 25.35
C GLN A 593 12.85 24.03 25.15
N VAL A 594 12.19 25.20 25.22
CA VAL A 594 12.90 26.47 25.20
C VAL A 594 14.02 26.48 26.24
N LEU A 595 13.71 26.04 27.45
CA LEU A 595 14.66 26.08 28.55
C LEU A 595 15.61 24.86 28.61
N GLU A 596 15.11 23.66 28.35
CA GLU A 596 15.95 22.48 28.55
C GLU A 596 16.94 22.26 27.42
N ILE A 597 16.57 22.63 26.20
CA ILE A 597 17.45 22.37 25.06
C ILE A 597 17.69 23.58 24.15
N GLY A 598 17.20 24.75 24.54
CA GLY A 598 17.50 25.96 23.78
C GLY A 598 16.76 26.11 22.47
N LYS A 599 15.56 25.55 22.41
CA LYS A 599 14.68 25.79 21.27
C LYS A 599 14.16 27.23 21.26
N GLN A 600 14.18 27.86 20.09
CA GLN A 600 13.49 29.14 19.89
C GLN A 600 11.98 28.90 19.99
N TRP A 601 11.20 29.94 20.31
CA TRP A 601 9.76 29.78 20.55
C TRP A 601 9.07 29.00 19.43
N ASP A 602 9.27 29.42 18.18
CA ASP A 602 8.66 28.75 17.03
C ASP A 602 9.15 27.30 16.90
N GLN A 603 10.45 27.10 17.09
CA GLN A 603 11.06 25.78 16.97
C GLN A 603 10.51 24.83 18.04
N ALA A 604 10.29 25.37 19.24
CA ALA A 604 9.76 24.56 20.33
C ALA A 604 8.31 24.11 20.04
N TYR A 605 7.50 25.06 19.60
CA TYR A 605 6.09 24.82 19.32
C TYR A 605 5.95 23.80 18.18
N ALA A 606 6.80 23.93 17.15
CA ALA A 606 6.79 23.01 16.02
C ALA A 606 7.19 21.59 16.41
N ASP A 607 8.04 21.46 17.43
CA ASP A 607 8.41 20.15 17.96
C ASP A 607 7.18 19.48 18.58
N VAL A 608 6.41 20.24 19.35
CA VAL A 608 5.23 19.67 20.00
C VAL A 608 4.16 19.31 18.98
N THR A 609 3.93 20.17 17.98
CA THR A 609 2.87 19.90 17.01
C THR A 609 3.21 18.71 16.13
N GLU A 610 4.51 18.50 15.90
CA GLU A 610 4.95 17.35 15.14
C GLU A 610 4.68 16.07 15.95
N ALA A 611 4.94 16.11 17.25
CA ALA A 611 4.57 15.00 18.13
C ALA A 611 3.07 14.70 18.02
N ILE A 612 2.27 15.76 18.03
CA ILE A 612 0.83 15.60 17.92
C ILE A 612 0.49 14.95 16.58
N ASP A 613 1.12 15.44 15.52
CA ASP A 613 0.90 14.92 14.17
C ASP A 613 1.21 13.42 14.06
N PHE A 614 2.33 12.99 14.66
CA PHE A 614 2.70 11.56 14.65
C PHE A 614 1.61 10.75 15.31
N LEU A 615 1.11 11.24 16.44
CA LEU A 615 0.09 10.53 17.19
C LEU A 615 -1.19 10.41 16.35
N GLU A 616 -1.62 11.52 15.77
CA GLU A 616 -2.84 11.54 14.95
C GLU A 616 -2.71 10.67 13.70
N TYR A 617 -1.53 10.70 13.09
CA TYR A 617 -1.32 10.06 11.81
C TYR A 617 -1.08 8.55 11.97
N TYR A 618 -0.21 8.18 12.90
CA TYR A 618 0.03 6.76 13.18
C TYR A 618 -1.24 6.06 13.70
N ALA A 619 -2.08 6.76 14.46
CA ALA A 619 -3.36 6.19 14.86
C ALA A 619 -4.19 5.81 13.64
N ARG A 620 -4.27 6.74 12.68
CA ARG A 620 -5.04 6.48 11.46
C ARG A 620 -4.42 5.37 10.61
N GLU A 621 -3.10 5.40 10.51
CA GLU A 621 -2.38 4.36 9.79
C GLU A 621 -2.64 2.96 10.39
N MET A 622 -2.68 2.83 11.71
CA MET A 622 -2.92 1.51 12.30
C MET A 622 -4.36 1.06 12.03
N ILE A 623 -5.29 2.00 12.11
CA ILE A 623 -6.68 1.71 11.80
C ILE A 623 -6.77 1.21 10.35
N ARG A 624 -6.07 1.89 9.45
CA ARG A 624 -6.04 1.53 8.04
C ARG A 624 -5.46 0.13 7.83
N LEU A 625 -4.39 -0.18 8.56
CA LEU A 625 -3.65 -1.42 8.28
C LEU A 625 -4.11 -2.57 9.18
N GLY A 626 -5.03 -2.26 10.08
CA GLY A 626 -5.43 -3.21 11.12
C GLY A 626 -6.42 -4.27 10.71
N GLN A 627 -7.07 -4.06 9.57
CA GLN A 627 -8.05 -5.01 9.07
C GLN A 627 -7.39 -6.00 8.10
N PRO A 628 -7.52 -7.32 8.37
CA PRO A 628 -7.04 -8.32 7.42
C PRO A 628 -7.71 -8.12 6.06
N GLN A 629 -6.95 -8.21 4.99
CA GLN A 629 -7.49 -8.02 3.65
C GLN A 629 -7.47 -9.34 2.91
N ARG A 630 -8.55 -9.65 2.19
CA ARG A 630 -8.55 -10.83 1.35
C ARG A 630 -7.57 -10.60 0.21
N VAL A 631 -6.75 -11.60 -0.09
CA VAL A 631 -5.89 -11.54 -1.27
C VAL A 631 -6.14 -12.76 -2.13
N GLY A 632 -5.98 -12.60 -3.44
CA GLY A 632 -6.37 -13.63 -4.39
C GLY A 632 -7.88 -13.63 -4.59
N HIS A 633 -8.36 -14.24 -5.66
CA HIS A 633 -9.80 -14.27 -5.90
C HIS A 633 -10.32 -15.66 -6.28
N ALA A 634 -9.54 -16.69 -5.99
CA ALA A 634 -9.98 -18.06 -6.31
C ALA A 634 -11.11 -18.49 -5.36
N PRO A 635 -12.17 -19.08 -5.92
CA PRO A 635 -13.31 -19.56 -5.12
C PRO A 635 -12.90 -20.77 -4.26
N GLY A 636 -13.70 -21.12 -3.26
CA GLY A 636 -13.38 -22.25 -2.39
C GLY A 636 -12.12 -22.01 -1.56
N GLU A 637 -11.65 -20.77 -1.56
CA GLU A 637 -10.44 -20.42 -0.83
C GLU A 637 -10.51 -19.00 -0.31
N LEU A 638 -10.06 -18.80 0.93
CA LEU A 638 -9.92 -17.48 1.52
C LEU A 638 -8.51 -17.29 2.02
N ASN A 639 -7.79 -16.32 1.45
CA ASN A 639 -6.50 -15.91 1.95
C ASN A 639 -6.63 -14.55 2.59
N HIS A 640 -6.19 -14.45 3.84
CA HIS A 640 -6.16 -13.16 4.50
C HIS A 640 -4.75 -12.77 4.92
N TYR A 641 -4.37 -11.57 4.51
CA TYR A 641 -3.05 -11.03 4.73
C TYR A 641 -3.22 -9.92 5.78
N PHE A 642 -2.36 -9.92 6.79
CA PHE A 642 -2.47 -8.97 7.88
C PHE A 642 -1.15 -8.93 8.62
N TYR A 643 -1.06 -8.07 9.63
CA TYR A 643 0.22 -7.79 10.26
C TYR A 643 0.24 -8.11 11.74
N GLU A 644 1.41 -8.52 12.23
CA GLU A 644 1.61 -8.85 13.65
C GLU A 644 2.77 -8.04 14.18
N PRO A 645 2.69 -7.60 15.44
CA PRO A 645 3.83 -6.90 16.06
C PRO A 645 4.99 -7.87 16.30
N LYS A 646 6.17 -7.33 16.63
CA LYS A 646 7.36 -8.13 16.79
C LYS A 646 7.66 -8.53 18.24
N GLY A 647 7.45 -7.60 19.17
CA GLY A 647 7.74 -7.89 20.57
C GLY A 647 8.18 -6.64 21.33
N VAL A 648 9.33 -6.72 21.98
CA VAL A 648 9.83 -5.58 22.72
C VAL A 648 10.70 -4.71 21.82
N ALA A 649 10.38 -3.42 21.79
CA ALA A 649 11.12 -2.43 21.00
C ALA A 649 11.91 -1.50 21.91
N ALA A 650 13.21 -1.44 21.65
CA ALA A 650 14.09 -0.48 22.28
C ALA A 650 14.05 0.80 21.44
N VAL A 651 13.80 1.93 22.10
CA VAL A 651 13.66 3.20 21.43
C VAL A 651 14.69 4.16 22.01
N ILE A 652 15.66 4.55 21.18
CA ILE A 652 16.78 5.35 21.66
C ILE A 652 16.71 6.70 20.97
N ALA A 653 16.31 7.72 21.71
CA ALA A 653 15.90 9.00 21.15
C ALA A 653 17.02 10.05 21.17
N PRO A 654 16.93 11.02 20.25
CA PRO A 654 17.87 12.15 20.19
C PRO A 654 17.38 13.33 21.03
N TRP A 655 18.25 14.30 21.26
CA TRP A 655 17.91 15.50 22.03
C TRP A 655 17.40 16.64 21.13
N ASN A 656 17.68 16.59 19.83
CA ASN A 656 17.40 17.76 18.97
C ASN A 656 15.92 17.94 18.62
N PHE A 657 15.17 16.83 18.62
CA PHE A 657 13.72 16.90 18.50
C PHE A 657 13.13 16.04 19.60
N PRO A 658 13.27 16.49 20.85
CA PRO A 658 13.10 15.62 22.03
C PRO A 658 11.69 15.12 22.25
N LEU A 659 10.67 15.85 21.80
CA LEU A 659 9.32 15.31 21.94
C LEU A 659 8.88 14.67 20.64
N ALA A 660 9.09 15.37 19.53
CA ALA A 660 8.62 14.93 18.22
C ALA A 660 9.15 13.56 17.82
N ILE A 661 10.46 13.39 17.76
CA ILE A 661 11.03 12.12 17.28
C ILE A 661 10.86 10.97 18.28
N SER A 662 11.04 11.27 19.57
CA SER A 662 10.77 10.33 20.63
C SER A 662 9.34 9.79 20.54
N MET A 663 8.37 10.71 20.49
CA MET A 663 6.97 10.33 20.43
C MET A 663 6.64 9.58 19.14
N GLY A 664 7.25 9.99 18.03
CA GLY A 664 7.01 9.34 16.75
C GLY A 664 7.47 7.89 16.73
N MET A 665 8.71 7.65 17.14
CA MET A 665 9.25 6.29 17.21
C MET A 665 8.51 5.44 18.24
N ALA A 666 8.29 5.99 19.43
CA ALA A 666 7.62 5.24 20.49
C ALA A 666 6.15 4.92 20.14
N SER A 667 5.40 5.90 19.64
CA SER A 667 3.99 5.68 19.37
C SER A 667 3.78 4.74 18.20
N ALA A 668 4.69 4.79 17.23
CA ALA A 668 4.64 3.85 16.10
C ALA A 668 4.81 2.42 16.60
N ALA A 669 5.83 2.19 17.42
CA ALA A 669 6.05 0.86 18.00
C ALA A 669 4.83 0.40 18.82
N ILE A 670 4.33 1.28 19.68
CA ILE A 670 3.22 0.96 20.55
C ILE A 670 1.93 0.69 19.79
N VAL A 671 1.60 1.53 18.82
CA VAL A 671 0.30 1.38 18.15
C VAL A 671 0.25 0.12 17.28
N THR A 672 1.42 -0.35 16.86
CA THR A 672 1.51 -1.56 16.06
C THR A 672 1.52 -2.82 16.96
N GLY A 673 1.44 -2.61 18.27
CA GLY A 673 1.27 -3.74 19.19
C GLY A 673 2.54 -4.22 19.85
N ASN A 674 3.63 -3.45 19.72
CA ASN A 674 4.86 -3.78 20.43
C ASN A 674 4.86 -3.06 21.78
N CYS A 675 5.77 -3.44 22.66
CA CYS A 675 5.94 -2.73 23.93
C CYS A 675 7.34 -2.11 23.97
N VAL A 676 7.46 -0.95 24.61
CA VAL A 676 8.62 -0.10 24.45
C VAL A 676 9.44 0.08 25.72
N VAL A 677 10.76 0.03 25.55
CA VAL A 677 11.69 0.47 26.58
C VAL A 677 12.43 1.66 25.97
N PHE A 678 12.20 2.84 26.55
CA PHE A 678 12.57 4.10 25.93
C PHE A 678 13.74 4.76 26.66
N LYS A 679 14.80 5.07 25.93
CA LYS A 679 15.93 5.78 26.51
C LYS A 679 16.01 7.16 25.88
N PRO A 680 15.58 8.20 26.61
CA PRO A 680 15.70 9.55 26.08
C PRO A 680 17.16 9.94 26.06
N SER A 681 17.53 10.94 25.28
CA SER A 681 18.86 11.49 25.43
C SER A 681 18.95 12.14 26.82
N GLY A 682 20.14 12.14 27.42
CA GLY A 682 20.31 12.62 28.77
C GLY A 682 19.90 14.08 28.97
N ILE A 683 20.35 14.95 28.07
CA ILE A 683 20.14 16.40 28.26
C ILE A 683 18.72 16.83 27.90
N THR A 684 17.90 15.91 27.42
CA THR A 684 16.50 16.22 27.21
C THR A 684 15.62 15.18 27.92
N SER A 685 16.09 14.70 29.08
CA SER A 685 15.37 13.66 29.82
C SER A 685 13.99 14.13 30.29
N ILE A 686 13.89 15.41 30.65
CA ILE A 686 12.60 15.93 31.09
C ILE A 686 11.58 15.90 29.96
N ILE A 687 12.00 16.23 28.74
CA ILE A 687 11.09 16.09 27.60
C ILE A 687 10.68 14.62 27.43
N GLY A 688 11.59 13.70 27.72
CA GLY A 688 11.28 12.27 27.70
C GLY A 688 10.20 11.92 28.72
N TRP A 689 10.33 12.47 29.92
CA TRP A 689 9.31 12.30 30.96
C TRP A 689 7.92 12.74 30.49
N HIS A 690 7.85 13.76 29.64
CA HIS A 690 6.58 14.16 29.02
C HIS A 690 5.86 13.01 28.32
N LEU A 691 6.62 12.09 27.72
CA LEU A 691 6.01 10.90 27.12
C LEU A 691 5.33 10.07 28.21
N VAL A 692 5.97 9.96 29.36
CA VAL A 692 5.41 9.25 30.50
C VAL A 692 4.10 9.92 30.90
N GLU A 693 4.13 11.24 31.07
CA GLU A 693 2.94 11.97 31.44
C GLU A 693 1.81 11.80 30.40
N LEU A 694 2.15 11.83 29.12
CA LEU A 694 1.12 11.76 28.09
C LEU A 694 0.46 10.38 27.98
N PHE A 695 1.29 9.33 27.98
CA PHE A 695 0.77 7.96 27.93
C PHE A 695 0.06 7.59 29.22
N ARG A 696 0.47 8.20 30.33
CA ARG A 696 -0.22 7.97 31.59
C ARG A 696 -1.58 8.61 31.53
N GLU A 697 -1.65 9.85 31.03
CA GLU A 697 -2.95 10.52 30.96
C GLU A 697 -3.87 9.75 30.02
N ALA A 698 -3.29 9.12 29.01
CA ALA A 698 -4.06 8.35 28.05
C ALA A 698 -4.50 7.00 28.61
N GLY A 699 -3.95 6.63 29.76
CA GLY A 699 -4.31 5.39 30.42
C GLY A 699 -3.71 4.15 29.78
N LEU A 700 -2.60 4.28 29.05
CA LEU A 700 -1.93 3.12 28.46
C LEU A 700 -1.67 2.04 29.51
N PRO A 701 -1.90 0.75 29.15
CA PRO A 701 -1.68 -0.32 30.13
C PRO A 701 -0.22 -0.39 30.55
N GLU A 702 -0.01 -0.76 31.81
CA GLU A 702 1.30 -0.80 32.44
C GLU A 702 2.28 -1.67 31.65
N GLY A 703 3.52 -1.21 31.55
CA GLY A 703 4.55 -1.97 30.90
C GLY A 703 4.60 -1.84 29.39
N VAL A 704 3.58 -1.24 28.78
CA VAL A 704 3.60 -1.01 27.33
C VAL A 704 4.62 0.09 26.99
N PHE A 705 4.81 1.02 27.92
CA PHE A 705 5.83 2.04 27.73
C PHE A 705 6.63 2.15 29.02
N ASN A 706 7.94 1.98 28.92
CA ASN A 706 8.83 2.12 30.06
C ASN A 706 9.92 3.13 29.79
N PHE A 707 10.25 3.92 30.79
CA PHE A 707 11.14 5.07 30.65
C PHE A 707 12.41 4.76 31.44
N THR A 708 13.51 4.54 30.71
CA THR A 708 14.78 4.20 31.34
C THR A 708 15.92 5.07 30.82
N PRO A 709 15.98 6.33 31.27
CA PRO A 709 17.20 7.08 30.98
C PRO A 709 18.37 6.38 31.66
N GLY A 710 19.54 6.41 31.04
CA GLY A 710 20.68 5.70 31.57
C GLY A 710 21.96 6.14 30.89
N ARG A 711 23.09 5.81 31.49
CA ARG A 711 24.38 6.11 30.88
C ARG A 711 24.70 5.08 29.80
N GLY A 712 24.96 5.56 28.58
CA GLY A 712 25.28 4.71 27.45
C GLY A 712 26.43 3.73 27.71
N SER A 713 27.47 4.20 28.39
CA SER A 713 28.62 3.36 28.70
C SER A 713 28.28 2.27 29.72
N VAL A 714 27.16 2.45 30.43
CA VAL A 714 26.71 1.44 31.39
C VAL A 714 25.73 0.43 30.78
N MET A 715 24.73 0.92 30.05
CA MET A 715 23.61 0.06 29.65
C MET A 715 23.22 0.15 28.17
N GLY A 716 23.97 0.92 27.39
CA GLY A 716 23.69 1.09 25.97
C GLY A 716 23.79 -0.20 25.18
N ASP A 717 24.93 -0.88 25.28
CA ASP A 717 25.09 -2.17 24.61
C ASP A 717 24.14 -3.22 25.19
N TYR A 718 23.99 -3.23 26.51
CA TYR A 718 23.04 -4.13 27.16
C TYR A 718 21.64 -4.07 26.52
N LEU A 719 21.15 -2.85 26.31
CA LEU A 719 19.81 -2.68 25.77
C LEU A 719 19.72 -3.22 24.36
N VAL A 720 20.69 -2.84 23.53
CA VAL A 720 20.72 -3.27 22.13
C VAL A 720 20.94 -4.77 21.97
N ASP A 721 21.83 -5.33 22.80
CA ASP A 721 22.20 -6.76 22.69
C ASP A 721 21.16 -7.72 23.24
N HIS A 722 20.26 -7.22 24.09
CA HIS A 722 19.41 -8.11 24.87
C HIS A 722 18.57 -9.02 23.98
N PRO A 723 18.52 -10.33 24.33
CA PRO A 723 17.81 -11.34 23.51
C PRO A 723 16.30 -11.15 23.41
N ASP A 724 15.70 -10.43 24.34
CA ASP A 724 14.26 -10.22 24.32
C ASP A 724 13.85 -8.99 23.51
N ILE A 725 14.84 -8.30 22.96
CA ILE A 725 14.57 -7.15 22.09
C ILE A 725 14.35 -7.64 20.66
N SER A 726 13.25 -7.23 20.05
CA SER A 726 12.94 -7.66 18.68
C SER A 726 13.09 -6.52 17.67
N LEU A 727 13.11 -5.30 18.18
CA LEU A 727 13.16 -4.13 17.30
C LEU A 727 13.91 -2.98 17.98
N ILE A 728 14.69 -2.24 17.19
CA ILE A 728 15.40 -1.08 17.69
C ILE A 728 15.06 0.14 16.82
N ALA A 729 14.44 1.14 17.43
CA ALA A 729 14.21 2.41 16.75
C ALA A 729 15.22 3.41 17.29
N PHE A 730 16.05 3.92 16.38
CA PHE A 730 17.14 4.82 16.74
C PHE A 730 17.18 6.02 15.80
N THR A 731 17.41 7.20 16.38
CA THR A 731 17.67 8.39 15.58
C THR A 731 18.84 9.10 16.24
N GLY A 732 19.87 9.43 15.46
CA GLY A 732 21.04 10.04 16.02
C GLY A 732 22.22 9.92 15.08
N SER A 733 23.43 9.91 15.62
CA SER A 733 24.62 9.99 14.80
C SER A 733 24.83 8.71 14.00
N MET A 734 25.46 8.85 12.85
CA MET A 734 25.85 7.72 12.01
C MET A 734 26.73 6.72 12.78
N GLU A 735 27.71 7.24 13.53
CA GLU A 735 28.63 6.39 14.27
C GLU A 735 27.92 5.46 15.25
N THR A 736 26.99 6.03 16.02
CA THR A 736 26.23 5.27 16.98
C THR A 736 25.29 4.32 16.27
N GLY A 737 24.59 4.82 15.26
CA GLY A 737 23.65 4.02 14.50
C GLY A 737 24.27 2.80 13.83
N LEU A 738 25.45 3.00 13.24
CA LEU A 738 26.15 1.93 12.57
C LEU A 738 26.60 0.85 13.55
N ARG A 739 27.04 1.28 14.72
CA ARG A 739 27.41 0.35 15.78
C ARG A 739 26.19 -0.49 16.21
N ILE A 740 25.07 0.19 16.45
CA ILE A 740 23.84 -0.50 16.80
C ILE A 740 23.45 -1.54 15.75
N ILE A 741 23.63 -1.19 14.48
CA ILE A 741 23.22 -2.05 13.40
C ILE A 741 24.09 -3.29 13.43
N GLU A 742 25.38 -3.06 13.66
CA GLU A 742 26.34 -4.14 13.69
C GLU A 742 26.04 -5.11 14.83
N ARG A 743 25.79 -4.59 16.03
CA ARG A 743 25.54 -5.45 17.18
C ARG A 743 24.19 -6.17 17.10
N ALA A 744 23.17 -5.47 16.62
CA ALA A 744 21.81 -6.01 16.59
C ALA A 744 21.68 -7.21 15.67
N ALA A 745 22.60 -7.30 14.71
CA ALA A 745 22.55 -8.37 13.71
C ALA A 745 22.83 -9.74 14.31
N LYS A 746 23.54 -9.77 15.43
CA LYS A 746 23.76 -11.03 16.16
C LYS A 746 22.45 -11.57 16.76
N VAL A 747 22.18 -12.85 16.55
CA VAL A 747 21.09 -13.53 17.23
C VAL A 747 21.67 -14.30 18.42
N HIS A 748 21.31 -13.88 19.63
CA HIS A 748 21.83 -14.50 20.85
C HIS A 748 20.99 -15.71 21.28
N PRO A 749 21.51 -16.53 22.22
CA PRO A 749 20.68 -17.61 22.76
C PRO A 749 19.34 -17.09 23.29
N GLY A 750 18.26 -17.73 22.87
CA GLY A 750 16.95 -17.37 23.39
C GLY A 750 16.33 -16.18 22.70
N GLN A 751 16.99 -15.65 21.67
CA GLN A 751 16.47 -14.52 20.93
C GLN A 751 15.49 -15.02 19.88
N ALA A 752 14.25 -14.53 19.94
CA ALA A 752 13.18 -15.09 19.14
C ALA A 752 13.24 -14.66 17.66
N ASN A 753 13.68 -13.42 17.43
CA ASN A 753 13.66 -12.84 16.09
C ASN A 753 15.01 -12.28 15.67
N VAL A 754 15.21 -12.19 14.36
CA VAL A 754 16.22 -11.30 13.81
C VAL A 754 15.77 -9.87 14.10
N LYS A 755 16.62 -9.09 14.75
CA LYS A 755 16.27 -7.75 15.15
C LYS A 755 16.03 -6.80 13.97
N LYS A 756 14.89 -6.13 14.01
CA LYS A 756 14.53 -5.12 13.00
C LYS A 756 15.11 -3.78 13.42
N ILE A 757 15.78 -3.12 12.48
CA ILE A 757 16.36 -1.80 12.72
C ILE A 757 15.53 -0.73 12.02
N ILE A 758 15.15 0.29 12.77
CA ILE A 758 14.57 1.50 12.20
C ILE A 758 15.52 2.63 12.61
N SER A 759 16.29 3.10 11.64
CA SER A 759 17.33 4.07 11.93
C SER A 759 17.26 5.28 11.00
N GLU A 760 17.29 6.45 11.61
CA GLU A 760 17.42 7.71 10.92
C GLU A 760 18.72 8.28 11.42
N MET A 761 19.67 8.52 10.52
CA MET A 761 20.96 9.03 10.93
C MET A 761 21.20 10.40 10.28
N GLY A 762 22.44 10.86 10.26
CA GLY A 762 22.69 12.25 9.90
C GLY A 762 22.66 12.62 8.43
N GLY A 763 23.02 13.87 8.18
CA GLY A 763 23.08 14.38 6.83
C GLY A 763 24.25 15.32 6.66
N LYS A 764 24.63 15.57 5.42
CA LYS A 764 25.52 16.66 5.10
C LYS A 764 24.87 17.36 3.93
N ASN A 765 23.81 18.10 4.25
CA ASN A 765 22.84 18.51 3.25
C ASN A 765 23.21 19.80 2.54
N ALA A 766 23.10 19.77 1.21
CA ALA A 766 23.43 20.92 0.37
C ALA A 766 22.18 21.62 -0.16
N ILE A 767 22.28 22.94 -0.33
CA ILE A 767 21.32 23.67 -1.15
C ILE A 767 22.07 24.25 -2.34
N ILE A 768 21.53 24.06 -3.53
CA ILE A 768 22.14 24.60 -4.74
C ILE A 768 21.46 25.89 -5.12
N ILE A 769 22.26 26.93 -5.35
CA ILE A 769 21.77 28.23 -5.82
C ILE A 769 22.18 28.37 -7.29
N ASP A 770 21.20 28.17 -8.18
CA ASP A 770 21.42 28.22 -9.63
C ASP A 770 21.55 29.68 -10.05
N ASP A 771 22.08 29.92 -11.26
CA ASP A 771 22.25 31.27 -11.81
C ASP A 771 20.98 32.11 -11.76
N ASP A 772 19.84 31.48 -12.05
CA ASP A 772 18.57 32.20 -12.16
C ASP A 772 17.75 32.21 -10.86
N ALA A 773 18.40 31.82 -9.76
CA ALA A 773 17.71 31.79 -8.47
C ALA A 773 17.14 33.14 -8.08
N ASP A 774 15.94 33.14 -7.49
CA ASP A 774 15.39 34.35 -6.89
C ASP A 774 16.10 34.54 -5.54
N LEU A 775 17.00 35.50 -5.46
CA LEU A 775 17.83 35.65 -4.27
C LEU A 775 17.05 36.23 -3.10
N ASP A 776 15.98 36.96 -3.38
CA ASP A 776 15.10 37.44 -2.31
C ASP A 776 14.53 36.28 -1.50
N GLU A 777 14.34 35.14 -2.15
CA GLU A 777 13.87 33.93 -1.47
C GLU A 777 15.04 33.05 -1.05
N ALA A 778 16.02 32.88 -1.93
CA ALA A 778 17.14 31.99 -1.62
C ALA A 778 17.88 32.39 -0.34
N VAL A 779 18.25 33.66 -0.22
CA VAL A 779 19.05 34.10 0.94
C VAL A 779 18.38 33.82 2.30
N PRO A 780 17.14 34.29 2.52
CA PRO A 780 16.62 33.97 3.86
C PRO A 780 16.35 32.47 4.08
N HIS A 781 15.97 31.74 3.05
CA HIS A 781 15.71 30.31 3.23
C HIS A 781 17.00 29.59 3.55
N VAL A 782 18.08 29.92 2.85
CA VAL A 782 19.40 29.36 3.16
C VAL A 782 19.81 29.69 4.60
N LEU A 783 19.62 30.95 5.02
CA LEU A 783 20.00 31.37 6.37
C LEU A 783 19.26 30.53 7.42
N TYR A 784 17.96 30.38 7.23
CA TYR A 784 17.15 29.59 8.14
C TYR A 784 17.57 28.09 8.12
N SER A 785 17.81 27.55 6.94
CA SER A 785 18.17 26.14 6.80
C SER A 785 19.49 25.83 7.50
N ALA A 786 20.41 26.79 7.47
CA ALA A 786 21.72 26.59 8.08
C ALA A 786 21.72 26.87 9.58
N PHE A 787 21.02 27.93 10.00
CA PHE A 787 21.14 28.39 11.38
C PHE A 787 19.90 28.27 12.25
N GLY A 788 18.81 27.77 11.67
CA GLY A 788 17.63 27.47 12.46
C GLY A 788 18.00 26.48 13.54
N PHE A 789 17.62 26.81 14.78
CA PHE A 789 17.97 25.98 15.93
C PHE A 789 19.48 25.68 15.93
N GLN A 790 20.29 26.71 15.68
CA GLN A 790 21.75 26.59 15.77
C GLN A 790 22.29 25.56 14.80
N GLY A 791 21.53 25.20 13.77
CA GLY A 791 21.96 24.17 12.83
C GLY A 791 21.91 22.75 13.37
N GLN A 792 21.18 22.53 14.47
CA GLN A 792 21.17 21.23 15.13
C GLN A 792 20.06 20.33 14.60
N LYS A 793 20.06 20.09 13.30
CA LYS A 793 19.03 19.32 12.65
C LYS A 793 19.69 18.40 11.65
N CYS A 794 19.25 17.14 11.61
CA CYS A 794 19.75 16.20 10.61
C CYS A 794 19.47 16.70 9.19
N SER A 795 18.46 17.56 9.06
CA SER A 795 18.07 18.09 7.76
C SER A 795 18.75 19.42 7.41
N ALA A 796 19.54 19.96 8.34
CA ALA A 796 20.10 21.30 8.18
C ALA A 796 20.99 21.45 6.96
N CYS A 797 20.97 22.65 6.39
CA CYS A 797 21.88 22.99 5.30
C CYS A 797 23.25 23.30 5.89
N SER A 798 24.24 22.48 5.55
CA SER A 798 25.61 22.70 6.03
C SER A 798 26.54 22.98 4.85
N ARG A 799 25.99 22.83 3.64
CA ARG A 799 26.71 23.18 2.41
C ARG A 799 25.80 23.99 1.48
N VAL A 800 26.24 25.18 1.08
CA VAL A 800 25.48 25.89 0.07
C VAL A 800 26.33 25.95 -1.18
N ILE A 801 25.83 25.36 -2.25
CA ILE A 801 26.60 25.19 -3.47
C ILE A 801 26.11 26.19 -4.48
N VAL A 802 26.94 27.20 -4.74
CA VAL A 802 26.52 28.38 -5.50
C VAL A 802 27.17 28.48 -6.88
N LEU A 803 26.33 28.60 -7.89
CA LEU A 803 26.80 28.74 -9.27
C LEU A 803 27.72 29.96 -9.47
N ASP A 804 28.79 29.73 -10.24
CA ASP A 804 29.88 30.67 -10.47
C ASP A 804 29.41 32.13 -10.68
N ALA A 805 28.48 32.35 -11.59
CA ALA A 805 28.12 33.71 -12.00
C ALA A 805 27.23 34.46 -11.02
N VAL A 806 26.63 33.75 -10.06
CA VAL A 806 25.77 34.41 -9.11
C VAL A 806 26.44 34.43 -7.72
N TYR A 807 27.65 33.88 -7.64
CA TYR A 807 28.34 33.66 -6.36
C TYR A 807 28.55 34.92 -5.51
N ASP A 808 29.24 35.91 -6.09
CA ASP A 808 29.56 37.14 -5.38
C ASP A 808 28.31 37.87 -4.91
N LYS A 809 27.30 37.96 -5.77
CA LYS A 809 26.04 38.60 -5.42
C LYS A 809 25.35 37.86 -4.25
N PHE A 810 25.26 36.53 -4.36
CA PHE A 810 24.60 35.73 -3.33
C PHE A 810 25.29 35.84 -1.97
N ILE A 811 26.62 35.65 -1.94
CA ILE A 811 27.30 35.63 -0.64
C ILE A 811 27.24 36.99 0.03
N GLU A 812 27.31 38.05 -0.77
CA GLU A 812 27.25 39.40 -0.24
C GLU A 812 25.91 39.61 0.49
N ARG A 813 24.82 39.17 -0.14
CA ARG A 813 23.53 39.35 0.53
C ARG A 813 23.36 38.40 1.71
N LEU A 814 23.87 37.18 1.59
CA LEU A 814 23.75 36.19 2.67
C LEU A 814 24.49 36.64 3.93
N VAL A 815 25.74 37.04 3.74
CA VAL A 815 26.55 37.58 4.83
C VAL A 815 25.96 38.86 5.43
N SER A 816 25.41 39.73 4.59
CA SER A 816 24.80 40.96 5.09
C SER A 816 23.53 40.69 5.89
N MET A 817 22.76 39.70 5.48
CA MET A 817 21.59 39.30 6.28
C MET A 817 22.02 38.67 7.59
N ALA A 818 23.00 37.77 7.52
CA ALA A 818 23.57 37.15 8.70
C ALA A 818 24.02 38.19 9.73
N LYS A 819 24.68 39.26 9.27
CA LYS A 819 25.18 40.31 10.15
C LYS A 819 24.06 41.01 10.92
N ALA A 820 22.85 40.96 10.38
CA ALA A 820 21.71 41.63 11.00
C ALA A 820 21.12 40.81 12.15
N THR A 821 21.39 39.51 12.14
CA THR A 821 20.84 38.61 13.16
C THR A 821 21.66 38.63 14.44
N LYS A 822 21.04 38.16 15.51
CA LYS A 822 21.60 38.25 16.85
C LYS A 822 21.63 36.86 17.46
N VAL A 823 22.74 36.53 18.13
CA VAL A 823 22.89 35.25 18.79
C VAL A 823 22.74 35.41 20.30
N GLY A 824 21.85 34.61 20.90
CA GLY A 824 21.63 34.68 22.34
C GLY A 824 20.49 33.80 22.81
N PRO A 825 20.19 33.84 24.13
CA PRO A 825 19.21 32.95 24.75
C PRO A 825 17.91 32.83 23.95
N SER A 826 17.49 31.58 23.75
CA SER A 826 16.35 31.27 22.90
C SER A 826 15.06 31.71 23.55
N GLU A 827 15.10 32.01 24.85
CA GLU A 827 13.88 32.47 25.50
C GLU A 827 13.57 33.91 25.10
N ASP A 828 14.58 34.60 24.58
CA ASP A 828 14.42 35.96 24.09
C ASP A 828 14.16 35.88 22.60
N PRO A 829 12.94 36.23 22.17
CA PRO A 829 12.54 36.06 20.77
C PRO A 829 13.31 36.97 19.79
N ALA A 830 14.06 37.95 20.31
CA ALA A 830 14.84 38.83 19.43
C ALA A 830 16.04 38.09 18.86
N ASN A 831 16.40 36.98 19.47
CA ASN A 831 17.58 36.26 19.02
C ASN A 831 17.25 35.28 17.91
N TYR A 832 18.08 35.25 16.87
CA TYR A 832 17.85 34.35 15.73
C TYR A 832 18.19 32.91 16.10
N MET A 833 19.31 32.72 16.78
CA MET A 833 19.73 31.40 17.26
C MET A 833 20.46 31.64 18.57
N GLY A 834 20.69 30.57 19.33
CA GLY A 834 21.34 30.65 20.63
C GLY A 834 22.37 29.56 20.87
N ALA A 835 22.57 29.19 22.14
CA ALA A 835 23.56 28.18 22.55
C ALA A 835 23.25 26.81 21.98
N VAL A 836 24.31 26.03 21.74
CA VAL A 836 24.17 24.65 21.26
C VAL A 836 23.88 23.75 22.45
N ALA A 837 23.64 22.47 22.19
CA ALA A 837 23.01 21.56 23.16
C ALA A 837 23.68 21.50 24.52
N ASP A 838 25.00 21.34 24.52
CA ASP A 838 25.76 21.20 25.75
C ASP A 838 27.25 21.49 25.54
N ASP A 839 28.01 21.34 26.62
CA ASP A 839 29.45 21.58 26.63
C ASP A 839 30.18 20.79 25.55
N LYS A 840 29.88 19.50 25.47
CA LYS A 840 30.53 18.61 24.50
C LYS A 840 30.24 19.01 23.05
N ALA A 841 28.99 19.39 22.79
CA ALA A 841 28.61 19.84 21.44
C ALA A 841 29.38 21.11 21.09
N MET A 842 29.56 21.99 22.06
CA MET A 842 30.24 23.25 21.85
C MET A 842 31.70 23.03 21.49
N LYS A 843 32.37 22.15 22.24
CA LYS A 843 33.79 21.87 22.00
C LYS A 843 34.00 21.22 20.63
N SER A 844 33.11 20.30 20.30
CA SER A 844 33.18 19.58 19.03
C SER A 844 32.93 20.51 17.84
N ILE A 845 31.87 21.31 17.93
CA ILE A 845 31.56 22.28 16.90
C ILE A 845 32.68 23.31 16.71
N LYS A 846 33.24 23.82 17.80
CA LYS A 846 34.33 24.79 17.70
C LYS A 846 35.59 24.21 17.05
N GLU A 847 35.85 22.94 17.30
CA GLU A 847 36.99 22.26 16.66
C GLU A 847 36.75 22.18 15.16
N TYR A 848 35.56 21.76 14.75
CA TYR A 848 35.20 21.77 13.35
C TYR A 848 35.31 23.15 12.69
N ALA A 849 34.89 24.20 13.39
CA ALA A 849 35.03 25.56 12.87
C ALA A 849 36.48 25.90 12.58
N GLU A 850 37.37 25.59 13.52
CA GLU A 850 38.80 25.83 13.32
C GLU A 850 39.34 25.02 12.13
N ILE A 851 38.95 23.76 12.03
CA ILE A 851 39.32 22.92 10.88
C ILE A 851 38.87 23.57 9.57
N GLY A 852 37.62 24.02 9.54
CA GLY A 852 37.06 24.68 8.38
C GLY A 852 37.77 25.98 8.01
N LYS A 853 38.23 26.71 9.02
CA LYS A 853 38.94 27.97 8.78
C LYS A 853 40.35 27.78 8.23
N ARG A 854 40.89 26.58 8.41
CA ARG A 854 42.15 26.24 7.78
C ARG A 854 41.93 25.70 6.37
N GLU A 855 40.72 25.20 6.10
CA GLU A 855 40.39 24.63 4.78
C GLU A 855 39.87 25.70 3.83
N GLY A 856 39.01 26.58 4.34
CA GLY A 856 38.46 27.64 3.54
C GLY A 856 38.86 28.99 4.10
N HIS A 857 37.98 29.98 3.88
CA HIS A 857 38.19 31.31 4.38
C HIS A 857 36.91 31.79 5.02
N VAL A 858 37.02 32.35 6.21
CA VAL A 858 35.86 32.81 6.94
C VAL A 858 35.19 34.02 6.27
N LEU A 859 33.89 33.93 6.04
CA LEU A 859 33.12 35.04 5.47
C LEU A 859 32.36 35.80 6.54
N TYR A 860 31.98 35.11 7.61
CA TYR A 860 31.29 35.74 8.73
C TYR A 860 31.42 34.88 9.97
N GLU A 861 31.69 35.53 11.10
CA GLU A 861 31.70 34.85 12.39
C GLU A 861 31.10 35.81 13.40
N SER A 862 29.90 35.50 13.88
CA SER A 862 29.13 36.44 14.69
C SER A 862 29.74 36.71 16.06
N PRO A 863 29.37 37.86 16.67
CA PRO A 863 29.60 37.98 18.11
C PRO A 863 28.74 36.93 18.81
N VAL A 864 29.09 36.61 20.06
CA VAL A 864 28.24 35.82 20.96
C VAL A 864 28.21 36.56 22.30
N PRO A 865 27.18 36.31 23.13
CA PRO A 865 27.11 36.99 24.42
C PRO A 865 28.32 36.67 25.29
N ALA A 866 28.71 37.60 26.16
CA ALA A 866 29.73 37.33 27.16
C ALA A 866 29.08 36.53 28.29
N GLY A 867 29.89 35.88 29.11
CA GLY A 867 29.35 35.14 30.24
C GLY A 867 29.04 33.70 29.91
N GLU A 868 28.11 33.11 30.66
CA GLU A 868 27.84 31.68 30.57
C GLU A 868 26.92 31.31 29.41
N GLY A 869 27.04 30.07 28.96
CA GLY A 869 26.19 29.57 27.90
C GLY A 869 27.04 28.95 26.82
N TYR A 870 26.55 27.86 26.23
CA TYR A 870 27.32 27.12 25.25
C TYR A 870 27.24 27.77 23.86
N PHE A 871 27.76 28.98 23.75
CA PHE A 871 27.61 29.74 22.50
C PHE A 871 28.66 29.42 21.45
N VAL A 872 28.20 29.13 20.24
CA VAL A 872 29.07 29.01 19.09
C VAL A 872 28.63 30.10 18.11
N PRO A 873 29.58 30.89 17.56
CA PRO A 873 29.17 31.96 16.64
C PRO A 873 28.43 31.44 15.41
N MET A 874 27.50 32.22 14.89
CA MET A 874 26.97 31.97 13.56
C MET A 874 28.14 32.14 12.57
N THR A 875 28.50 31.07 11.88
CA THR A 875 29.75 30.98 11.14
C THR A 875 29.54 30.57 9.69
N ILE A 876 30.13 31.34 8.79
CA ILE A 876 30.03 31.08 7.35
C ILE A 876 31.44 31.06 6.76
N ILE A 877 31.76 29.99 6.03
CA ILE A 877 33.11 29.80 5.49
C ILE A 877 33.04 29.49 4.00
N GLY A 878 33.83 30.22 3.20
CA GLY A 878 33.84 30.05 1.75
C GLY A 878 35.12 29.40 1.28
N GLY A 879 35.24 29.18 -0.03
CA GLY A 879 36.39 28.46 -0.57
C GLY A 879 36.34 26.95 -0.28
N ILE A 880 35.17 26.42 0.06
CA ILE A 880 35.09 25.00 0.41
C ILE A 880 34.87 24.11 -0.82
N LYS A 881 35.59 22.99 -0.86
CA LYS A 881 35.53 22.05 -1.99
C LYS A 881 35.21 20.65 -1.46
N PRO A 882 34.79 19.72 -2.33
CA PRO A 882 34.34 18.42 -1.81
C PRO A 882 35.41 17.61 -1.06
N GLU A 883 36.70 17.87 -1.30
CA GLU A 883 37.73 17.14 -0.57
C GLU A 883 37.90 17.60 0.88
N HIS A 884 37.35 18.75 1.24
CA HIS A 884 37.54 19.29 2.58
C HIS A 884 36.70 18.54 3.62
N ARG A 885 37.24 18.42 4.83
CA ARG A 885 36.52 17.77 5.91
C ARG A 885 35.16 18.39 6.16
N ILE A 886 35.08 19.73 6.22
CA ILE A 886 33.79 20.35 6.52
C ILE A 886 32.84 20.32 5.32
N ALA A 887 33.30 19.79 4.20
CA ALA A 887 32.41 19.47 3.09
C ALA A 887 31.85 18.04 3.20
N GLN A 888 32.32 17.28 4.19
CA GLN A 888 32.02 15.85 4.24
C GLN A 888 31.42 15.38 5.56
N GLU A 889 31.90 15.95 6.67
CA GLU A 889 31.56 15.49 8.00
C GLU A 889 30.48 16.36 8.64
N GLU A 890 29.47 15.70 9.19
CA GLU A 890 28.36 16.37 9.85
C GLU A 890 28.81 17.04 11.15
N ILE A 891 28.72 18.37 11.18
CA ILE A 891 29.16 19.16 12.31
C ILE A 891 28.03 19.35 13.33
N PHE A 892 26.79 19.38 12.85
CA PHE A 892 25.62 19.53 13.70
C PHE A 892 25.64 20.82 14.52
N GLY A 893 26.08 21.91 13.90
CA GLY A 893 26.17 23.20 14.55
C GLY A 893 26.09 24.36 13.56
N PRO A 894 26.22 25.60 14.05
CA PRO A 894 26.02 26.77 13.18
C PRO A 894 27.22 27.09 12.28
N VAL A 895 27.64 26.11 11.47
CA VAL A 895 28.80 26.27 10.59
C VAL A 895 28.42 25.92 9.15
N LEU A 896 28.35 26.93 8.31
CA LEU A 896 27.89 26.73 6.94
C LEU A 896 29.06 26.84 5.98
N ALA A 897 29.24 25.80 5.17
CA ALA A 897 30.25 25.76 4.12
C ALA A 897 29.69 26.31 2.80
N VAL A 898 30.41 27.26 2.19
CA VAL A 898 29.98 27.83 0.91
C VAL A 898 30.92 27.32 -0.18
N MET A 899 30.34 26.73 -1.22
CA MET A 899 31.12 26.06 -2.27
C MET A 899 30.75 26.67 -3.61
N ARG A 900 31.77 26.96 -4.42
CA ARG A 900 31.57 27.66 -5.69
C ARG A 900 31.65 26.70 -6.88
N ALA A 901 30.50 26.39 -7.48
CA ALA A 901 30.47 25.43 -8.59
C ALA A 901 30.62 26.12 -9.96
N LYS A 902 31.34 25.49 -10.89
CA LYS A 902 31.67 26.15 -12.16
C LYS A 902 30.52 26.12 -13.16
N ASP A 903 29.63 25.15 -13.03
CA ASP A 903 28.44 25.00 -13.86
C ASP A 903 27.43 24.10 -13.15
N PHE A 904 26.26 23.91 -13.72
CA PHE A 904 25.21 23.18 -13.01
C PHE A 904 25.52 21.69 -12.87
N ASP A 905 26.20 21.12 -13.87
CA ASP A 905 26.66 19.74 -13.76
C ASP A 905 27.60 19.52 -12.57
N GLN A 906 28.51 20.45 -12.34
CA GLN A 906 29.41 20.32 -11.19
C GLN A 906 28.65 20.51 -9.88
N ALA A 907 27.69 21.43 -9.86
CA ALA A 907 26.88 21.66 -8.66
C ALA A 907 26.19 20.37 -8.21
N ILE A 908 25.61 19.66 -9.17
CA ILE A 908 24.92 18.41 -8.88
C ILE A 908 25.96 17.37 -8.40
N GLU A 909 27.06 17.26 -9.14
CA GLU A 909 28.14 16.36 -8.75
C GLU A 909 28.65 16.63 -7.33
N TRP A 910 28.83 17.91 -7.00
CA TRP A 910 29.26 18.29 -5.66
C TRP A 910 28.19 17.97 -4.61
N ALA A 911 26.92 18.20 -4.94
CA ALA A 911 25.83 17.91 -4.01
C ALA A 911 25.86 16.44 -3.65
N ASN A 912 26.23 15.61 -4.63
CA ASN A 912 26.22 14.15 -4.47
C ASN A 912 27.55 13.58 -4.01
N SER A 913 28.48 14.43 -3.56
CA SER A 913 29.85 13.98 -3.25
C SER A 913 30.11 13.52 -1.80
N THR A 914 29.06 13.42 -0.98
CA THR A 914 29.26 13.00 0.41
C THR A 914 28.77 11.59 0.58
N GLN A 915 28.92 11.03 1.77
CA GLN A 915 28.40 9.69 2.01
C GLN A 915 26.95 9.74 2.50
N PHE A 916 26.38 10.93 2.55
CA PHE A 916 25.01 11.11 3.04
C PHE A 916 24.01 11.41 1.94
N ALA A 917 22.72 11.27 2.25
CA ALA A 917 21.66 11.53 1.29
C ALA A 917 20.33 11.77 2.01
N LEU A 918 20.35 12.68 2.99
CA LEU A 918 19.15 12.92 3.79
C LEU A 918 18.25 13.96 3.13
N THR A 919 18.65 15.22 3.20
CA THR A 919 17.91 16.29 2.52
C THR A 919 18.77 17.08 1.54
N GLY A 920 18.11 17.89 0.72
CA GLY A 920 18.77 18.72 -0.25
C GLY A 920 17.80 19.79 -0.68
N GLY A 921 18.34 20.90 -1.19
CA GLY A 921 17.51 21.98 -1.68
C GLY A 921 18.07 22.55 -2.98
N ILE A 922 17.20 23.13 -3.78
CA ILE A 922 17.67 23.85 -4.95
C ILE A 922 16.81 25.06 -5.26
N PHE A 923 17.46 26.22 -5.37
CA PHE A 923 16.80 27.42 -5.88
C PHE A 923 17.15 27.59 -7.34
N SER A 924 16.12 27.44 -8.18
CA SER A 924 16.28 27.51 -9.62
C SER A 924 14.94 27.77 -10.25
N ARG A 925 14.93 28.55 -11.31
CA ARG A 925 13.70 28.77 -12.06
C ARG A 925 13.85 28.25 -13.48
N SER A 926 14.70 27.24 -13.63
CA SER A 926 14.97 26.61 -14.93
C SER A 926 14.33 25.22 -14.95
N PRO A 927 13.31 25.02 -15.80
CA PRO A 927 12.61 23.72 -15.85
C PRO A 927 13.56 22.57 -16.09
N GLU A 928 14.56 22.79 -16.94
CA GLU A 928 15.53 21.76 -17.26
C GLU A 928 16.41 21.41 -16.05
N HIS A 929 16.91 22.43 -15.37
CA HIS A 929 17.75 22.17 -14.20
C HIS A 929 16.95 21.53 -13.06
N LEU A 930 15.69 21.93 -12.93
CA LEU A 930 14.83 21.34 -11.92
C LEU A 930 14.58 19.87 -12.24
N ALA A 931 14.37 19.58 -13.52
CA ALA A 931 14.15 18.20 -13.95
C ALA A 931 15.40 17.38 -13.66
N LYS A 932 16.56 17.92 -13.99
CA LYS A 932 17.83 17.25 -13.67
C LYS A 932 17.99 16.99 -12.17
N ALA A 933 17.64 17.96 -11.34
CA ALA A 933 17.81 17.80 -9.90
C ALA A 933 16.84 16.75 -9.35
N ARG A 934 15.60 16.75 -9.83
CA ARG A 934 14.61 15.78 -9.39
C ARG A 934 15.12 14.36 -9.66
N ARG A 935 15.74 14.17 -10.81
CA ARG A 935 16.28 12.87 -11.16
C ARG A 935 17.58 12.52 -10.42
N GLU A 936 18.51 13.47 -10.39
CA GLU A 936 19.90 13.16 -10.01
C GLU A 936 20.35 13.54 -8.61
N PHE A 937 19.68 14.53 -8.01
CA PHE A 937 20.02 14.99 -6.68
C PHE A 937 19.23 14.08 -5.72
N ARG A 938 19.78 12.87 -5.53
CA ARG A 938 19.01 11.78 -4.94
C ARG A 938 19.08 11.74 -3.41
N VAL A 939 18.48 12.72 -2.77
CA VAL A 939 18.33 12.70 -1.32
C VAL A 939 16.95 12.18 -0.96
N GLY A 940 16.75 11.80 0.29
CA GLY A 940 15.45 11.32 0.72
C GLY A 940 14.38 12.39 0.63
N ASN A 941 14.76 13.63 0.91
CA ASN A 941 13.83 14.75 0.80
C ASN A 941 14.49 15.89 0.05
N LEU A 942 14.12 16.06 -1.21
CA LEU A 942 14.61 17.17 -2.03
C LEU A 942 13.60 18.33 -2.00
N TYR A 943 14.07 19.52 -1.66
CA TYR A 943 13.19 20.69 -1.70
C TYR A 943 13.52 21.65 -2.85
N ILE A 944 12.48 22.15 -3.52
CA ILE A 944 12.65 23.06 -4.64
C ILE A 944 12.11 24.45 -4.29
N ASN A 945 12.99 25.44 -4.29
CA ASN A 945 12.63 26.84 -4.04
C ASN A 945 12.06 27.16 -2.65
N ARG A 946 12.62 26.52 -1.64
CA ARG A 946 12.27 26.79 -0.25
C ARG A 946 13.34 26.10 0.58
N ASN A 947 13.34 26.39 1.88
CA ASN A 947 14.29 25.77 2.80
C ASN A 947 14.20 24.24 2.79
N ASN A 948 15.27 23.58 3.23
CA ASN A 948 15.28 22.12 3.16
C ASN A 948 15.02 21.46 4.50
N THR A 949 14.49 22.22 5.45
CA THR A 949 14.18 21.70 6.78
C THR A 949 12.67 21.76 7.05
N GLY A 950 12.25 21.34 8.23
CA GLY A 950 10.86 21.48 8.62
C GLY A 950 9.90 20.54 7.89
N ALA A 951 10.33 19.30 7.71
CA ALA A 951 9.46 18.28 7.12
C ALA A 951 8.20 18.09 7.98
N LEU A 952 7.04 17.95 7.34
CA LEU A 952 5.78 17.78 8.07
C LEU A 952 5.22 16.37 7.85
N VAL A 953 4.52 15.85 8.86
CA VAL A 953 3.90 14.54 8.75
C VAL A 953 2.93 14.50 7.56
N GLU A 954 3.01 13.40 6.80
CA GLU A 954 2.23 13.12 5.59
C GLU A 954 2.68 13.89 4.34
N ARG A 955 2.82 15.21 4.48
CA ARG A 955 3.29 16.04 3.38
C ARG A 955 4.74 15.73 3.01
N GLN A 956 5.62 15.68 4.01
CA GLN A 956 7.02 15.34 3.76
C GLN A 956 7.51 14.18 4.64
N PRO A 957 7.10 12.94 4.32
CA PRO A 957 7.65 11.78 5.06
C PRO A 957 9.18 11.79 4.96
N PHE A 958 9.85 11.65 6.11
CA PHE A 958 11.25 12.06 6.24
C PHE A 958 12.20 10.88 6.43
N GLY A 959 13.28 10.86 5.64
CA GLY A 959 14.31 9.86 5.83
C GLY A 959 14.99 9.49 4.52
N GLY A 960 16.18 8.93 4.62
CA GLY A 960 16.93 8.59 3.42
C GLY A 960 17.73 7.32 3.55
N ALA A 961 18.60 7.09 2.58
CA ALA A 961 19.46 5.92 2.60
C ALA A 961 20.91 6.38 2.66
N ARG A 962 21.78 5.67 1.93
CA ARG A 962 23.22 5.85 2.04
C ARG A 962 23.61 5.79 3.53
N MET A 963 24.47 6.70 4.00
CA MET A 963 24.79 6.72 5.42
C MET A 963 23.80 7.55 6.25
N SER A 964 22.70 7.97 5.63
CA SER A 964 21.73 8.81 6.33
C SER A 964 20.61 8.01 6.99
N GLY A 965 20.50 6.73 6.62
CA GLY A 965 19.47 5.89 7.21
C GLY A 965 19.33 4.55 6.52
N VAL A 966 18.26 3.84 6.83
CA VAL A 966 18.02 2.55 6.23
C VAL A 966 16.77 2.55 5.34
N GLY A 967 16.40 3.74 4.86
CA GLY A 967 15.30 3.85 3.92
C GLY A 967 13.93 3.85 4.58
N THR A 968 13.90 4.06 5.89
CA THR A 968 12.63 4.19 6.60
C THR A 968 12.22 5.66 6.66
N LYS A 969 10.93 5.94 6.42
CA LYS A 969 10.45 7.33 6.41
C LYS A 969 9.33 7.57 7.44
N ALA A 970 9.70 8.13 8.58
CA ALA A 970 8.74 8.55 9.59
C ALA A 970 7.72 9.52 8.98
N GLY A 971 6.47 9.42 9.41
CA GLY A 971 5.45 10.34 8.96
C GLY A 971 4.93 10.05 7.57
N GLY A 972 5.19 8.84 7.07
CA GLY A 972 4.72 8.43 5.77
C GLY A 972 3.97 7.11 5.80
N PRO A 973 3.36 6.74 4.67
CA PRO A 973 2.48 5.57 4.59
C PRO A 973 3.21 4.21 4.57
N ASP A 974 4.55 4.18 4.56
CA ASP A 974 5.26 2.89 4.60
C ASP A 974 5.83 2.59 5.97
N TYR A 975 5.70 3.53 6.89
CA TYR A 975 6.45 3.48 8.14
C TYR A 975 5.99 2.39 9.10
N LEU A 976 4.69 2.33 9.39
CA LEU A 976 4.17 1.37 10.39
C LEU A 976 4.53 -0.08 10.07
N LEU A 977 4.61 -0.41 8.78
CA LEU A 977 4.91 -1.78 8.36
C LEU A 977 6.26 -2.27 8.88
N HIS A 978 7.18 -1.33 9.12
CA HIS A 978 8.52 -1.68 9.56
C HIS A 978 8.53 -2.24 10.98
N PHE A 979 7.46 -1.96 11.71
CA PHE A 979 7.34 -2.34 13.12
C PHE A 979 6.59 -3.66 13.27
N MET A 980 6.23 -4.27 12.15
CA MET A 980 5.41 -5.49 12.15
C MET A 980 5.94 -6.53 11.16
N ASP A 981 5.33 -7.72 11.19
CA ASP A 981 5.60 -8.75 10.19
C ASP A 981 4.28 -9.24 9.65
N PRO A 982 4.21 -9.47 8.33
CA PRO A 982 2.96 -9.89 7.71
C PRO A 982 2.68 -11.36 7.97
N ARG A 983 1.41 -11.73 7.96
CA ARG A 983 1.00 -13.13 8.14
C ARG A 983 -0.09 -13.38 7.11
N VAL A 984 -0.15 -14.61 6.62
CA VAL A 984 -1.25 -15.02 5.78
C VAL A 984 -1.95 -16.24 6.39
N VAL A 985 -3.28 -16.18 6.48
CA VAL A 985 -4.04 -17.38 6.78
C VAL A 985 -4.80 -17.78 5.52
N THR A 986 -4.61 -19.03 5.11
CA THR A 986 -5.28 -19.57 3.94
C THR A 986 -6.24 -20.69 4.35
N GLU A 987 -7.53 -20.52 4.04
CA GLU A 987 -8.52 -21.54 4.39
C GLU A 987 -9.19 -22.17 3.17
N ASN A 988 -9.08 -23.50 3.06
CA ASN A 988 -9.92 -24.24 2.13
C ASN A 988 -11.35 -24.25 2.68
N THR A 989 -12.27 -23.60 1.98
CA THR A 989 -13.63 -23.41 2.49
C THR A 989 -14.58 -24.50 1.98
N MET A 990 -14.06 -25.39 1.15
CA MET A 990 -14.89 -26.44 0.61
C MET A 990 -15.00 -27.62 1.59
N ARG A 991 -16.24 -27.99 1.91
CA ARG A 991 -16.51 -29.21 2.68
C ARG A 991 -17.49 -30.04 1.90
N ARG A 992 -17.19 -31.33 1.72
CA ARG A 992 -18.13 -32.26 1.11
C ARG A 992 -18.62 -31.73 -0.25
N GLY A 993 -17.72 -31.09 -0.98
CA GLY A 993 -18.01 -30.62 -2.34
C GLY A 993 -18.74 -29.30 -2.47
N PHE A 994 -18.81 -28.53 -1.39
CA PHE A 994 -19.45 -27.22 -1.45
C PHE A 994 -18.71 -26.22 -0.61
N ALA A 995 -18.76 -24.96 -1.04
CA ALA A 995 -18.09 -23.85 -0.39
C ALA A 995 -19.00 -22.63 -0.48
N PRO A 996 -18.97 -21.76 0.52
CA PRO A 996 -19.70 -20.50 0.44
C PRO A 996 -19.15 -19.65 -0.71
N ILE A 997 -20.03 -18.91 -1.39
CA ILE A 997 -19.59 -18.01 -2.46
C ILE A 997 -19.36 -16.65 -1.85
N GLU A 998 -18.14 -16.15 -1.96
CA GLU A 998 -17.80 -14.85 -1.39
C GLU A 998 -17.87 -13.75 -2.45
N GLU A 999 -18.05 -12.52 -2.00
CA GLU A 999 -18.19 -11.34 -2.86
C GLU A 999 -17.26 -11.33 -4.06
N ASP A 1000 -15.96 -11.26 -3.78
CA ASP A 1000 -14.97 -11.01 -4.81
C ASP A 1000 -14.41 -12.29 -5.43
N ASP A 1001 -15.11 -13.41 -5.24
CA ASP A 1001 -14.74 -14.66 -5.90
C ASP A 1001 -14.81 -14.54 -7.42
N ASP A 1002 -13.77 -14.99 -8.12
CA ASP A 1002 -13.91 -15.29 -9.53
C ASP A 1002 -14.88 -16.47 -9.64
N TRP A 1003 -16.07 -16.20 -10.17
CA TRP A 1003 -17.08 -17.25 -10.30
C TRP A 1003 -17.62 -17.32 -11.73
N VAL A 1004 -18.87 -17.77 -11.90
CA VAL A 1004 -19.47 -17.99 -13.22
C VAL A 1004 -20.70 -17.10 -13.50
N ASN B 4 -38.02 -28.80 -31.83
CA ASN B 4 -38.95 -29.61 -32.61
C ASN B 4 -40.37 -29.56 -32.02
N SER B 5 -41.18 -28.62 -32.54
CA SER B 5 -42.47 -28.24 -31.94
C SER B 5 -43.40 -29.38 -31.53
N GLU B 6 -43.65 -30.32 -32.44
CA GLU B 6 -44.60 -31.39 -32.19
C GLU B 6 -44.16 -32.30 -31.04
N LEU B 7 -42.91 -32.73 -31.06
CA LEU B 7 -42.38 -33.60 -30.02
C LEU B 7 -42.35 -32.84 -28.69
N ASN B 8 -41.97 -31.57 -28.76
CA ASN B 8 -41.89 -30.77 -27.54
C ASN B 8 -43.25 -30.61 -26.88
N THR B 9 -44.31 -30.59 -27.68
CA THR B 9 -45.65 -30.48 -27.14
C THR B 9 -46.10 -31.78 -26.46
N LYS B 10 -45.69 -32.91 -27.04
CA LYS B 10 -45.95 -34.21 -26.42
C LYS B 10 -45.21 -34.34 -25.08
N ILE B 11 -43.99 -33.83 -25.05
CA ILE B 11 -43.17 -33.86 -23.84
C ILE B 11 -43.83 -33.03 -22.73
N VAL B 12 -44.19 -31.80 -23.06
CA VAL B 12 -44.85 -30.90 -22.11
C VAL B 12 -46.15 -31.50 -21.55
N ASN B 13 -46.99 -32.05 -22.42
CA ASN B 13 -48.22 -32.70 -21.97
C ASN B 13 -47.94 -33.90 -21.10
N ARG B 14 -46.85 -34.61 -21.40
CA ARG B 14 -46.44 -35.76 -20.62
C ARG B 14 -46.02 -35.28 -19.23
N GLY B 15 -45.27 -34.19 -19.20
CA GLY B 15 -44.90 -33.56 -17.94
C GLY B 15 -46.11 -33.10 -17.15
N LYS B 16 -47.11 -32.55 -17.84
CA LYS B 16 -48.31 -32.05 -17.17
C LYS B 16 -49.12 -33.18 -16.52
N GLU B 17 -49.20 -34.32 -17.19
CA GLU B 17 -49.91 -35.47 -16.64
C GLU B 17 -49.15 -35.97 -15.42
N PHE B 18 -47.83 -35.95 -15.52
CA PHE B 18 -46.98 -36.38 -14.43
C PHE B 18 -47.24 -35.58 -13.16
N PHE B 19 -47.18 -34.26 -13.28
CA PHE B 19 -47.43 -33.37 -12.15
C PHE B 19 -48.85 -33.57 -11.63
N GLY B 20 -49.78 -33.77 -12.55
CA GLY B 20 -51.17 -34.01 -12.21
C GLY B 20 -51.33 -35.25 -11.36
N SER B 21 -50.65 -36.32 -11.72
CA SER B 21 -50.78 -37.58 -11.01
C SER B 21 -49.99 -37.61 -9.68
N ILE B 22 -49.22 -36.56 -9.43
CA ILE B 22 -48.45 -36.45 -8.19
C ILE B 22 -49.36 -35.98 -7.05
N SER B 23 -50.44 -35.29 -7.42
CA SER B 23 -51.53 -34.92 -6.51
C SER B 23 -51.10 -33.94 -5.43
N GLY B 24 -50.04 -33.16 -5.70
CA GLY B 24 -49.58 -32.15 -4.77
C GLY B 24 -48.63 -32.66 -3.70
N GLU B 25 -48.36 -33.97 -3.70
CA GLU B 25 -47.48 -34.57 -2.71
C GLU B 25 -46.08 -33.97 -2.74
N LYS B 26 -45.56 -33.64 -1.56
CA LYS B 26 -44.19 -33.16 -1.46
C LYS B 26 -43.26 -34.27 -1.00
N PRO B 27 -42.04 -34.33 -1.55
CA PRO B 27 -41.00 -35.21 -0.99
C PRO B 27 -40.76 -34.82 0.47
N SER B 28 -40.30 -35.76 1.29
CA SER B 28 -40.12 -35.52 2.73
C SER B 28 -39.24 -34.30 3.04
N LEU B 29 -38.25 -34.03 2.19
CA LEU B 29 -37.35 -32.91 2.42
C LEU B 29 -38.07 -31.56 2.29
N PHE B 30 -39.23 -31.57 1.65
CA PHE B 30 -40.00 -30.34 1.44
C PHE B 30 -41.30 -30.36 2.23
N ASN B 31 -41.41 -31.32 3.13
CA ASN B 31 -42.52 -31.40 4.07
C ASN B 31 -42.33 -30.44 5.26
N LYS B 32 -43.05 -29.33 5.24
CA LYS B 32 -43.01 -28.33 6.31
C LYS B 32 -43.47 -28.88 7.66
N GLY B 33 -44.16 -30.01 7.65
CA GLY B 33 -44.67 -30.58 8.87
C GLY B 33 -43.64 -31.47 9.53
N ALA B 34 -42.58 -31.80 8.78
CA ALA B 34 -41.52 -32.67 9.29
C ALA B 34 -40.30 -31.85 9.69
N TRP B 35 -39.50 -32.43 10.58
CA TRP B 35 -38.32 -31.72 11.07
C TRP B 35 -37.32 -31.42 9.94
N MET B 36 -37.01 -32.43 9.12
CA MET B 36 -36.05 -32.24 8.03
C MET B 36 -36.50 -31.14 7.06
N GLY B 37 -37.80 -31.10 6.81
CA GLY B 37 -38.39 -30.10 5.94
C GLY B 37 -38.26 -28.72 6.53
N LYS B 38 -38.52 -28.59 7.83
CA LYS B 38 -38.35 -27.32 8.54
C LYS B 38 -36.90 -26.85 8.46
N ALA B 39 -35.98 -27.78 8.66
CA ALA B 39 -34.56 -27.48 8.59
C ALA B 39 -34.16 -27.08 7.19
N MET B 40 -34.74 -27.74 6.19
CA MET B 40 -34.39 -27.41 4.82
C MET B 40 -35.03 -26.09 4.39
N ASP B 41 -36.25 -25.87 4.89
CA ASP B 41 -36.97 -24.64 4.62
C ASP B 41 -36.16 -23.44 5.13
N TRP B 42 -35.68 -23.53 6.36
CA TRP B 42 -34.89 -22.43 6.90
C TRP B 42 -33.53 -22.29 6.19
N SER B 43 -32.91 -23.42 5.82
CA SER B 43 -31.66 -23.38 5.06
C SER B 43 -31.83 -22.67 3.72
N MET B 44 -32.99 -22.87 3.11
CA MET B 44 -33.27 -22.28 1.81
C MET B 44 -33.58 -20.79 1.91
N GLN B 45 -34.05 -20.36 3.08
CA GLN B 45 -34.34 -18.95 3.32
C GLN B 45 -33.12 -18.18 3.83
N ASN B 46 -32.17 -18.89 4.43
CA ASN B 46 -31.09 -18.26 5.17
C ASN B 46 -29.75 -18.96 4.89
N GLU B 47 -28.97 -18.38 3.97
CA GLU B 47 -27.71 -18.99 3.54
C GLU B 47 -26.69 -19.22 4.66
N GLN B 48 -26.65 -18.34 5.65
CA GLN B 48 -25.74 -18.54 6.78
C GLN B 48 -26.11 -19.84 7.52
N PHE B 49 -27.40 -20.04 7.75
CA PHE B 49 -27.85 -21.25 8.40
C PHE B 49 -27.58 -22.49 7.56
N LYS B 50 -27.89 -22.43 6.27
CA LYS B 50 -27.60 -23.54 5.37
C LYS B 50 -26.14 -23.98 5.49
N ILE B 51 -25.24 -23.02 5.48
CA ILE B 51 -23.81 -23.31 5.62
C ILE B 51 -23.51 -23.95 6.98
N GLN B 52 -24.03 -23.35 8.05
CA GLN B 52 -23.83 -23.90 9.38
C GLN B 52 -24.41 -25.33 9.51
N MET B 53 -25.65 -25.50 9.06
CA MET B 53 -26.36 -26.78 9.17
C MET B 53 -25.66 -27.89 8.37
N PHE B 54 -25.27 -27.59 7.14
CA PHE B 54 -24.67 -28.58 6.26
C PHE B 54 -23.24 -28.95 6.70
N ARG B 55 -22.49 -27.96 7.19
CA ARG B 55 -21.16 -28.24 7.75
C ARG B 55 -21.27 -29.05 9.04
N PHE B 56 -22.35 -28.79 9.80
CA PHE B 56 -22.59 -29.57 11.01
C PHE B 56 -22.87 -31.02 10.67
N VAL B 57 -23.66 -31.26 9.62
CA VAL B 57 -24.00 -32.63 9.29
C VAL B 57 -22.74 -33.35 8.81
N ASP B 58 -21.88 -32.62 8.10
CA ASP B 58 -20.62 -33.16 7.62
C ASP B 58 -19.69 -33.59 8.77
N VAL B 59 -19.55 -32.76 9.80
CA VAL B 59 -18.68 -33.10 10.93
C VAL B 59 -19.32 -34.08 11.95
N PHE B 60 -20.66 -34.13 11.96
CA PHE B 60 -21.44 -34.98 12.88
C PHE B 60 -20.89 -36.38 13.22
N PRO B 61 -20.57 -37.21 12.21
CA PRO B 61 -20.12 -38.55 12.62
C PRO B 61 -18.77 -38.61 13.36
N SER B 62 -18.07 -37.48 13.48
CA SER B 62 -16.82 -37.47 14.22
CA SER B 62 -16.81 -37.44 14.22
C SER B 62 -17.05 -36.95 15.63
N LEU B 63 -18.28 -36.53 15.94
CA LEU B 63 -18.60 -36.05 17.27
C LEU B 63 -18.93 -37.24 18.18
N THR B 64 -17.90 -38.02 18.50
CA THR B 64 -18.07 -39.32 19.14
C THR B 64 -18.12 -39.28 20.67
N THR B 65 -17.89 -38.10 21.27
CA THR B 65 -18.06 -37.99 22.71
C THR B 65 -19.07 -36.90 23.03
N SER B 66 -19.60 -36.90 24.24
CA SER B 66 -20.63 -35.95 24.62
C SER B 66 -20.11 -34.50 24.61
N LYS B 67 -18.88 -34.30 25.04
CA LYS B 67 -18.26 -32.98 25.05
C LYS B 67 -18.06 -32.42 23.61
N LEU B 68 -17.57 -33.25 22.70
CA LEU B 68 -17.40 -32.86 21.31
C LEU B 68 -18.74 -32.43 20.72
N LEU B 69 -19.76 -33.25 20.97
CA LEU B 69 -21.08 -33.02 20.43
C LEU B 69 -21.66 -31.70 20.94
N THR B 70 -21.63 -31.53 22.26
CA THR B 70 -22.21 -30.35 22.89
C THR B 70 -21.50 -29.08 22.44
N GLU B 71 -20.18 -29.14 22.36
CA GLU B 71 -19.42 -27.97 21.99
C GLU B 71 -19.62 -27.58 20.52
N HIS B 72 -19.63 -28.56 19.63
CA HIS B 72 -19.84 -28.28 18.22
C HIS B 72 -21.25 -27.72 17.96
N ILE B 73 -22.22 -28.18 18.73
CA ILE B 73 -23.59 -27.72 18.58
C ILE B 73 -23.65 -26.24 18.91
N ARG B 74 -23.01 -25.87 20.02
CA ARG B 74 -22.92 -24.46 20.42
C ARG B 74 -22.16 -23.62 19.38
N GLU B 75 -21.06 -24.14 18.87
CA GLU B 75 -20.20 -23.42 17.94
C GLU B 75 -20.85 -23.22 16.56
N TYR B 76 -21.71 -24.15 16.17
CA TYR B 76 -22.35 -24.07 14.87
C TYR B 76 -23.68 -23.36 14.92
N PHE B 77 -24.44 -23.56 16.00
CA PHE B 77 -25.80 -23.04 16.07
C PHE B 77 -26.03 -21.95 17.12
N GLY B 78 -25.02 -21.65 17.94
CA GLY B 78 -25.20 -20.71 19.03
C GLY B 78 -25.93 -21.32 20.23
N ASN B 79 -26.21 -20.52 21.26
CA ASN B 79 -26.96 -21.00 22.42
C ASN B 79 -28.42 -21.30 22.08
N GLU B 80 -29.14 -21.95 23.00
CA GLU B 80 -30.52 -22.37 22.75
C GLU B 80 -31.44 -21.25 22.27
N GLN B 81 -31.24 -20.05 22.80
CA GLN B 81 -32.08 -18.91 22.43
C GLN B 81 -31.57 -18.15 21.20
N ASP B 82 -30.62 -18.75 20.48
CA ASP B 82 -30.10 -18.20 19.24
C ASP B 82 -30.62 -19.00 18.05
N MET B 83 -31.19 -20.16 18.36
CA MET B 83 -31.53 -21.14 17.34
C MET B 83 -32.92 -20.93 16.76
N PRO B 84 -33.18 -21.48 15.56
CA PRO B 84 -34.54 -21.43 15.01
C PRO B 84 -35.52 -22.28 15.83
N ALA B 85 -36.81 -21.98 15.71
CA ALA B 85 -37.84 -22.65 16.50
C ALA B 85 -37.85 -24.18 16.39
N PHE B 86 -37.80 -24.70 15.16
CA PHE B 86 -37.84 -26.14 14.93
C PHE B 86 -36.71 -26.88 15.67
N MET B 87 -35.67 -26.16 16.05
CA MET B 87 -34.63 -26.71 16.89
C MET B 87 -35.00 -26.53 18.35
N ALA B 103 -27.49 -33.93 28.00
CA ALA B 103 -28.05 -32.80 27.28
C ALA B 103 -29.24 -33.24 26.42
N VAL B 104 -30.36 -32.53 26.57
CA VAL B 104 -31.59 -32.85 25.83
C VAL B 104 -31.55 -32.33 24.40
N LEU B 105 -30.94 -31.16 24.20
CA LEU B 105 -30.74 -30.62 22.86
C LEU B 105 -29.94 -31.61 22.03
N ASN B 106 -28.91 -32.18 22.66
CA ASN B 106 -28.10 -33.22 22.04
C ASN B 106 -28.95 -34.36 21.47
N LYS B 107 -30.06 -34.68 22.15
CA LYS B 107 -30.90 -35.81 21.75
C LYS B 107 -31.77 -35.52 20.53
N VAL B 108 -32.55 -34.44 20.58
CA VAL B 108 -33.43 -34.12 19.46
C VAL B 108 -32.65 -33.84 18.17
N LEU B 109 -31.48 -33.23 18.31
CA LEU B 109 -30.64 -32.97 17.16
C LEU B 109 -30.07 -34.30 16.61
N THR B 110 -29.35 -35.03 17.45
CA THR B 110 -28.79 -36.32 17.06
C THR B 110 -29.81 -37.26 16.41
N SER B 111 -30.99 -37.37 17.01
CA SER B 111 -31.99 -38.32 16.54
C SER B 111 -32.52 -37.92 15.17
N ASN B 112 -32.78 -36.63 14.98
CA ASN B 112 -33.32 -36.16 13.71
C ASN B 112 -32.34 -36.29 12.54
N ILE B 113 -31.07 -36.02 12.81
CA ILE B 113 -30.04 -36.12 11.79
C ILE B 113 -29.86 -37.58 11.38
N GLU B 114 -29.77 -38.46 12.38
CA GLU B 114 -29.64 -39.90 12.12
C GLU B 114 -30.83 -40.42 11.32
N GLU B 115 -32.04 -40.01 11.72
CA GLU B 115 -33.24 -40.36 10.96
C GLU B 115 -33.15 -39.86 9.52
N MET B 116 -32.71 -38.61 9.32
CA MET B 116 -32.52 -38.09 7.96
C MET B 116 -31.57 -38.98 7.15
N ALA B 117 -30.44 -39.36 7.73
CA ALA B 117 -29.45 -40.17 7.01
C ALA B 117 -29.97 -41.58 6.67
N ARG B 118 -30.76 -42.17 7.56
CA ARG B 118 -31.26 -43.53 7.38
C ARG B 118 -32.23 -43.62 6.22
N GLN B 119 -32.94 -42.53 6.01
CA GLN B 119 -33.90 -42.36 4.91
C GLN B 119 -33.28 -42.64 3.52
N PHE B 120 -31.98 -42.39 3.38
CA PHE B 120 -31.30 -42.54 2.10
C PHE B 120 -30.52 -43.85 1.94
N ILE B 121 -30.56 -44.68 2.97
CA ILE B 121 -29.73 -45.89 3.03
C ILE B 121 -30.59 -47.14 3.19
N VAL B 122 -30.32 -48.20 2.43
CA VAL B 122 -31.15 -49.39 2.50
C VAL B 122 -30.76 -50.36 3.61
N GLY B 123 -29.63 -50.09 4.27
CA GLY B 123 -29.19 -50.91 5.38
C GLY B 123 -27.78 -50.63 5.85
N GLU B 124 -27.44 -51.18 7.03
CA GLU B 124 -26.10 -51.08 7.57
C GLU B 124 -25.34 -52.39 7.36
N THR B 125 -26.06 -53.51 7.43
CA THR B 125 -25.48 -54.82 7.24
C THR B 125 -25.97 -55.42 5.93
N THR B 126 -25.21 -56.38 5.40
CA THR B 126 -25.57 -57.02 4.14
C THR B 126 -26.93 -57.71 4.23
N LYS B 127 -27.17 -58.46 5.30
CA LYS B 127 -28.45 -59.10 5.51
C LYS B 127 -29.62 -58.12 5.68
N GLU B 128 -29.33 -56.92 6.18
CA GLU B 128 -30.38 -55.90 6.31
C GLU B 128 -30.69 -55.32 4.93
N ALA B 129 -29.64 -55.03 4.18
CA ALA B 129 -29.79 -54.51 2.81
C ALA B 129 -30.62 -55.47 1.99
N VAL B 130 -30.25 -56.74 2.04
CA VAL B 130 -30.98 -57.79 1.34
C VAL B 130 -32.46 -57.86 1.74
N LYS B 131 -32.74 -57.78 3.04
CA LYS B 131 -34.12 -57.81 3.50
C LYS B 131 -34.91 -56.65 2.89
N ASN B 132 -34.32 -55.46 2.94
CA ASN B 132 -34.98 -54.26 2.44
C ASN B 132 -35.13 -54.22 0.91
N LEU B 133 -34.18 -54.82 0.19
CA LEU B 133 -34.30 -54.97 -1.26
C LEU B 133 -35.55 -55.77 -1.62
N GLU B 134 -35.81 -56.85 -0.87
CA GLU B 134 -37.01 -57.65 -1.07
C GLU B 134 -38.30 -56.87 -0.82
N LYS B 135 -38.29 -56.02 0.20
CA LYS B 135 -39.42 -55.16 0.45
C LYS B 135 -39.67 -54.25 -0.75
N LEU B 136 -38.58 -53.72 -1.32
CA LEU B 136 -38.65 -52.82 -2.46
C LEU B 136 -39.26 -53.50 -3.67
N ARG B 137 -38.85 -54.75 -3.92
CA ARG B 137 -39.39 -55.54 -5.03
C ARG B 137 -40.88 -55.77 -4.85
N LYS B 138 -41.31 -55.94 -3.61
CA LYS B 138 -42.71 -56.15 -3.32
C LYS B 138 -43.52 -54.94 -3.75
N ASP B 139 -42.92 -53.76 -3.60
CA ASP B 139 -43.59 -52.52 -3.97
C ASP B 139 -43.40 -52.18 -5.44
N GLY B 140 -42.69 -53.04 -6.16
CA GLY B 140 -42.54 -52.89 -7.59
C GLY B 140 -41.22 -52.28 -8.07
N PHE B 141 -40.31 -52.01 -7.14
CA PHE B 141 -39.04 -51.38 -7.51
C PHE B 141 -37.87 -52.33 -7.65
N ALA B 142 -37.10 -52.16 -8.73
CA ALA B 142 -35.82 -52.83 -8.88
C ALA B 142 -34.77 -52.02 -8.14
N ALA B 143 -33.55 -52.53 -8.07
CA ALA B 143 -32.50 -51.83 -7.34
C ALA B 143 -31.14 -51.92 -7.99
N VAL B 144 -30.31 -50.90 -7.76
CA VAL B 144 -28.88 -51.02 -7.99
C VAL B 144 -28.23 -50.75 -6.65
N VAL B 145 -27.37 -51.66 -6.19
CA VAL B 145 -26.78 -51.52 -4.86
C VAL B 145 -25.36 -51.00 -4.94
N ASP B 146 -25.05 -50.04 -4.07
CA ASP B 146 -23.74 -49.41 -4.09
C ASP B 146 -23.25 -49.39 -2.65
N VAL B 147 -21.96 -49.62 -2.46
CA VAL B 147 -21.43 -49.76 -1.10
C VAL B 147 -20.91 -48.44 -0.58
N LEU B 148 -21.46 -47.98 0.55
CA LEU B 148 -20.97 -46.76 1.19
C LEU B 148 -19.60 -47.01 1.79
N GLY B 149 -18.71 -46.04 1.67
CA GLY B 149 -17.39 -46.16 2.25
C GLY B 149 -16.70 -44.81 2.36
N GLU B 150 -15.82 -44.69 3.34
CA GLU B 150 -14.93 -43.55 3.43
C GLU B 150 -13.94 -43.67 2.28
N ALA B 151 -13.24 -42.58 1.96
CA ALA B 151 -12.30 -42.60 0.86
C ALA B 151 -11.31 -43.75 1.06
N THR B 152 -10.99 -44.45 -0.03
CA THR B 152 -9.99 -45.51 0.04
C THR B 152 -8.61 -44.86 0.05
N LEU B 153 -7.88 -45.08 1.13
CA LEU B 153 -6.55 -44.47 1.29
C LEU B 153 -5.45 -45.52 1.31
N SER B 154 -5.78 -46.79 1.10
CA SER B 154 -4.76 -47.82 1.15
C SER B 154 -5.17 -49.07 0.39
N GLU B 155 -4.24 -49.99 0.22
CA GLU B 155 -4.55 -51.25 -0.44
C GLU B 155 -5.48 -52.08 0.46
N GLU B 156 -5.24 -52.02 1.77
CA GLU B 156 -6.09 -52.72 2.71
C GLU B 156 -7.53 -52.22 2.57
N GLU B 157 -7.71 -50.90 2.46
CA GLU B 157 -9.05 -50.36 2.38
C GLU B 157 -9.73 -50.74 1.05
N ALA B 158 -8.95 -50.78 -0.03
CA ALA B 158 -9.46 -51.21 -1.33
C ALA B 158 -9.89 -52.66 -1.29
N GLU B 159 -9.13 -53.48 -0.57
CA GLU B 159 -9.49 -54.89 -0.40
C GLU B 159 -10.77 -55.06 0.40
N VAL B 160 -10.94 -54.28 1.47
CA VAL B 160 -12.16 -54.35 2.29
C VAL B 160 -13.39 -53.94 1.47
N TYR B 161 -13.22 -52.94 0.62
CA TYR B 161 -14.27 -52.46 -0.26
C TYR B 161 -14.64 -53.54 -1.28
N THR B 162 -13.63 -54.07 -1.95
CA THR B 162 -13.82 -55.18 -2.90
C THR B 162 -14.55 -56.39 -2.28
N ASN B 163 -14.09 -56.82 -1.12
CA ASN B 163 -14.68 -57.96 -0.43
C ASN B 163 -16.10 -57.70 0.05
N THR B 164 -16.40 -56.44 0.34
CA THR B 164 -17.77 -56.08 0.70
C THR B 164 -18.71 -56.39 -0.46
N TYR B 165 -18.30 -56.03 -1.67
CA TYR B 165 -19.06 -56.40 -2.87
C TYR B 165 -19.15 -57.91 -3.05
N LEU B 166 -18.04 -58.59 -2.83
CA LEU B 166 -18.03 -60.05 -2.99
C LEU B 166 -19.01 -60.70 -2.00
N GLU B 167 -19.04 -60.18 -0.77
CA GLU B 167 -19.94 -60.68 0.25
C GLU B 167 -21.38 -60.42 -0.15
N LEU B 168 -21.62 -59.21 -0.64
CA LEU B 168 -22.95 -58.80 -1.06
C LEU B 168 -23.45 -59.69 -2.20
N LEU B 169 -22.58 -59.95 -3.16
CA LEU B 169 -22.94 -60.79 -4.31
C LEU B 169 -23.26 -62.22 -3.88
N GLU B 170 -22.49 -62.75 -2.93
CA GLU B 170 -22.77 -64.09 -2.41
C GLU B 170 -24.14 -64.16 -1.73
N ALA B 171 -24.49 -63.14 -0.95
CA ALA B 171 -25.80 -63.08 -0.32
C ALA B 171 -26.91 -63.00 -1.36
N LEU B 172 -26.70 -62.19 -2.40
CA LEU B 172 -27.72 -62.04 -3.43
C LEU B 172 -27.84 -63.28 -4.31
N LYS B 173 -26.72 -63.97 -4.54
CA LYS B 173 -26.73 -65.23 -5.30
C LYS B 173 -27.70 -66.23 -4.66
N LYS B 174 -27.68 -66.31 -3.33
CA LYS B 174 -28.54 -67.24 -2.59
C LYS B 174 -30.01 -66.82 -2.57
N GLU B 175 -30.28 -65.53 -2.76
CA GLU B 175 -31.62 -65.00 -2.59
C GLU B 175 -32.38 -64.87 -3.89
N GLN B 176 -31.65 -64.60 -4.98
CA GLN B 176 -32.30 -64.16 -6.20
C GLN B 176 -33.19 -65.23 -6.82
N GLY B 177 -32.83 -66.50 -6.63
CA GLY B 177 -33.60 -67.59 -7.20
C GLY B 177 -35.02 -67.60 -6.68
N SER B 178 -35.21 -67.11 -5.46
CA SER B 178 -36.52 -67.12 -4.83
C SER B 178 -37.33 -65.86 -5.13
N TRP B 179 -36.73 -64.92 -5.85
CA TRP B 179 -37.43 -63.69 -6.21
C TRP B 179 -38.16 -63.84 -7.52
N LYS B 180 -39.45 -63.54 -7.53
CA LYS B 180 -40.19 -63.49 -8.78
C LYS B 180 -39.79 -62.22 -9.53
N GLY B 181 -39.55 -62.34 -10.83
CA GLY B 181 -39.18 -61.20 -11.64
C GLY B 181 -40.28 -60.17 -11.72
N LEU B 182 -39.91 -58.89 -11.65
CA LEU B 182 -40.88 -57.81 -11.77
C LEU B 182 -41.65 -57.91 -13.07
N PRO B 183 -42.96 -57.64 -13.02
CA PRO B 183 -43.81 -57.89 -14.18
C PRO B 183 -43.52 -56.94 -15.32
N GLY B 184 -43.57 -57.47 -16.53
CA GLY B 184 -43.32 -56.69 -17.72
C GLY B 184 -44.38 -56.98 -18.75
N LYS B 185 -44.15 -56.54 -19.98
CA LYS B 185 -45.10 -56.78 -21.06
C LYS B 185 -44.70 -57.99 -21.90
N GLY B 186 -43.49 -58.50 -21.70
CA GLY B 186 -43.00 -59.63 -22.46
C GLY B 186 -41.58 -60.02 -22.08
N GLY B 187 -41.04 -61.05 -22.72
CA GLY B 187 -39.70 -61.51 -22.41
C GLY B 187 -39.63 -62.69 -21.45
N ASP B 188 -38.61 -62.71 -20.60
CA ASP B 188 -38.33 -63.83 -19.71
C ASP B 188 -38.97 -63.61 -18.34
N PRO B 189 -39.89 -64.51 -17.94
CA PRO B 189 -40.59 -64.33 -16.67
C PRO B 189 -39.65 -64.47 -15.46
N GLY B 190 -38.47 -65.04 -15.68
CA GLY B 190 -37.49 -65.10 -14.61
C GLY B 190 -36.66 -63.82 -14.50
N LEU B 191 -36.88 -62.87 -15.40
CA LEU B 191 -36.10 -61.65 -15.40
C LEU B 191 -36.97 -60.43 -15.09
N ASP B 192 -36.38 -59.36 -14.55
CA ASP B 192 -37.17 -58.18 -14.23
C ASP B 192 -37.71 -57.48 -15.48
N TRP B 193 -39.02 -57.28 -15.48
CA TRP B 193 -39.74 -56.73 -16.62
C TRP B 193 -39.59 -57.60 -17.86
N GLY B 194 -39.14 -58.84 -17.65
CA GLY B 194 -38.92 -59.76 -18.75
C GLY B 194 -37.52 -59.70 -19.36
N HIS B 195 -36.65 -58.82 -18.85
CA HIS B 195 -35.34 -58.66 -19.49
C HIS B 195 -34.17 -58.25 -18.60
N ALA B 196 -34.40 -57.55 -17.49
CA ALA B 196 -33.27 -57.06 -16.68
C ALA B 196 -32.83 -58.07 -15.61
N PRO B 197 -31.51 -58.31 -15.50
CA PRO B 197 -31.00 -59.17 -14.44
C PRO B 197 -31.46 -58.65 -13.07
N LYS B 198 -31.78 -59.54 -12.14
CA LYS B 198 -32.32 -59.14 -10.84
C LYS B 198 -31.27 -58.52 -9.92
N VAL B 199 -30.02 -58.93 -10.11
CA VAL B 199 -28.92 -58.38 -9.32
C VAL B 199 -28.13 -57.35 -10.13
N ASN B 200 -28.05 -56.14 -9.59
CA ASN B 200 -27.49 -54.99 -10.27
C ASN B 200 -26.70 -54.21 -9.22
N ILE B 201 -25.39 -54.14 -9.40
CA ILE B 201 -24.55 -53.39 -8.46
C ILE B 201 -23.73 -52.32 -9.21
N ALA B 202 -23.33 -51.29 -8.46
CA ALA B 202 -22.53 -50.22 -8.99
C ALA B 202 -21.30 -50.09 -8.10
N VAL B 203 -20.16 -49.80 -8.73
CA VAL B 203 -18.88 -49.71 -8.03
C VAL B 203 -18.23 -48.36 -8.38
N LYS B 204 -17.59 -47.73 -7.39
CA LYS B 204 -16.85 -46.48 -7.64
C LYS B 204 -15.42 -46.84 -7.91
N PRO B 205 -14.96 -46.61 -9.16
CA PRO B 205 -13.61 -46.98 -9.62
C PRO B 205 -12.47 -46.54 -8.71
N THR B 206 -12.43 -45.28 -8.29
CA THR B 206 -11.29 -44.82 -7.49
C THR B 206 -11.27 -45.41 -6.09
N ALA B 207 -12.39 -45.98 -5.65
CA ALA B 207 -12.38 -46.63 -4.35
C ALA B 207 -11.57 -47.93 -4.41
N LEU B 208 -11.18 -48.34 -5.62
CA LEU B 208 -10.44 -49.57 -5.86
C LEU B 208 -8.92 -49.36 -5.87
N PHE B 209 -8.48 -48.10 -5.78
CA PHE B 209 -7.06 -47.77 -5.85
C PHE B 209 -6.83 -46.37 -5.30
N CYS B 210 -6.18 -46.31 -4.14
CA CYS B 210 -6.00 -45.07 -3.40
C CYS B 210 -5.08 -44.05 -4.06
N LEU B 211 -4.25 -44.50 -5.00
CA LEU B 211 -3.35 -43.57 -5.70
C LEU B 211 -3.81 -43.28 -7.12
N ALA B 212 -5.10 -43.47 -7.39
CA ALA B 212 -5.63 -43.20 -8.73
C ALA B 212 -5.32 -41.75 -9.16
N ASN B 213 -4.57 -41.60 -10.25
CA ASN B 213 -4.05 -40.30 -10.68
C ASN B 213 -3.63 -40.37 -12.14
N PRO B 214 -4.17 -39.48 -13.00
CA PRO B 214 -3.81 -39.54 -14.43
C PRO B 214 -2.34 -39.21 -14.69
N GLN B 215 -1.68 -38.65 -13.68
CA GLN B 215 -0.22 -38.47 -13.76
C GLN B 215 0.45 -39.85 -13.93
N ASP B 216 -0.11 -40.86 -13.29
CA ASP B 216 0.28 -42.26 -13.55
C ASP B 216 -0.93 -42.95 -14.18
N PHE B 217 -1.18 -42.63 -15.46
CA PHE B 217 -2.40 -43.09 -16.13
C PHE B 217 -2.50 -44.61 -16.28
N GLU B 218 -1.46 -45.23 -16.84
CA GLU B 218 -1.46 -46.68 -17.05
C GLU B 218 -1.52 -47.44 -15.73
N GLY B 219 -0.75 -46.98 -14.74
CA GLY B 219 -0.76 -47.64 -13.44
C GLY B 219 -2.12 -47.58 -12.78
N SER B 220 -2.80 -46.45 -12.94
CA SER B 220 -4.11 -46.24 -12.32
C SER B 220 -5.15 -47.13 -12.99
N VAL B 221 -5.13 -47.20 -14.32
CA VAL B 221 -6.06 -48.05 -15.04
C VAL B 221 -5.90 -49.51 -14.62
N VAL B 222 -4.65 -50.00 -14.62
CA VAL B 222 -4.38 -51.40 -14.27
C VAL B 222 -4.80 -51.78 -12.86
N ALA B 223 -4.41 -50.94 -11.88
CA ALA B 223 -4.73 -51.24 -10.50
C ALA B 223 -6.25 -51.32 -10.28
N ILE B 224 -6.97 -50.37 -10.85
CA ILE B 224 -8.42 -50.34 -10.75
C ILE B 224 -9.05 -51.51 -11.51
N LEU B 225 -8.58 -51.72 -12.73
CA LEU B 225 -9.11 -52.82 -13.56
C LEU B 225 -8.94 -54.17 -12.88
N ASP B 226 -7.82 -54.39 -12.20
CA ASP B 226 -7.57 -55.69 -11.60
C ASP B 226 -8.62 -56.04 -10.55
N ARG B 227 -8.98 -55.06 -9.73
CA ARG B 227 -10.01 -55.25 -8.71
C ARG B 227 -11.40 -55.26 -9.32
N MET B 228 -11.65 -54.36 -10.26
CA MET B 228 -12.94 -54.35 -10.95
C MET B 228 -13.21 -55.72 -11.59
N ARG B 229 -12.14 -56.36 -12.09
CA ARG B 229 -12.28 -57.65 -12.75
C ARG B 229 -12.72 -58.73 -11.77
N ARG B 230 -12.14 -58.71 -10.58
CA ARG B 230 -12.54 -59.65 -9.54
C ARG B 230 -14.03 -59.52 -9.21
N ILE B 231 -14.49 -58.29 -9.02
CA ILE B 231 -15.91 -58.04 -8.76
C ILE B 231 -16.77 -58.51 -9.93
N PHE B 232 -16.33 -58.17 -11.14
CA PHE B 232 -17.08 -58.50 -12.36
C PHE B 232 -17.27 -60.02 -12.58
N LYS B 233 -16.21 -60.80 -12.34
CA LYS B 233 -16.31 -62.25 -12.48
C LYS B 233 -17.43 -62.83 -11.59
N LYS B 234 -17.52 -62.34 -10.36
CA LYS B 234 -18.57 -62.77 -9.44
C LYS B 234 -19.96 -62.31 -9.92
N VAL B 235 -20.05 -61.08 -10.45
CA VAL B 235 -21.29 -60.59 -11.04
C VAL B 235 -21.73 -61.49 -12.19
N MET B 236 -20.79 -61.81 -13.07
CA MET B 236 -21.09 -62.64 -14.23
C MET B 236 -21.52 -64.04 -13.78
N GLU B 237 -20.91 -64.51 -12.70
CA GLU B 237 -21.23 -65.81 -12.13
C GLU B 237 -22.70 -65.95 -11.74
N LEU B 238 -23.36 -64.84 -11.41
CA LEU B 238 -24.79 -64.92 -11.14
C LEU B 238 -25.63 -64.19 -12.19
N ASN B 239 -25.02 -63.92 -13.33
CA ASN B 239 -25.71 -63.28 -14.44
C ASN B 239 -26.27 -61.93 -14.04
N GLY B 240 -25.50 -61.16 -13.27
CA GLY B 240 -25.95 -59.88 -12.80
C GLY B 240 -25.44 -58.74 -13.68
N PHE B 241 -25.73 -57.52 -13.24
CA PHE B 241 -25.31 -56.32 -13.96
C PHE B 241 -24.31 -55.57 -13.07
N LEU B 242 -23.22 -55.11 -13.69
CA LEU B 242 -22.25 -54.24 -13.01
C LEU B 242 -22.24 -52.89 -13.71
N CYS B 243 -22.42 -51.82 -12.93
CA CYS B 243 -22.30 -50.49 -13.49
C CYS B 243 -21.07 -49.84 -12.88
N ILE B 244 -20.24 -49.28 -13.75
CA ILE B 244 -19.09 -48.50 -13.29
C ILE B 244 -19.51 -47.04 -13.15
N ASP B 245 -19.55 -46.55 -11.91
CA ASP B 245 -19.94 -45.16 -11.64
C ASP B 245 -18.89 -44.24 -12.23
N MET B 246 -19.28 -43.00 -12.51
CA MET B 246 -18.32 -42.00 -12.98
C MET B 246 -18.07 -40.97 -11.90
N GLU B 247 -16.79 -40.71 -11.60
CA GLU B 247 -16.47 -39.78 -10.53
C GLU B 247 -16.01 -38.42 -11.08
N SER B 248 -15.07 -37.75 -10.41
CA SER B 248 -14.74 -36.37 -10.79
C SER B 248 -13.90 -36.33 -12.08
N TYR B 249 -13.88 -35.17 -12.73
CA TYR B 249 -13.22 -35.01 -14.04
C TYR B 249 -11.77 -35.52 -14.09
N ARG B 250 -11.06 -35.35 -12.98
CA ARG B 250 -9.67 -35.82 -12.83
C ARG B 250 -9.51 -37.29 -13.23
N HIS B 251 -10.54 -38.10 -13.03
CA HIS B 251 -10.43 -39.55 -13.27
C HIS B 251 -11.28 -40.04 -14.43
N LYS B 252 -11.95 -39.11 -15.11
CA LYS B 252 -12.92 -39.48 -16.16
C LYS B 252 -12.29 -40.34 -17.27
N GLU B 253 -11.13 -39.93 -17.78
CA GLU B 253 -10.47 -40.70 -18.84
C GLU B 253 -9.97 -42.06 -18.34
N ILE B 254 -9.46 -42.09 -17.11
CA ILE B 254 -9.05 -43.35 -16.51
C ILE B 254 -10.23 -44.32 -16.44
N ILE B 255 -11.38 -43.83 -15.96
CA ILE B 255 -12.55 -44.67 -15.78
C ILE B 255 -13.09 -45.18 -17.13
N LEU B 256 -13.10 -44.30 -18.13
CA LEU B 256 -13.48 -44.73 -19.48
C LEU B 256 -12.57 -45.84 -19.99
N GLU B 257 -11.27 -45.70 -19.75
CA GLU B 257 -10.32 -46.72 -20.20
C GLU B 257 -10.54 -48.04 -19.45
N VAL B 258 -10.83 -47.96 -18.15
CA VAL B 258 -11.12 -49.17 -17.37
C VAL B 258 -12.33 -49.91 -17.97
N PHE B 259 -13.42 -49.19 -18.20
CA PHE B 259 -14.61 -49.78 -18.83
C PHE B 259 -14.32 -50.43 -20.20
N ARG B 260 -13.64 -49.70 -21.07
CA ARG B 260 -13.32 -50.22 -22.40
C ARG B 260 -12.54 -51.55 -22.31
N ARG B 261 -11.50 -51.57 -21.48
CA ARG B 261 -10.69 -52.78 -21.33
C ARG B 261 -11.47 -53.96 -20.75
N LEU B 262 -12.29 -53.71 -19.72
CA LEU B 262 -13.06 -54.77 -19.10
C LEU B 262 -14.10 -55.31 -20.07
N LYS B 263 -14.68 -54.40 -20.85
CA LYS B 263 -15.66 -54.77 -21.85
C LYS B 263 -15.06 -55.71 -22.89
N LEU B 264 -13.86 -55.38 -23.37
CA LEU B 264 -13.18 -56.19 -24.38
C LEU B 264 -12.73 -57.56 -23.86
N GLU B 265 -12.37 -57.63 -22.57
CA GLU B 265 -12.08 -58.92 -21.96
C GLU B 265 -13.30 -59.85 -21.98
N TYR B 266 -14.48 -59.27 -21.89
CA TYR B 266 -15.72 -60.05 -21.90
C TYR B 266 -16.71 -59.48 -22.90
N ARG B 267 -16.31 -59.50 -24.17
CA ARG B 267 -17.07 -58.86 -25.23
C ARG B 267 -18.48 -59.43 -25.37
N ASP B 268 -18.65 -60.67 -24.89
CA ASP B 268 -19.90 -61.39 -25.03
C ASP B 268 -20.85 -61.14 -23.85
N TYR B 269 -20.35 -60.52 -22.79
CA TYR B 269 -21.21 -60.28 -21.62
C TYR B 269 -21.94 -58.93 -21.72
N PRO B 270 -23.28 -58.97 -21.77
CA PRO B 270 -24.06 -57.77 -22.08
C PRO B 270 -24.28 -56.81 -20.91
N HIS B 271 -24.23 -57.31 -19.68
CA HIS B 271 -24.67 -56.52 -18.53
C HIS B 271 -23.53 -55.77 -17.86
N LEU B 272 -22.87 -54.91 -18.61
CA LEU B 272 -21.81 -54.07 -18.06
C LEU B 272 -22.10 -52.64 -18.44
N GLY B 273 -22.22 -51.77 -17.44
CA GLY B 273 -22.60 -50.39 -17.72
C GLY B 273 -21.56 -49.36 -17.33
N ILE B 274 -21.65 -48.20 -17.96
CA ILE B 274 -20.76 -47.08 -17.62
C ILE B 274 -21.65 -45.85 -17.40
N VAL B 275 -21.22 -44.96 -16.51
CA VAL B 275 -21.90 -43.68 -16.31
C VAL B 275 -21.25 -42.57 -17.14
N LEU B 276 -22.08 -41.77 -17.81
CA LEU B 276 -21.59 -40.56 -18.49
C LEU B 276 -22.35 -39.36 -17.97
N GLN B 277 -21.68 -38.20 -17.94
CA GLN B 277 -22.22 -37.02 -17.29
C GLN B 277 -22.54 -35.89 -18.26
N ALA B 278 -23.82 -35.57 -18.37
CA ALA B 278 -24.28 -34.55 -19.31
C ALA B 278 -23.81 -33.15 -18.97
N TYR B 279 -23.34 -32.92 -17.75
CA TYR B 279 -22.84 -31.57 -17.46
C TYR B 279 -21.43 -31.27 -18.00
N LEU B 280 -20.74 -32.29 -18.52
CA LEU B 280 -19.41 -32.11 -19.11
C LEU B 280 -19.47 -31.65 -20.56
N LYS B 281 -18.72 -30.60 -20.86
CA LYS B 281 -18.60 -30.12 -22.25
C LYS B 281 -18.03 -31.25 -23.10
N ASP B 282 -17.18 -32.08 -22.49
CA ASP B 282 -16.61 -33.24 -23.16
C ASP B 282 -17.64 -34.29 -23.57
N ASN B 283 -18.82 -34.28 -22.96
CA ASN B 283 -19.68 -35.46 -23.09
C ASN B 283 -20.26 -35.73 -24.49
N ASP B 284 -20.50 -34.68 -25.29
CA ASP B 284 -20.97 -34.94 -26.64
C ASP B 284 -19.91 -35.76 -27.40
N LYS B 285 -18.64 -35.36 -27.29
CA LYS B 285 -17.57 -36.10 -27.94
C LYS B 285 -17.37 -37.50 -27.34
N ASP B 286 -17.34 -37.57 -26.00
CA ASP B 286 -17.15 -38.84 -25.31
C ASP B 286 -18.21 -39.86 -25.67
N LEU B 287 -19.47 -39.42 -25.68
CA LEU B 287 -20.57 -40.30 -26.01
C LEU B 287 -20.43 -40.80 -27.44
N ASP B 288 -20.07 -39.88 -28.33
CA ASP B 288 -19.88 -40.21 -29.73
C ASP B 288 -18.73 -41.20 -29.93
N ASP B 289 -17.60 -40.93 -29.26
CA ASP B 289 -16.43 -41.83 -29.31
C ASP B 289 -16.78 -43.22 -28.79
N LEU B 290 -17.48 -43.29 -27.68
CA LEU B 290 -17.87 -44.56 -27.07
C LEU B 290 -18.77 -45.38 -27.99
N LEU B 291 -19.76 -44.74 -28.60
CA LEU B 291 -20.64 -45.42 -29.53
C LEU B 291 -19.88 -45.91 -30.77
N ALA B 292 -19.00 -45.06 -31.30
CA ALA B 292 -18.18 -45.44 -32.46
C ALA B 292 -17.28 -46.61 -32.10
N TRP B 293 -16.64 -46.51 -30.94
CA TRP B 293 -15.77 -47.57 -30.43
C TRP B 293 -16.53 -48.88 -30.32
N ALA B 294 -17.75 -48.81 -29.78
CA ALA B 294 -18.57 -50.01 -29.60
C ALA B 294 -18.86 -50.65 -30.96
N LYS B 295 -19.21 -49.82 -31.95
CA LYS B 295 -19.43 -50.30 -33.31
C LYS B 295 -18.17 -50.95 -33.87
N GLU B 296 -17.04 -50.27 -33.72
CA GLU B 296 -15.76 -50.77 -34.24
C GLU B 296 -15.47 -52.18 -33.73
N HIS B 297 -15.66 -52.38 -32.42
CA HIS B 297 -15.34 -53.65 -31.78
C HIS B 297 -16.49 -54.65 -31.80
N LYS B 298 -17.60 -54.24 -32.42
CA LYS B 298 -18.80 -55.07 -32.51
C LYS B 298 -19.23 -55.61 -31.15
N VAL B 299 -19.29 -54.71 -30.16
CA VAL B 299 -19.83 -55.05 -28.85
C VAL B 299 -21.00 -54.13 -28.54
N GLN B 300 -21.77 -54.48 -27.52
CA GLN B 300 -22.84 -53.61 -27.03
C GLN B 300 -22.41 -53.01 -25.71
N ILE B 301 -23.05 -51.91 -25.32
CA ILE B 301 -22.72 -51.26 -24.07
C ILE B 301 -24.01 -50.83 -23.37
N SER B 302 -23.86 -50.35 -22.14
CA SER B 302 -24.97 -49.76 -21.41
C SER B 302 -24.48 -48.47 -20.80
N VAL B 303 -25.27 -47.42 -20.94
CA VAL B 303 -24.90 -46.13 -20.39
C VAL B 303 -25.97 -45.63 -19.41
N ARG B 304 -25.59 -45.40 -18.16
CA ARG B 304 -26.43 -44.63 -17.26
C ARG B 304 -26.08 -43.17 -17.43
N LEU B 305 -27.01 -42.38 -17.95
CA LEU B 305 -26.73 -40.97 -18.15
C LEU B 305 -27.22 -40.18 -16.95
N VAL B 306 -26.32 -39.39 -16.40
CA VAL B 306 -26.66 -38.50 -15.30
C VAL B 306 -26.29 -37.11 -15.74
N LYS B 307 -26.70 -36.10 -14.99
CA LYS B 307 -26.22 -34.76 -15.29
C LYS B 307 -24.81 -34.57 -14.73
N GLY B 308 -24.63 -34.92 -13.45
CA GLY B 308 -23.31 -34.88 -12.85
C GLY B 308 -23.35 -34.43 -11.40
N ALA B 309 -22.54 -35.08 -10.57
CA ALA B 309 -22.62 -34.95 -9.11
C ALA B 309 -21.67 -33.92 -8.52
N TYR B 310 -20.70 -33.46 -9.30
CA TYR B 310 -19.59 -32.70 -8.74
C TYR B 310 -19.53 -31.25 -9.26
N TRP B 311 -20.68 -30.63 -9.53
CA TRP B 311 -20.67 -29.35 -10.27
C TRP B 311 -19.84 -28.24 -9.59
N ASP B 312 -20.11 -27.98 -8.31
CA ASP B 312 -19.38 -26.94 -7.57
C ASP B 312 -17.91 -27.26 -7.47
N TYR B 313 -17.62 -28.51 -7.15
CA TYR B 313 -16.24 -28.97 -7.07
C TYR B 313 -15.44 -28.71 -8.34
N GLU B 314 -15.99 -29.08 -9.50
CA GLU B 314 -15.25 -28.94 -10.75
C GLU B 314 -14.98 -27.49 -11.10
N THR B 315 -15.97 -26.63 -10.84
CA THR B 315 -15.86 -25.22 -11.14
C THR B 315 -14.79 -24.62 -10.24
N VAL B 316 -14.82 -24.98 -8.96
CA VAL B 316 -13.85 -24.45 -8.00
C VAL B 316 -12.45 -24.94 -8.35
N LYS B 317 -12.32 -26.23 -8.61
CA LYS B 317 -11.02 -26.83 -8.93
C LYS B 317 -10.37 -26.23 -10.18
N ALA B 318 -11.17 -26.02 -11.22
CA ALA B 318 -10.69 -25.44 -12.46
C ALA B 318 -10.29 -23.98 -12.25
N LYS B 319 -11.15 -23.23 -11.57
CA LYS B 319 -10.84 -21.84 -11.26
C LYS B 319 -9.55 -21.70 -10.43
N GLN B 320 -9.30 -22.65 -9.53
CA GLN B 320 -8.11 -22.60 -8.68
C GLN B 320 -6.82 -22.92 -9.44
N ASN B 321 -6.94 -23.47 -10.65
CA ASN B 321 -5.76 -23.92 -11.39
C ASN B 321 -5.67 -23.31 -12.78
N ASP B 322 -6.55 -22.34 -13.03
CA ASP B 322 -6.68 -21.68 -14.34
CA ASP B 322 -6.65 -21.68 -14.32
C ASP B 322 -6.79 -22.69 -15.46
N TRP B 323 -7.59 -23.73 -15.21
CA TRP B 323 -7.97 -24.69 -16.23
C TRP B 323 -9.31 -24.23 -16.78
N GLU B 324 -9.63 -24.63 -18.00
CA GLU B 324 -10.98 -24.40 -18.52
C GLU B 324 -11.94 -25.21 -17.64
N VAL B 325 -13.01 -24.55 -17.19
CA VAL B 325 -14.06 -25.23 -16.46
C VAL B 325 -14.64 -26.35 -17.33
N PRO B 326 -14.62 -27.58 -16.81
CA PRO B 326 -15.06 -28.71 -17.66
C PRO B 326 -16.58 -28.90 -17.70
N VAL B 327 -17.30 -28.18 -16.85
CA VAL B 327 -18.76 -28.28 -16.82
C VAL B 327 -19.43 -27.05 -17.46
N TRP B 328 -20.61 -27.22 -18.03
CA TRP B 328 -21.46 -26.08 -18.37
C TRP B 328 -21.74 -25.34 -17.07
N THR B 329 -21.98 -24.04 -17.16
CA THR B 329 -22.17 -23.22 -15.97
C THR B 329 -23.52 -22.53 -15.94
N ILE B 330 -24.32 -22.78 -16.97
CA ILE B 330 -25.72 -22.40 -16.96
C ILE B 330 -26.46 -23.72 -16.85
N LYS B 331 -27.33 -23.84 -15.85
CA LYS B 331 -27.93 -25.13 -15.49
C LYS B 331 -28.73 -25.73 -16.64
N ALA B 332 -29.42 -24.88 -17.39
CA ALA B 332 -30.21 -25.34 -18.52
C ALA B 332 -29.37 -25.97 -19.64
N GLU B 333 -28.09 -25.62 -19.69
CA GLU B 333 -27.19 -26.22 -20.67
C GLU B 333 -27.00 -27.71 -20.37
N SER B 334 -26.93 -28.04 -19.09
CA SER B 334 -26.84 -29.43 -18.68
C SER B 334 -28.12 -30.19 -19.01
N ASP B 335 -29.26 -29.56 -18.76
CA ASP B 335 -30.55 -30.12 -19.15
C ASP B 335 -30.63 -30.35 -20.67
N ALA B 336 -30.22 -29.33 -21.43
CA ALA B 336 -30.28 -29.42 -22.88
C ALA B 336 -29.32 -30.50 -23.39
N ALA B 337 -28.14 -30.57 -22.78
CA ALA B 337 -27.16 -31.61 -23.09
C ALA B 337 -27.77 -32.99 -22.84
N TYR B 338 -28.43 -33.15 -21.70
CA TYR B 338 -29.04 -34.43 -21.34
C TYR B 338 -30.03 -34.89 -22.39
N GLU B 339 -30.94 -33.99 -22.78
CA GLU B 339 -31.96 -34.37 -23.75
C GLU B 339 -31.36 -34.74 -25.10
N ARG B 340 -30.34 -33.99 -25.49
CA ARG B 340 -29.62 -34.22 -26.74
C ARG B 340 -28.90 -35.58 -26.72
N GLN B 341 -28.18 -35.83 -25.63
CA GLN B 341 -27.42 -37.08 -25.49
C GLN B 341 -28.31 -38.31 -25.25
N ALA B 342 -29.40 -38.14 -24.52
CA ALA B 342 -30.38 -39.21 -24.37
C ALA B 342 -30.98 -39.61 -25.74
N ARG B 343 -31.32 -38.62 -26.57
CA ARG B 343 -31.81 -38.91 -27.91
C ARG B 343 -30.80 -39.72 -28.72
N LYS B 344 -29.54 -39.31 -28.68
CA LYS B 344 -28.45 -40.00 -29.38
C LYS B 344 -28.36 -41.47 -28.95
N ILE B 345 -28.48 -41.71 -27.65
CA ILE B 345 -28.40 -43.07 -27.12
C ILE B 345 -29.59 -43.92 -27.59
N LEU B 346 -30.78 -43.33 -27.53
CA LEU B 346 -32.00 -44.02 -27.91
C LEU B 346 -31.97 -44.37 -29.39
N GLU B 347 -31.52 -43.45 -30.22
CA GLU B 347 -31.35 -43.71 -31.65
C GLU B 347 -30.42 -44.89 -31.86
N ASN B 348 -29.48 -45.06 -30.93
CA ASN B 348 -28.52 -46.13 -31.02
C ASN B 348 -28.82 -47.27 -30.04
N HIS B 349 -30.10 -47.51 -29.81
CA HIS B 349 -30.55 -48.57 -28.88
C HIS B 349 -30.05 -49.95 -29.27
N GLN B 350 -29.72 -50.16 -30.54
CA GLN B 350 -29.17 -51.44 -30.97
C GLN B 350 -27.85 -51.74 -30.27
N ILE B 351 -26.98 -50.74 -30.18
CA ILE B 351 -25.70 -50.94 -29.50
C ILE B 351 -25.70 -50.50 -28.05
N CYS B 352 -26.61 -49.60 -27.68
CA CYS B 352 -26.54 -48.97 -26.37
C CYS B 352 -27.81 -49.06 -25.54
N HIS B 353 -27.75 -49.83 -24.46
CA HIS B 353 -28.81 -49.88 -23.45
C HIS B 353 -28.78 -48.58 -22.63
N PHE B 354 -29.95 -48.08 -22.25
CA PHE B 354 -30.03 -46.77 -21.61
C PHE B 354 -30.66 -46.79 -20.21
N ALA B 355 -29.96 -46.22 -19.24
CA ALA B 355 -30.59 -45.92 -17.96
C ALA B 355 -30.68 -44.42 -17.78
N CYS B 356 -31.92 -43.92 -17.81
CA CYS B 356 -32.20 -42.52 -17.50
C CYS B 356 -32.15 -42.29 -15.99
N ALA B 357 -31.12 -41.57 -15.53
CA ALA B 357 -30.93 -41.34 -14.12
C ALA B 357 -31.19 -39.88 -13.77
N SER B 358 -32.43 -39.56 -13.37
CA SER B 358 -32.83 -38.17 -13.19
C SER B 358 -34.11 -38.06 -12.38
N HIS B 359 -34.22 -37.00 -11.58
CA HIS B 359 -35.45 -36.75 -10.81
C HIS B 359 -36.23 -35.60 -11.41
N ASN B 360 -35.74 -35.12 -12.55
CA ASN B 360 -36.38 -34.02 -13.27
C ASN B 360 -37.50 -34.51 -14.18
N ILE B 361 -38.72 -34.01 -13.94
CA ILE B 361 -39.89 -34.45 -14.70
C ILE B 361 -39.85 -34.07 -16.19
N ARG B 362 -39.28 -32.91 -16.48
CA ARG B 362 -39.07 -32.53 -17.88
C ARG B 362 -38.13 -33.54 -18.56
N THR B 363 -36.98 -33.78 -17.93
CA THR B 363 -36.01 -34.74 -18.45
C THR B 363 -36.64 -36.12 -18.68
N ILE B 364 -37.30 -36.63 -17.64
CA ILE B 364 -37.97 -37.92 -17.70
C ILE B 364 -38.99 -37.97 -18.80
N SER B 365 -39.80 -36.92 -18.88
CA SER B 365 -40.83 -36.83 -19.90
C SER B 365 -40.21 -36.80 -21.31
N ALA B 366 -39.10 -36.07 -21.44
CA ALA B 366 -38.39 -35.99 -22.71
C ALA B 366 -37.94 -37.37 -23.14
N VAL B 367 -37.31 -38.09 -22.22
CA VAL B 367 -36.82 -39.43 -22.52
C VAL B 367 -37.98 -40.33 -22.94
N MET B 368 -39.06 -40.30 -22.17
CA MET B 368 -40.23 -41.13 -22.44
C MET B 368 -40.78 -40.89 -23.86
N GLU B 369 -40.94 -39.61 -24.22
CA GLU B 369 -41.53 -39.27 -25.52
C GLU B 369 -40.58 -39.50 -26.69
N MET B 370 -39.30 -39.22 -26.50
CA MET B 370 -38.31 -39.52 -27.53
C MET B 370 -38.25 -41.02 -27.80
N ALA B 371 -38.25 -41.82 -26.73
CA ALA B 371 -38.23 -43.27 -26.86
C ALA B 371 -39.46 -43.79 -27.59
N ARG B 372 -40.62 -43.20 -27.30
CA ARG B 372 -41.85 -43.61 -27.98
C ARG B 372 -41.79 -43.18 -29.44
N GLU B 373 -41.34 -41.95 -29.69
CA GLU B 373 -41.20 -41.43 -31.06
C GLU B 373 -40.22 -42.25 -31.91
N LEU B 374 -39.19 -42.81 -31.28
CA LEU B 374 -38.22 -43.65 -31.99
C LEU B 374 -38.58 -45.14 -31.92
N ASN B 375 -39.72 -45.44 -31.30
CA ASN B 375 -40.18 -46.82 -31.10
C ASN B 375 -39.13 -47.75 -30.46
N VAL B 376 -38.38 -47.23 -29.51
CA VAL B 376 -37.34 -48.00 -28.85
C VAL B 376 -37.98 -49.13 -28.02
N PRO B 377 -37.49 -50.36 -28.20
CA PRO B 377 -37.94 -51.51 -27.39
C PRO B 377 -37.73 -51.19 -25.91
N GLU B 378 -38.68 -51.57 -25.07
CA GLU B 378 -38.65 -51.21 -23.65
C GLU B 378 -37.50 -51.85 -22.88
N ASP B 379 -36.98 -52.95 -23.43
CA ASP B 379 -35.83 -53.63 -22.84
C ASP B 379 -34.52 -52.91 -23.15
N ARG B 380 -34.61 -51.75 -23.80
CA ARG B 380 -33.40 -50.99 -24.11
C ARG B 380 -33.30 -49.74 -23.24
N TYR B 381 -34.29 -49.53 -22.37
CA TYR B 381 -34.25 -48.38 -21.49
C TYR B 381 -35.08 -48.50 -20.22
N GLU B 382 -34.49 -48.03 -19.11
CA GLU B 382 -35.16 -48.04 -17.82
C GLU B 382 -34.87 -46.73 -17.13
N PHE B 383 -35.52 -46.51 -16.00
CA PHE B 383 -35.38 -45.26 -15.28
C PHE B 383 -34.82 -45.53 -13.88
N GLN B 384 -34.03 -44.60 -13.37
CA GLN B 384 -33.38 -44.78 -12.09
C GLN B 384 -33.45 -43.51 -11.26
N VAL B 385 -33.64 -43.66 -9.96
CA VAL B 385 -33.60 -42.53 -9.03
C VAL B 385 -32.89 -42.92 -7.73
N LEU B 386 -32.55 -41.93 -6.92
CA LEU B 386 -31.90 -42.18 -5.65
C LEU B 386 -32.92 -42.61 -4.61
N TYR B 387 -32.62 -43.71 -3.92
CA TYR B 387 -33.46 -44.22 -2.84
C TYR B 387 -33.70 -43.12 -1.82
N GLY B 388 -34.94 -43.02 -1.35
CA GLY B 388 -35.26 -42.11 -0.26
C GLY B 388 -35.48 -40.64 -0.62
N MET B 389 -35.37 -40.28 -1.90
CA MET B 389 -35.70 -38.92 -2.27
C MET B 389 -36.64 -38.80 -3.48
N ALA B 390 -37.10 -37.58 -3.74
CA ALA B 390 -38.10 -37.28 -4.77
C ALA B 390 -39.22 -38.33 -4.81
N GLU B 391 -39.73 -38.69 -3.63
CA GLU B 391 -40.70 -39.77 -3.49
C GLU B 391 -41.87 -39.73 -4.48
N PRO B 392 -42.55 -38.57 -4.61
CA PRO B 392 -43.64 -38.59 -5.59
C PRO B 392 -43.15 -38.76 -7.04
N VAL B 393 -41.95 -38.27 -7.35
CA VAL B 393 -41.38 -38.52 -8.68
C VAL B 393 -41.18 -40.03 -8.88
N ARG B 394 -40.60 -40.68 -7.87
CA ARG B 394 -40.39 -42.13 -7.88
C ARG B 394 -41.69 -42.90 -8.16
N LYS B 395 -42.75 -42.54 -7.44
CA LYS B 395 -44.02 -43.23 -7.58
C LYS B 395 -44.68 -42.91 -8.91
N GLY B 396 -44.48 -41.68 -9.38
CA GLY B 396 -44.98 -41.27 -10.68
C GLY B 396 -44.31 -42.04 -11.81
N ILE B 397 -43.00 -42.25 -11.67
CA ILE B 397 -42.29 -43.04 -12.68
C ILE B 397 -42.86 -44.45 -12.70
N LEU B 398 -42.97 -45.06 -11.52
CA LEU B 398 -43.58 -46.38 -11.43
C LEU B 398 -44.92 -46.47 -12.15
N LYS B 399 -45.81 -45.50 -11.92
CA LYS B 399 -47.15 -45.54 -12.53
C LYS B 399 -47.12 -45.38 -14.04
N VAL B 400 -46.24 -44.50 -14.55
CA VAL B 400 -46.24 -44.17 -15.97
C VAL B 400 -45.27 -45.00 -16.81
N ALA B 401 -44.04 -45.15 -16.34
CA ALA B 401 -43.02 -45.90 -17.09
C ALA B 401 -42.97 -47.38 -16.73
N GLY B 402 -43.29 -47.70 -15.47
CA GLY B 402 -43.33 -49.08 -15.04
C GLY B 402 -41.97 -49.65 -14.65
N ARG B 403 -40.91 -49.26 -15.36
CA ARG B 403 -39.58 -49.83 -15.10
C ARG B 403 -38.68 -48.83 -14.37
N ILE B 404 -38.64 -48.94 -13.05
CA ILE B 404 -37.94 -47.97 -12.22
C ILE B 404 -37.02 -48.70 -11.25
N ARG B 405 -35.77 -48.24 -11.17
CA ARG B 405 -34.75 -48.89 -10.37
C ARG B 405 -34.25 -47.90 -9.33
N LEU B 406 -34.28 -48.32 -8.07
CA LEU B 406 -33.78 -47.46 -7.01
C LEU B 406 -32.30 -47.67 -6.78
N TYR B 407 -31.56 -46.57 -6.76
CA TYR B 407 -30.15 -46.61 -6.39
C TYR B 407 -30.03 -46.71 -4.88
N ALA B 408 -29.45 -47.80 -4.39
CA ALA B 408 -29.58 -48.18 -3.00
C ALA B 408 -28.25 -48.31 -2.27
N PRO B 409 -27.83 -47.23 -1.60
CA PRO B 409 -26.58 -47.24 -0.84
C PRO B 409 -26.74 -48.06 0.43
N TYR B 410 -25.68 -48.74 0.82
CA TYR B 410 -25.75 -49.43 2.10
C TYR B 410 -24.40 -49.47 2.77
N GLY B 411 -24.42 -49.50 4.10
CA GLY B 411 -23.19 -49.55 4.85
C GLY B 411 -23.21 -48.66 6.08
N ASN B 412 -22.01 -48.25 6.45
CA ASN B 412 -21.76 -47.56 7.71
C ASN B 412 -22.25 -46.10 7.72
N MET B 413 -22.69 -45.65 8.89
CA MET B 413 -23.27 -44.33 9.03
C MET B 413 -22.27 -43.19 8.81
N VAL B 414 -20.98 -43.48 8.94
CA VAL B 414 -19.98 -42.43 8.76
C VAL B 414 -19.96 -41.92 7.31
N PRO B 415 -19.74 -42.83 6.33
CA PRO B 415 -19.90 -42.29 4.97
C PRO B 415 -21.37 -41.97 4.68
N GLY B 416 -22.28 -42.56 5.45
CA GLY B 416 -23.70 -42.27 5.32
C GLY B 416 -24.05 -40.81 5.55
N MET B 417 -23.30 -40.14 6.41
CA MET B 417 -23.54 -38.73 6.70
C MET B 417 -23.04 -37.83 5.58
N GLY B 418 -21.90 -38.18 5.00
CA GLY B 418 -21.37 -37.41 3.88
C GLY B 418 -22.30 -37.52 2.68
N TYR B 419 -22.86 -38.71 2.49
CA TYR B 419 -23.83 -38.93 1.43
C TYR B 419 -25.08 -38.09 1.68
N LEU B 420 -25.51 -38.01 2.94
CA LEU B 420 -26.67 -37.20 3.29
C LEU B 420 -26.45 -35.71 2.98
N VAL B 421 -25.28 -35.19 3.32
CA VAL B 421 -24.96 -33.80 3.05
C VAL B 421 -25.14 -33.46 1.56
N ARG B 422 -24.68 -34.39 0.72
CA ARG B 422 -24.78 -34.26 -0.73
C ARG B 422 -26.22 -34.28 -1.19
N ARG B 423 -27.06 -35.08 -0.53
CA ARG B 423 -28.47 -35.12 -0.89
C ARG B 423 -29.15 -33.81 -0.53
N LEU B 424 -28.80 -33.27 0.65
CA LEU B 424 -29.35 -32.01 1.13
C LEU B 424 -28.96 -30.87 0.17
N LEU B 425 -27.69 -30.86 -0.22
CA LEU B 425 -27.19 -29.90 -1.23
C LEU B 425 -27.93 -30.02 -2.56
N GLU B 426 -28.07 -31.25 -3.05
CA GLU B 426 -28.77 -31.49 -4.30
C GLU B 426 -30.22 -31.00 -4.26
N ASN B 427 -30.89 -31.22 -3.14
CA ASN B 427 -32.31 -30.88 -3.05
C ASN B 427 -32.56 -29.39 -2.85
N THR B 428 -31.62 -28.69 -2.23
CA THR B 428 -31.84 -27.30 -1.85
C THR B 428 -31.15 -26.26 -2.74
N ALA B 429 -30.48 -26.72 -3.80
CA ALA B 429 -29.81 -25.79 -4.73
C ALA B 429 -30.83 -24.87 -5.40
N ASN B 430 -30.43 -23.63 -5.66
CA ASN B 430 -31.31 -22.65 -6.28
C ASN B 430 -31.83 -23.16 -7.61
N GLU B 431 -30.99 -23.91 -8.31
CA GLU B 431 -31.30 -24.36 -9.67
C GLU B 431 -31.94 -25.76 -9.68
N SER B 432 -32.03 -26.39 -8.51
CA SER B 432 -32.62 -27.71 -8.39
C SER B 432 -34.05 -27.78 -8.90
N PHE B 433 -34.30 -28.70 -9.82
CA PHE B 433 -35.65 -28.96 -10.28
C PHE B 433 -36.58 -29.28 -9.10
N LEU B 434 -36.06 -30.03 -8.13
CA LEU B 434 -36.88 -30.45 -6.99
C LEU B 434 -37.26 -29.26 -6.11
N ARG B 435 -36.29 -28.40 -5.82
CA ARG B 435 -36.57 -27.19 -5.06
C ARG B 435 -37.62 -26.33 -5.78
N GLN B 436 -37.38 -26.04 -7.05
CA GLN B 436 -38.30 -25.19 -7.81
C GLN B 436 -39.70 -25.78 -7.91
N SER B 437 -39.80 -27.10 -8.00
CA SER B 437 -41.12 -27.74 -8.08
C SER B 437 -41.84 -27.76 -6.73
N PHE B 438 -41.09 -28.04 -5.66
CA PHE B 438 -41.71 -28.45 -4.40
C PHE B 438 -41.59 -27.45 -3.24
N ALA B 439 -40.59 -26.58 -3.32
CA ALA B 439 -40.44 -25.50 -2.34
C ALA B 439 -40.96 -24.16 -2.89
N GLU B 440 -40.62 -23.84 -4.13
CA GLU B 440 -40.78 -22.49 -4.67
C GLU B 440 -42.09 -22.25 -5.44
N ASP B 441 -42.88 -23.29 -5.64
CA ASP B 441 -44.14 -23.19 -6.41
C ASP B 441 -43.96 -22.56 -7.78
N ALA B 442 -42.88 -22.93 -8.47
CA ALA B 442 -42.61 -22.42 -9.81
C ALA B 442 -43.72 -22.81 -10.78
N GLN B 443 -43.94 -22.00 -11.81
CA GLN B 443 -44.95 -22.28 -12.82
C GLN B 443 -44.60 -23.54 -13.61
N ILE B 444 -45.59 -24.38 -13.85
CA ILE B 444 -45.42 -25.65 -14.57
C ILE B 444 -44.91 -25.45 -16.00
N GLU B 445 -45.44 -24.45 -16.69
CA GLU B 445 -45.02 -24.17 -18.06
C GLU B 445 -43.54 -23.83 -18.11
N ARG B 446 -43.08 -23.10 -17.10
CA ARG B 446 -41.66 -22.75 -17.02
C ARG B 446 -40.81 -23.99 -16.71
N LEU B 447 -41.24 -24.76 -15.71
CA LEU B 447 -40.53 -26.00 -15.32
C LEU B 447 -40.40 -26.97 -16.50
N LEU B 448 -41.43 -27.01 -17.36
CA LEU B 448 -41.49 -27.99 -18.43
C LEU B 448 -41.03 -27.50 -19.81
N GLU B 449 -40.55 -26.26 -19.91
CA GLU B 449 -40.21 -25.74 -21.23
C GLU B 449 -38.94 -26.41 -21.77
N ASP B 450 -38.80 -26.42 -23.10
CA ASP B 450 -37.60 -26.93 -23.74
C ASP B 450 -36.38 -26.23 -23.16
N PRO B 451 -35.48 -26.98 -22.52
CA PRO B 451 -34.30 -26.37 -21.92
C PRO B 451 -33.43 -25.66 -22.96
N ALA B 452 -33.56 -26.04 -24.22
CA ALA B 452 -32.83 -25.35 -25.27
C ALA B 452 -33.31 -23.89 -25.35
N VAL B 453 -34.62 -23.70 -25.24
CA VAL B 453 -35.19 -22.36 -25.14
C VAL B 453 -34.64 -21.66 -23.90
N THR B 454 -34.65 -22.36 -22.77
CA THR B 454 -34.11 -21.82 -21.53
C THR B 454 -32.66 -21.34 -21.71
N VAL B 455 -31.85 -22.15 -22.40
CA VAL B 455 -30.45 -21.82 -22.68
C VAL B 455 -30.29 -20.50 -23.43
N GLU B 456 -31.01 -20.36 -24.54
CA GLU B 456 -30.94 -19.14 -25.35
C GLU B 456 -31.33 -17.91 -24.54
N ARG B 457 -32.35 -18.05 -23.70
CA ARG B 457 -32.82 -16.94 -22.89
C ARG B 457 -31.85 -16.59 -21.78
N GLU B 458 -31.19 -17.60 -21.21
CA GLU B 458 -30.17 -17.35 -20.20
C GLU B 458 -28.88 -16.86 -20.85
N ARG B 459 -28.55 -17.41 -22.01
CA ARG B 459 -27.33 -17.00 -22.71
C ARG B 459 -27.31 -15.51 -23.05
N ALA B 460 -28.45 -14.99 -23.51
CA ALA B 460 -28.54 -13.59 -23.90
C ALA B 460 -28.64 -12.67 -22.69
N ALA B 461 -29.21 -13.18 -21.59
CA ALA B 461 -29.21 -12.45 -20.34
C ALA B 461 -27.80 -12.34 -19.76
N ARG B 462 -26.89 -13.17 -20.27
CA ARG B 462 -25.49 -13.12 -19.87
C ARG B 462 -24.61 -12.62 -21.02
N LYS B 471 -10.54 -6.90 -14.24
CA LYS B 471 -10.04 -5.68 -14.88
C LYS B 471 -8.56 -5.43 -14.61
N GLY B 472 -7.78 -5.25 -15.67
CA GLY B 472 -6.36 -5.00 -15.58
C GLY B 472 -6.00 -3.53 -15.74
N LEU B 473 -4.71 -3.21 -15.66
CA LEU B 473 -4.26 -1.81 -15.61
C LEU B 473 -3.21 -1.45 -16.66
N GLY B 474 -3.51 -0.43 -17.47
CA GLY B 474 -2.55 0.11 -18.42
C GLY B 474 -2.36 -0.74 -19.66
N GLY B 475 -3.45 -1.32 -20.15
CA GLY B 475 -3.40 -2.16 -21.33
C GLY B 475 -3.07 -3.60 -21.00
N LEU B 476 -2.53 -3.83 -19.80
CA LEU B 476 -2.21 -5.18 -19.34
C LEU B 476 -3.41 -5.87 -18.73
N PRO B 477 -3.63 -7.15 -19.07
CA PRO B 477 -4.64 -7.92 -18.36
C PRO B 477 -4.26 -8.08 -16.89
N PRO B 478 -5.25 -8.27 -15.99
CA PRO B 478 -4.95 -8.47 -14.57
C PRO B 478 -4.04 -9.66 -14.36
N PHE B 479 -3.41 -9.76 -13.19
CA PHE B 479 -2.60 -10.92 -12.91
C PHE B 479 -3.46 -12.17 -12.71
N ASN B 480 -3.01 -13.27 -13.31
CA ASN B 480 -3.57 -14.58 -13.00
C ASN B 480 -2.46 -15.60 -13.01
N ASN B 481 -2.54 -16.58 -12.12
CA ASN B 481 -1.53 -17.60 -12.04
C ASN B 481 -1.52 -18.46 -13.29
N GLU B 482 -0.33 -18.80 -13.76
CA GLU B 482 -0.16 -19.66 -14.92
C GLU B 482 -0.86 -20.99 -14.68
N ALA B 483 -1.53 -21.50 -15.70
CA ALA B 483 -2.26 -22.77 -15.61
C ALA B 483 -1.34 -23.93 -15.23
N MET B 484 -1.79 -24.74 -14.26
CA MET B 484 -1.02 -25.89 -13.83
C MET B 484 -1.06 -26.96 -14.91
N VAL B 485 -0.06 -27.84 -14.93
CA VAL B 485 -0.05 -28.96 -15.86
C VAL B 485 -1.28 -29.81 -15.61
N ASP B 486 -1.91 -30.30 -16.68
CA ASP B 486 -3.22 -30.95 -16.57
C ASP B 486 -3.15 -32.34 -17.21
N PHE B 487 -2.92 -33.36 -16.39
CA PHE B 487 -2.66 -34.70 -16.89
C PHE B 487 -3.94 -35.44 -17.29
N THR B 488 -5.10 -34.79 -17.19
CA THR B 488 -6.32 -35.31 -17.83
C THR B 488 -6.16 -35.28 -19.36
N ARG B 489 -5.25 -34.44 -19.84
CA ARG B 489 -4.96 -34.30 -21.27
C ARG B 489 -3.89 -35.29 -21.74
N ALA B 490 -4.16 -35.98 -22.84
CA ALA B 490 -3.19 -36.90 -23.41
C ALA B 490 -1.94 -36.18 -23.89
N ASP B 491 -2.10 -34.97 -24.39
CA ASP B 491 -0.91 -34.24 -24.87
C ASP B 491 0.02 -33.87 -23.71
N HIS B 492 -0.54 -33.48 -22.57
CA HIS B 492 0.31 -33.18 -21.41
C HIS B 492 1.00 -34.43 -20.89
N ARG B 493 0.31 -35.55 -20.91
CA ARG B 493 0.90 -36.82 -20.45
C ARG B 493 2.06 -37.25 -21.35
N ALA B 494 1.91 -37.02 -22.66
CA ALA B 494 2.90 -37.42 -23.65
C ALA B 494 4.08 -36.45 -23.74
N ALA B 495 3.88 -35.23 -23.27
CA ALA B 495 4.92 -34.20 -23.41
C ALA B 495 6.17 -34.50 -22.60
N PHE B 496 6.00 -35.05 -21.39
CA PHE B 496 7.15 -35.23 -20.50
C PHE B 496 8.21 -36.24 -20.97
N PRO B 497 7.80 -37.48 -21.30
CA PRO B 497 8.81 -38.41 -21.85
C PRO B 497 9.50 -37.84 -23.07
N LYS B 498 8.75 -37.15 -23.92
CA LYS B 498 9.33 -36.52 -25.11
C LYS B 498 10.35 -35.43 -24.75
N HIS B 499 10.01 -34.57 -23.80
CA HIS B 499 10.93 -33.49 -23.47
C HIS B 499 12.14 -33.96 -22.67
N ILE B 500 11.95 -35.02 -21.88
CA ILE B 500 13.06 -35.65 -21.18
C ILE B 500 14.05 -36.25 -22.20
N ALA B 501 13.54 -36.98 -23.19
CA ALA B 501 14.42 -37.52 -24.24
C ALA B 501 15.18 -36.40 -24.94
N GLN B 502 14.51 -35.27 -25.15
CA GLN B 502 15.13 -34.15 -25.85
C GLN B 502 16.23 -33.54 -24.98
N VAL B 503 15.96 -33.41 -23.68
CA VAL B 503 16.98 -32.92 -22.76
C VAL B 503 18.23 -33.81 -22.80
N ARG B 504 18.02 -35.13 -22.89
CA ARG B 504 19.13 -36.06 -22.90
C ARG B 504 20.05 -35.90 -24.10
N THR B 505 19.55 -35.31 -25.18
CA THR B 505 20.42 -35.03 -26.32
C THR B 505 21.25 -33.77 -26.05
N GLN B 506 20.96 -33.07 -24.97
CA GLN B 506 21.65 -31.81 -24.68
C GLN B 506 22.69 -31.92 -23.54
N LEU B 507 22.96 -33.14 -23.10
CA LEU B 507 23.81 -33.34 -21.93
C LEU B 507 25.29 -33.28 -22.28
N GLY B 508 26.11 -32.88 -21.32
CA GLY B 508 27.55 -32.88 -21.51
C GLY B 508 28.13 -31.53 -21.90
N LYS B 509 27.34 -30.48 -21.78
CA LYS B 509 27.84 -29.15 -22.10
C LYS B 509 28.59 -28.55 -20.92
N THR B 510 29.49 -27.63 -21.22
CA THR B 510 30.17 -26.85 -20.19
C THR B 510 29.52 -25.48 -20.11
N TYR B 511 29.11 -25.09 -18.91
CA TYR B 511 28.38 -23.85 -18.69
C TYR B 511 29.31 -22.81 -18.07
N PRO B 512 29.49 -21.68 -18.77
CA PRO B 512 30.43 -20.69 -18.28
C PRO B 512 29.76 -19.64 -17.40
N LEU B 513 30.54 -18.73 -16.85
CA LEU B 513 29.93 -17.61 -16.16
C LEU B 513 29.35 -16.70 -17.24
N PHE B 514 28.43 -15.82 -16.85
CA PHE B 514 27.92 -14.83 -17.78
C PHE B 514 27.98 -13.47 -17.11
N ILE B 515 28.88 -12.63 -17.60
CA ILE B 515 29.19 -11.35 -16.96
C ILE B 515 29.21 -10.23 -17.99
N ASN B 516 28.40 -9.20 -17.77
CA ASN B 516 28.33 -8.06 -18.65
C ASN B 516 28.07 -8.45 -20.10
N GLY B 517 27.14 -9.38 -20.28
CA GLY B 517 26.72 -9.83 -21.59
C GLY B 517 27.68 -10.80 -22.27
N LYS B 518 28.71 -11.23 -21.55
CA LYS B 518 29.72 -12.10 -22.17
C LYS B 518 29.91 -13.39 -21.38
N GLU B 519 30.32 -14.44 -22.09
CA GLU B 519 30.69 -15.66 -21.40
C GLU B 519 32.14 -15.61 -20.94
N VAL B 520 32.36 -15.96 -19.67
CA VAL B 520 33.68 -15.99 -19.08
C VAL B 520 33.92 -17.40 -18.57
N ARG B 521 34.98 -18.03 -19.07
CA ARG B 521 35.28 -19.41 -18.70
C ARG B 521 36.31 -19.43 -17.58
N THR B 522 36.12 -20.31 -16.60
CA THR B 522 37.17 -20.56 -15.63
C THR B 522 37.60 -22.01 -15.78
N ASN B 523 38.66 -22.39 -15.09
CA ASN B 523 39.18 -23.74 -15.22
C ASN B 523 38.84 -24.64 -14.03
N ASP B 524 38.01 -24.12 -13.12
CA ASP B 524 37.50 -24.93 -12.02
C ASP B 524 36.08 -25.38 -12.38
N LEU B 525 35.96 -26.66 -12.74
CA LEU B 525 34.69 -27.23 -13.19
C LEU B 525 34.13 -28.25 -12.20
N ILE B 526 32.84 -28.16 -11.88
CA ILE B 526 32.17 -29.12 -11.02
C ILE B 526 31.03 -29.75 -11.80
N PRO B 527 31.00 -31.10 -11.88
CA PRO B 527 29.92 -31.76 -12.61
C PRO B 527 28.58 -31.64 -11.91
N THR B 528 27.51 -31.65 -12.68
CA THR B 528 26.16 -31.70 -12.13
C THR B 528 25.52 -32.99 -12.64
N VAL B 529 24.93 -33.76 -11.74
CA VAL B 529 24.44 -35.09 -12.09
C VAL B 529 22.99 -35.34 -11.68
N ASN B 530 22.46 -36.43 -12.21
CA ASN B 530 21.12 -36.88 -11.93
C ASN B 530 21.10 -37.58 -10.57
N PRO B 531 20.40 -36.99 -9.59
CA PRO B 531 20.33 -37.58 -8.24
C PRO B 531 19.73 -39.00 -8.24
N ASN B 532 18.87 -39.28 -9.20
CA ASN B 532 18.27 -40.61 -9.28
C ASN B 532 19.14 -41.58 -10.06
N LYS B 533 20.19 -41.06 -10.71
CA LYS B 533 21.14 -41.89 -11.44
C LYS B 533 22.46 -41.13 -11.59
N PRO B 534 23.26 -41.09 -10.52
CA PRO B 534 24.40 -40.17 -10.47
C PRO B 534 25.44 -40.42 -11.56
N SER B 535 25.44 -41.62 -12.15
CA SER B 535 26.33 -41.88 -13.25
C SER B 535 25.97 -41.06 -14.50
N GLU B 536 24.76 -40.51 -14.54
CA GLU B 536 24.35 -39.63 -15.61
C GLU B 536 24.76 -38.19 -15.31
N VAL B 537 25.77 -37.71 -16.04
CA VAL B 537 26.31 -36.35 -15.85
C VAL B 537 25.64 -35.36 -16.80
N LEU B 538 24.97 -34.35 -16.25
CA LEU B 538 24.22 -33.43 -17.10
C LEU B 538 25.10 -32.35 -17.75
N GLY B 539 26.26 -32.08 -17.16
CA GLY B 539 27.21 -31.14 -17.72
C GLY B 539 28.20 -30.70 -16.67
N GLN B 540 29.07 -29.75 -17.05
CA GLN B 540 30.13 -29.24 -16.17
C GLN B 540 29.95 -27.74 -15.98
N ILE B 541 30.10 -27.25 -14.75
CA ILE B 541 29.86 -25.82 -14.48
C ILE B 541 31.14 -25.10 -14.06
N CYS B 542 31.44 -23.99 -14.75
CA CYS B 542 32.56 -23.14 -14.37
C CYS B 542 32.28 -22.47 -13.03
N GLN B 543 33.31 -22.39 -12.19
CA GLN B 543 33.19 -21.73 -10.88
C GLN B 543 33.89 -20.36 -10.90
N ALA B 544 33.23 -19.34 -10.37
CA ALA B 544 33.84 -18.03 -10.26
C ALA B 544 34.67 -17.93 -8.98
N GLY B 545 35.90 -17.46 -9.12
CA GLY B 545 36.71 -17.11 -7.96
C GLY B 545 36.35 -15.70 -7.55
N THR B 546 37.06 -15.15 -6.57
CA THR B 546 36.79 -13.79 -6.14
C THR B 546 37.04 -12.79 -7.26
N THR B 547 37.99 -13.09 -8.15
CA THR B 547 38.26 -12.20 -9.29
C THR B 547 37.01 -12.01 -10.14
N GLU B 548 36.39 -13.11 -10.52
CA GLU B 548 35.26 -13.03 -11.44
C GLU B 548 34.02 -12.46 -10.77
N VAL B 549 33.83 -12.80 -9.49
CA VAL B 549 32.73 -12.21 -8.74
C VAL B 549 32.93 -10.69 -8.63
N GLY B 550 34.17 -10.27 -8.43
CA GLY B 550 34.49 -8.84 -8.37
C GLY B 550 34.20 -8.18 -9.71
N ASP B 551 34.53 -8.88 -10.79
CA ASP B 551 34.22 -8.43 -12.14
C ASP B 551 32.73 -8.32 -12.37
N ALA B 552 31.97 -9.30 -11.91
CA ALA B 552 30.53 -9.26 -12.09
C ALA B 552 29.91 -8.08 -11.32
N ILE B 553 30.38 -7.87 -10.09
CA ILE B 553 29.94 -6.74 -9.29
C ILE B 553 30.29 -5.41 -9.97
N ALA B 554 31.47 -5.33 -10.59
CA ALA B 554 31.90 -4.11 -11.26
C ALA B 554 31.01 -3.84 -12.48
N ALA B 555 30.57 -4.91 -13.13
CA ALA B 555 29.75 -4.80 -14.32
C ALA B 555 28.33 -4.37 -13.95
N ALA B 556 27.81 -4.91 -12.86
CA ALA B 556 26.48 -4.55 -12.40
C ALA B 556 26.48 -3.08 -12.00
N LYS B 557 27.52 -2.69 -11.27
CA LYS B 557 27.63 -1.31 -10.82
C LYS B 557 27.75 -0.32 -12.00
N ALA B 558 28.48 -0.69 -13.05
CA ALA B 558 28.61 0.19 -14.22
C ALA B 558 27.29 0.26 -14.99
N ALA B 559 26.55 -0.84 -15.01
CA ALA B 559 25.25 -0.89 -15.69
C ALA B 559 24.14 -0.20 -14.90
N PHE B 560 24.34 -0.07 -13.59
CA PHE B 560 23.32 0.47 -12.69
C PHE B 560 22.71 1.87 -13.04
N PRO B 561 23.56 2.88 -13.34
CA PRO B 561 23.02 4.21 -13.63
C PRO B 561 22.00 4.28 -14.77
N ALA B 562 22.33 3.70 -15.92
CA ALA B 562 21.38 3.62 -17.04
C ALA B 562 20.15 2.76 -16.75
N TRP B 563 20.34 1.68 -16.00
CA TRP B 563 19.21 0.80 -15.69
C TRP B 563 18.27 1.48 -14.70
N ARG B 564 18.85 2.07 -13.65
CA ARG B 564 18.09 2.89 -12.72
C ARG B 564 17.28 3.98 -13.43
N ASP B 565 17.88 4.61 -14.45
CA ASP B 565 17.20 5.71 -15.16
C ASP B 565 16.21 5.21 -16.21
N THR B 566 16.11 3.90 -16.37
CA THR B 566 15.15 3.31 -17.30
C THR B 566 13.73 3.36 -16.70
N ASP B 567 12.78 3.80 -17.52
CA ASP B 567 11.39 3.90 -17.08
C ASP B 567 10.88 2.58 -16.47
N PRO B 568 10.20 2.65 -15.33
CA PRO B 568 9.73 1.42 -14.67
C PRO B 568 8.88 0.54 -15.57
N ARG B 569 8.04 1.15 -16.40
CA ARG B 569 7.22 0.39 -17.32
C ARG B 569 8.11 -0.36 -18.32
N THR B 570 9.21 0.27 -18.73
CA THR B 570 10.13 -0.37 -19.68
C THR B 570 10.86 -1.52 -19.00
N ARG B 571 11.24 -1.35 -17.73
CA ARG B 571 11.87 -2.44 -16.97
C ARG B 571 10.89 -3.61 -16.83
N ALA B 572 9.62 -3.31 -16.51
CA ALA B 572 8.59 -4.36 -16.40
C ALA B 572 8.41 -5.14 -17.71
N GLU B 573 8.51 -4.43 -18.84
CA GLU B 573 8.38 -5.06 -20.15
C GLU B 573 9.40 -6.19 -20.37
N TYR B 574 10.60 -6.02 -19.82
CA TYR B 574 11.61 -7.08 -19.94
C TYR B 574 11.17 -8.35 -19.19
N LEU B 575 10.55 -8.18 -18.02
CA LEU B 575 10.05 -9.34 -17.28
C LEU B 575 8.92 -10.02 -18.05
N LEU B 576 8.05 -9.23 -18.69
CA LEU B 576 6.95 -9.77 -19.47
C LEU B 576 7.46 -10.59 -20.68
N LYS B 577 8.52 -10.12 -21.32
CA LYS B 577 9.16 -10.87 -22.41
C LYS B 577 9.82 -12.17 -21.92
N ALA B 578 10.50 -12.10 -20.78
CA ALA B 578 11.09 -13.31 -20.19
C ALA B 578 9.98 -14.30 -19.84
N ALA B 579 8.86 -13.79 -19.33
CA ALA B 579 7.74 -14.66 -18.98
C ALA B 579 7.25 -15.39 -20.22
N GLN B 580 7.06 -14.65 -21.32
CA GLN B 580 6.63 -15.28 -22.56
C GLN B 580 7.68 -16.27 -23.06
N ALA B 581 8.96 -15.94 -22.91
CA ALA B 581 10.00 -16.85 -23.34
C ALA B 581 9.92 -18.17 -22.54
N ALA B 582 9.72 -18.04 -21.23
CA ALA B 582 9.56 -19.21 -20.36
C ALA B 582 8.31 -20.01 -20.75
N ARG B 583 7.22 -19.30 -20.97
CA ARG B 583 5.94 -19.93 -21.29
C ARG B 583 6.02 -20.80 -22.54
N LYS B 584 6.79 -20.35 -23.55
CA LYS B 584 6.95 -21.13 -24.77
C LYS B 584 7.90 -22.33 -24.58
N ARG B 585 8.65 -22.35 -23.49
CA ARG B 585 9.57 -23.46 -23.22
C ARG B 585 9.14 -24.29 -22.00
N LEU B 586 7.87 -24.22 -21.63
CA LEU B 586 7.41 -24.76 -20.35
C LEU B 586 7.80 -26.22 -20.07
N PHE B 587 7.47 -27.14 -20.98
CA PHE B 587 7.81 -28.55 -20.75
C PHE B 587 9.31 -28.81 -20.81
N GLU B 588 9.99 -28.13 -21.72
CA GLU B 588 11.45 -28.21 -21.82
C GLU B 588 12.13 -27.80 -20.50
N LEU B 589 11.81 -26.60 -20.01
CA LEU B 589 12.38 -26.13 -18.75
C LEU B 589 12.03 -27.11 -17.62
N SER B 590 10.82 -27.66 -17.68
CA SER B 590 10.38 -28.63 -16.68
C SER B 590 11.21 -29.90 -16.68
N ALA B 591 11.49 -30.43 -17.88
CA ALA B 591 12.22 -31.67 -18.03
C ALA B 591 13.64 -31.59 -17.45
N TRP B 592 14.28 -30.44 -17.62
CA TRP B 592 15.61 -30.22 -17.08
C TRP B 592 15.61 -30.42 -15.56
N GLN B 593 14.56 -29.94 -14.91
CA GLN B 593 14.45 -30.07 -13.44
C GLN B 593 14.21 -31.51 -12.98
N VAL B 594 13.44 -32.27 -13.77
CA VAL B 594 13.19 -33.69 -13.47
C VAL B 594 14.51 -34.45 -13.37
N LEU B 595 15.40 -34.17 -14.32
CA LEU B 595 16.70 -34.85 -14.38
C LEU B 595 17.79 -34.26 -13.47
N GLU B 596 17.87 -32.93 -13.37
CA GLU B 596 18.99 -32.32 -12.63
C GLU B 596 18.85 -32.39 -11.12
N ILE B 597 17.61 -32.28 -10.62
CA ILE B 597 17.39 -32.19 -9.18
C ILE B 597 16.28 -33.14 -8.70
N GLY B 598 15.78 -33.98 -9.60
CA GLY B 598 14.86 -35.03 -9.24
C GLY B 598 13.45 -34.57 -8.91
N LYS B 599 12.98 -33.52 -9.58
CA LYS B 599 11.59 -33.11 -9.44
C LYS B 599 10.69 -34.12 -10.14
N GLN B 600 9.57 -34.44 -9.50
CA GLN B 600 8.52 -35.19 -10.17
C GLN B 600 7.89 -34.29 -11.24
N TRP B 601 7.22 -34.89 -12.22
CA TRP B 601 6.65 -34.15 -13.35
C TRP B 601 5.87 -32.89 -12.94
N ASP B 602 4.93 -33.06 -12.02
CA ASP B 602 4.09 -31.95 -11.54
C ASP B 602 4.91 -30.92 -10.79
N GLN B 603 5.84 -31.40 -9.98
CA GLN B 603 6.70 -30.51 -9.19
C GLN B 603 7.56 -29.64 -10.10
N ALA B 604 8.06 -30.24 -11.18
CA ALA B 604 8.88 -29.52 -12.15
C ALA B 604 8.08 -28.43 -12.88
N TYR B 605 6.94 -28.84 -13.44
CA TYR B 605 6.06 -27.90 -14.11
C TYR B 605 5.65 -26.77 -13.16
N ALA B 606 5.31 -27.11 -11.91
CA ALA B 606 4.87 -26.08 -10.95
C ALA B 606 5.99 -25.09 -10.65
N ASP B 607 7.23 -25.57 -10.72
CA ASP B 607 8.39 -24.70 -10.52
C ASP B 607 8.46 -23.67 -11.62
N VAL B 608 8.30 -24.11 -12.86
CA VAL B 608 8.40 -23.19 -14.01
C VAL B 608 7.23 -22.21 -14.04
N THR B 609 6.01 -22.68 -13.74
CA THR B 609 4.85 -21.79 -13.66
C THR B 609 4.99 -20.73 -12.57
N GLU B 610 5.61 -21.12 -11.46
CA GLU B 610 5.76 -20.16 -10.37
C GLU B 610 6.75 -19.06 -10.78
N ALA B 611 7.79 -19.44 -11.52
CA ALA B 611 8.76 -18.46 -12.03
C ALA B 611 8.05 -17.50 -12.96
N ILE B 612 7.23 -18.03 -13.85
CA ILE B 612 6.41 -17.23 -14.75
C ILE B 612 5.50 -16.28 -13.97
N ASP B 613 4.88 -16.77 -12.90
CA ASP B 613 4.02 -15.95 -12.07
C ASP B 613 4.77 -14.78 -11.45
N PHE B 614 5.96 -15.04 -10.90
CA PHE B 614 6.80 -14.00 -10.35
C PHE B 614 7.05 -12.90 -11.39
N LEU B 615 7.43 -13.32 -12.59
CA LEU B 615 7.71 -12.39 -13.67
C LEU B 615 6.49 -11.53 -13.98
N GLU B 616 5.33 -12.17 -14.10
CA GLU B 616 4.10 -11.46 -14.44
C GLU B 616 3.64 -10.57 -13.29
N TYR B 617 3.82 -11.05 -12.06
CA TYR B 617 3.31 -10.34 -10.90
C TYR B 617 4.20 -9.15 -10.56
N TYR B 618 5.52 -9.35 -10.56
CA TYR B 618 6.46 -8.29 -10.23
C TYR B 618 6.48 -7.19 -11.31
N ALA B 619 6.21 -7.57 -12.56
CA ALA B 619 6.09 -6.59 -13.64
C ALA B 619 4.93 -5.65 -13.36
N ARG B 620 3.78 -6.23 -13.01
CA ARG B 620 2.59 -5.46 -12.67
C ARG B 620 2.80 -4.65 -11.41
N GLU B 621 3.51 -5.22 -10.44
CA GLU B 621 3.76 -4.51 -9.20
C GLU B 621 4.66 -3.30 -9.42
N MET B 622 5.66 -3.42 -10.29
CA MET B 622 6.53 -2.25 -10.57
C MET B 622 5.76 -1.17 -11.31
N ILE B 623 4.88 -1.59 -12.22
CA ILE B 623 4.06 -0.61 -12.93
C ILE B 623 3.18 0.14 -11.94
N ARG B 624 2.59 -0.57 -10.97
CA ARG B 624 1.80 0.04 -9.92
C ARG B 624 2.63 0.99 -9.06
N LEU B 625 3.85 0.57 -8.72
CA LEU B 625 4.66 1.34 -7.78
C LEU B 625 5.52 2.41 -8.48
N GLY B 626 5.57 2.38 -9.81
CA GLY B 626 6.51 3.19 -10.55
C GLY B 626 6.09 4.62 -10.82
N GLN B 627 4.81 4.91 -10.62
CA GLN B 627 4.31 6.28 -10.77
C GLN B 627 4.44 7.02 -9.42
N PRO B 628 5.17 8.14 -9.41
CA PRO B 628 5.23 9.01 -8.23
C PRO B 628 3.82 9.41 -7.81
N GLN B 629 3.56 9.40 -6.51
CA GLN B 629 2.23 9.76 -6.00
C GLN B 629 2.28 11.09 -5.26
N ARG B 630 1.34 11.98 -5.54
CA ARG B 630 1.23 13.19 -4.73
C ARG B 630 0.87 12.80 -3.29
N VAL B 631 1.55 13.40 -2.32
CA VAL B 631 1.21 13.21 -0.92
C VAL B 631 0.95 14.58 -0.29
N GLY B 632 -0.03 14.65 0.61
CA GLY B 632 -0.48 15.90 1.17
C GLY B 632 -1.37 16.62 0.18
N HIS B 633 -2.00 17.70 0.63
CA HIS B 633 -2.97 18.39 -0.22
C HIS B 633 -2.94 19.89 -0.03
N ALA B 634 -1.91 20.38 0.64
CA ALA B 634 -1.77 21.81 0.84
C ALA B 634 -1.49 22.48 -0.51
N PRO B 635 -2.11 23.63 -0.75
CA PRO B 635 -1.88 24.34 -2.02
C PRO B 635 -0.50 25.02 -2.04
N GLY B 636 -0.02 25.39 -3.23
CA GLY B 636 1.27 26.05 -3.36
C GLY B 636 2.43 25.10 -3.15
N GLU B 637 2.11 23.82 -3.08
CA GLU B 637 3.08 22.81 -2.72
C GLU B 637 2.73 21.53 -3.47
N LEU B 638 3.76 20.90 -4.02
CA LEU B 638 3.62 19.55 -4.55
C LEU B 638 4.62 18.63 -3.86
N ASN B 639 4.14 17.63 -3.15
CA ASN B 639 5.03 16.59 -2.68
C ASN B 639 4.76 15.32 -3.48
N HIS B 640 5.82 14.74 -4.03
CA HIS B 640 5.71 13.45 -4.72
C HIS B 640 6.62 12.43 -4.09
N TYR B 641 6.01 11.29 -3.75
CA TYR B 641 6.65 10.22 -3.04
C TYR B 641 6.84 9.12 -4.07
N PHE B 642 8.04 8.55 -4.13
CA PHE B 642 8.32 7.53 -5.12
C PHE B 642 9.52 6.70 -4.65
N TYR B 643 9.92 5.72 -5.45
CA TYR B 643 10.93 4.77 -4.97
C TYR B 643 12.14 4.71 -5.90
N GLU B 644 13.30 4.45 -5.32
CA GLU B 644 14.54 4.35 -6.11
C GLU B 644 15.24 3.05 -5.79
N PRO B 645 15.94 2.47 -6.77
CA PRO B 645 16.64 1.22 -6.48
C PRO B 645 17.85 1.49 -5.58
N LYS B 646 18.46 0.43 -5.06
CA LYS B 646 19.59 0.58 -4.15
C LYS B 646 20.95 0.46 -4.85
N GLY B 647 21.06 -0.44 -5.82
CA GLY B 647 22.31 -0.62 -6.52
C GLY B 647 22.56 -2.03 -6.98
N VAL B 648 23.66 -2.62 -6.53
CA VAL B 648 23.96 -4.00 -6.90
C VAL B 648 23.41 -4.95 -5.85
N ALA B 649 22.59 -5.91 -6.31
CA ALA B 649 21.99 -6.93 -5.46
C ALA B 649 22.69 -8.29 -5.64
N ALA B 650 23.18 -8.86 -4.55
CA ALA B 650 23.63 -10.24 -4.58
C ALA B 650 22.41 -11.15 -4.44
N VAL B 651 22.25 -12.09 -5.37
CA VAL B 651 21.14 -13.04 -5.27
C VAL B 651 21.69 -14.44 -5.10
N ILE B 652 21.41 -15.04 -3.94
CA ILE B 652 21.94 -16.35 -3.59
C ILE B 652 20.77 -17.33 -3.46
N ALA B 653 20.68 -18.26 -4.41
CA ALA B 653 19.47 -19.03 -4.63
C ALA B 653 19.61 -20.50 -4.23
N PRO B 654 18.50 -21.12 -3.83
CA PRO B 654 18.50 -22.51 -3.39
C PRO B 654 18.37 -23.48 -4.55
N TRP B 655 18.60 -24.77 -4.31
CA TRP B 655 18.45 -25.78 -5.34
C TRP B 655 17.06 -26.40 -5.37
N ASN B 656 16.28 -26.22 -4.32
CA ASN B 656 14.99 -26.93 -4.19
C ASN B 656 13.85 -26.36 -5.02
N PHE B 657 13.88 -25.06 -5.28
CA PHE B 657 13.02 -24.43 -6.27
C PHE B 657 13.91 -23.64 -7.24
N PRO B 658 14.63 -24.37 -8.12
CA PRO B 658 15.79 -23.83 -8.83
C PRO B 658 15.46 -22.77 -9.87
N LEU B 659 14.25 -22.78 -10.43
CA LEU B 659 13.88 -21.71 -11.36
C LEU B 659 12.98 -20.69 -10.67
N ALA B 660 12.02 -21.19 -9.91
CA ALA B 660 11.02 -20.33 -9.26
C ALA B 660 11.64 -19.27 -8.33
N ILE B 661 12.35 -19.72 -7.30
CA ILE B 661 12.86 -18.79 -6.30
C ILE B 661 13.97 -17.91 -6.88
N SER B 662 14.81 -18.52 -7.72
CA SER B 662 15.82 -17.78 -8.45
C SER B 662 15.18 -16.65 -9.25
N MET B 663 14.15 -16.96 -10.02
CA MET B 663 13.57 -15.95 -10.91
C MET B 663 12.86 -14.91 -10.09
N GLY B 664 12.20 -15.37 -9.03
CA GLY B 664 11.49 -14.47 -8.14
C GLY B 664 12.42 -13.44 -7.54
N MET B 665 13.51 -13.88 -6.92
CA MET B 665 14.45 -12.97 -6.28
C MET B 665 15.17 -12.09 -7.28
N ALA B 666 15.64 -12.70 -8.37
CA ALA B 666 16.40 -11.95 -9.38
C ALA B 666 15.54 -10.93 -10.10
N SER B 667 14.34 -11.31 -10.53
CA SER B 667 13.49 -10.43 -11.32
C SER B 667 12.93 -9.30 -10.48
N ALA B 668 12.68 -9.56 -9.20
CA ALA B 668 12.25 -8.50 -8.30
C ALA B 668 13.35 -7.43 -8.18
N ALA B 669 14.59 -7.89 -8.03
CA ALA B 669 15.72 -6.99 -7.89
C ALA B 669 15.91 -6.20 -9.18
N ILE B 670 15.79 -6.91 -10.30
CA ILE B 670 15.94 -6.30 -11.61
C ILE B 670 14.85 -5.29 -11.93
N VAL B 671 13.58 -5.66 -11.77
CA VAL B 671 12.50 -4.75 -12.17
C VAL B 671 12.46 -3.47 -11.34
N THR B 672 12.99 -3.52 -10.12
CA THR B 672 12.98 -2.37 -9.22
C THR B 672 14.16 -1.43 -9.51
N GLY B 673 14.97 -1.81 -10.49
CA GLY B 673 16.04 -0.95 -10.98
C GLY B 673 17.41 -1.28 -10.42
N ASN B 674 17.53 -2.42 -9.74
CA ASN B 674 18.84 -2.85 -9.27
C ASN B 674 19.48 -3.71 -10.34
N CYS B 675 20.78 -3.98 -10.20
CA CYS B 675 21.48 -4.90 -11.08
C CYS B 675 21.97 -6.08 -10.24
N VAL B 676 22.03 -7.26 -10.84
CA VAL B 676 22.09 -8.49 -10.05
C VAL B 676 23.35 -9.30 -10.31
N VAL B 677 24.02 -9.72 -9.23
CA VAL B 677 25.05 -10.73 -9.37
C VAL B 677 24.47 -12.00 -8.72
N PHE B 678 24.33 -13.04 -9.54
CA PHE B 678 23.51 -14.19 -9.19
C PHE B 678 24.32 -15.46 -8.97
N LYS B 679 24.17 -16.09 -7.80
CA LYS B 679 24.85 -17.35 -7.54
C LYS B 679 23.84 -18.47 -7.35
N PRO B 680 23.67 -19.32 -8.38
CA PRO B 680 22.77 -20.47 -8.21
C PRO B 680 23.44 -21.51 -7.32
N SER B 681 22.64 -22.41 -6.75
CA SER B 681 23.21 -23.57 -6.06
C SER B 681 23.95 -24.44 -7.05
N GLY B 682 25.04 -25.05 -6.58
CA GLY B 682 25.86 -25.88 -7.43
C GLY B 682 25.09 -26.92 -8.22
N ILE B 683 24.25 -27.68 -7.52
CA ILE B 683 23.63 -28.85 -8.12
C ILE B 683 22.44 -28.50 -9.05
N THR B 684 22.07 -27.23 -9.07
CA THR B 684 21.08 -26.76 -10.02
C THR B 684 21.57 -25.58 -10.87
N SER B 685 22.88 -25.56 -11.17
CA SER B 685 23.48 -24.51 -11.98
C SER B 685 22.90 -24.41 -13.41
N ILE B 686 22.51 -25.54 -13.98
CA ILE B 686 21.96 -25.53 -15.33
C ILE B 686 20.61 -24.84 -15.31
N ILE B 687 19.80 -25.11 -14.27
CA ILE B 687 18.54 -24.38 -14.14
C ILE B 687 18.85 -22.88 -14.01
N GLY B 688 19.91 -22.56 -13.29
CA GLY B 688 20.35 -21.18 -13.14
C GLY B 688 20.68 -20.55 -14.48
N TRP B 689 21.26 -21.36 -15.39
CA TRP B 689 21.61 -20.90 -16.74
C TRP B 689 20.36 -20.53 -17.55
N HIS B 690 19.23 -21.15 -17.19
CA HIS B 690 17.97 -20.77 -17.81
C HIS B 690 17.63 -19.30 -17.58
N LEU B 691 18.08 -18.73 -16.46
CA LEU B 691 17.88 -17.30 -16.24
C LEU B 691 18.66 -16.49 -17.27
N VAL B 692 19.86 -16.96 -17.61
CA VAL B 692 20.66 -16.33 -18.65
C VAL B 692 19.94 -16.39 -19.98
N GLU B 693 19.43 -17.58 -20.31
CA GLU B 693 18.76 -17.76 -21.60
C GLU B 693 17.51 -16.89 -21.69
N LEU B 694 16.72 -16.88 -20.63
CA LEU B 694 15.46 -16.14 -20.64
C LEU B 694 15.70 -14.62 -20.71
N PHE B 695 16.59 -14.11 -19.87
CA PHE B 695 16.85 -12.67 -19.83
C PHE B 695 17.54 -12.20 -21.10
N ARG B 696 18.36 -13.06 -21.69
CA ARG B 696 19.01 -12.68 -22.94
C ARG B 696 17.97 -12.69 -24.06
N GLU B 697 17.07 -13.67 -24.05
CA GLU B 697 16.00 -13.69 -25.05
C GLU B 697 15.10 -12.47 -24.92
N ALA B 698 14.92 -11.99 -23.70
CA ALA B 698 14.13 -10.78 -23.47
C ALA B 698 14.85 -9.52 -23.91
N GLY B 699 16.16 -9.63 -24.18
CA GLY B 699 16.97 -8.48 -24.55
C GLY B 699 17.42 -7.59 -23.39
N LEU B 700 17.47 -8.15 -22.19
CA LEU B 700 17.92 -7.38 -21.02
C LEU B 700 19.33 -6.80 -21.24
N PRO B 701 19.50 -5.48 -20.96
CA PRO B 701 20.78 -4.81 -21.21
C PRO B 701 21.92 -5.48 -20.45
N GLU B 702 23.12 -5.46 -21.01
CA GLU B 702 24.26 -6.17 -20.44
C GLU B 702 24.64 -5.65 -19.06
N GLY B 703 24.99 -6.57 -18.16
CA GLY B 703 25.42 -6.18 -16.82
C GLY B 703 24.31 -6.04 -15.80
N VAL B 704 23.08 -6.01 -16.28
CA VAL B 704 21.92 -5.95 -15.39
C VAL B 704 21.73 -7.31 -14.69
N PHE B 705 22.03 -8.39 -15.40
CA PHE B 705 21.99 -9.73 -14.79
C PHE B 705 23.30 -10.45 -15.05
N ASN B 706 23.99 -10.85 -13.98
CA ASN B 706 25.23 -11.61 -14.14
C ASN B 706 25.13 -12.94 -13.40
N PHE B 707 25.62 -13.98 -14.06
CA PHE B 707 25.51 -15.37 -13.62
C PHE B 707 26.86 -15.85 -13.13
N THR B 708 27.02 -16.04 -11.82
CA THR B 708 28.34 -16.44 -11.28
C THR B 708 28.24 -17.57 -10.26
N PRO B 709 27.97 -18.80 -10.73
CA PRO B 709 28.11 -19.94 -9.82
C PRO B 709 29.54 -19.97 -9.28
N GLY B 710 29.70 -20.38 -8.03
CA GLY B 710 31.01 -20.46 -7.43
C GLY B 710 31.00 -21.27 -6.15
N ARG B 711 32.17 -21.71 -5.70
CA ARG B 711 32.28 -22.38 -4.41
C ARG B 711 32.05 -21.36 -3.29
N GLY B 712 31.06 -21.61 -2.44
CA GLY B 712 30.81 -20.76 -1.29
C GLY B 712 32.05 -20.56 -0.44
N SER B 713 32.84 -21.62 -0.30
CA SER B 713 34.07 -21.55 0.48
C SER B 713 35.14 -20.71 -0.21
N VAL B 714 34.93 -20.35 -1.48
CA VAL B 714 35.89 -19.48 -2.16
C VAL B 714 35.38 -18.03 -2.21
N MET B 715 34.12 -17.85 -2.59
CA MET B 715 33.63 -16.51 -2.91
C MET B 715 32.35 -16.09 -2.17
N GLY B 716 31.86 -16.96 -1.28
CA GLY B 716 30.60 -16.70 -0.61
C GLY B 716 30.66 -15.46 0.26
N ASP B 717 31.59 -15.45 1.21
CA ASP B 717 31.77 -14.28 2.06
C ASP B 717 32.15 -13.06 1.22
N TYR B 718 32.97 -13.29 0.19
CA TYR B 718 33.49 -12.20 -0.63
C TYR B 718 32.35 -11.43 -1.27
N LEU B 719 31.39 -12.18 -1.80
CA LEU B 719 30.24 -11.59 -2.45
C LEU B 719 29.38 -10.79 -1.47
N VAL B 720 29.16 -11.36 -0.29
CA VAL B 720 28.37 -10.73 0.76
C VAL B 720 29.11 -9.55 1.43
N ASP B 721 30.43 -9.66 1.57
CA ASP B 721 31.21 -8.64 2.27
C ASP B 721 31.47 -7.40 1.42
N HIS B 722 31.33 -7.55 0.11
CA HIS B 722 31.83 -6.55 -0.83
C HIS B 722 31.21 -5.15 -0.66
N PRO B 723 32.04 -4.10 -0.66
CA PRO B 723 31.53 -2.75 -0.39
C PRO B 723 30.51 -2.23 -1.42
N ASP B 724 30.56 -2.70 -2.67
CA ASP B 724 29.61 -2.24 -3.69
C ASP B 724 28.27 -2.99 -3.71
N ILE B 725 28.11 -3.97 -2.81
CA ILE B 725 26.82 -4.63 -2.68
C ILE B 725 25.91 -3.80 -1.77
N SER B 726 24.67 -3.57 -2.19
CA SER B 726 23.73 -2.77 -1.41
C SER B 726 22.55 -3.60 -0.88
N LEU B 727 22.35 -4.78 -1.45
CA LEU B 727 21.21 -5.60 -1.11
C LEU B 727 21.59 -7.07 -1.30
N ILE B 728 21.08 -7.93 -0.42
CA ILE B 728 21.28 -9.36 -0.53
C ILE B 728 19.94 -10.11 -0.39
N ALA B 729 19.62 -10.87 -1.42
CA ALA B 729 18.44 -11.73 -1.44
C ALA B 729 18.94 -13.15 -1.31
N PHE B 730 18.50 -13.83 -0.25
CA PHE B 730 18.95 -15.19 0.04
C PHE B 730 17.76 -16.04 0.41
N THR B 731 17.71 -17.25 -0.11
CA THR B 731 16.78 -18.26 0.39
C THR B 731 17.58 -19.53 0.60
N GLY B 732 17.45 -20.12 1.79
CA GLY B 732 18.20 -21.31 2.14
C GLY B 732 18.23 -21.57 3.64
N SER B 733 19.32 -22.16 4.12
CA SER B 733 19.41 -22.58 5.53
C SER B 733 19.50 -21.44 6.53
N MET B 734 19.01 -21.68 7.74
CA MET B 734 19.07 -20.68 8.80
C MET B 734 20.51 -20.32 9.13
N GLU B 735 21.39 -21.32 9.18
CA GLU B 735 22.79 -21.09 9.52
C GLU B 735 23.47 -20.12 8.55
N THR B 736 23.26 -20.33 7.25
CA THR B 736 23.85 -19.47 6.24
C THR B 736 23.18 -18.11 6.29
N GLY B 737 21.86 -18.09 6.38
CA GLY B 737 21.10 -16.86 6.47
C GLY B 737 21.56 -15.97 7.60
N LEU B 738 21.71 -16.54 8.80
CA LEU B 738 22.14 -15.76 9.95
C LEU B 738 23.57 -15.26 9.79
N ARG B 739 24.41 -16.08 9.18
CA ARG B 739 25.79 -15.68 8.91
C ARG B 739 25.82 -14.46 7.98
N ILE B 740 25.04 -14.53 6.92
CA ILE B 740 24.92 -13.43 5.95
C ILE B 740 24.43 -12.16 6.65
N ILE B 741 23.43 -12.30 7.51
CA ILE B 741 22.87 -11.17 8.21
C ILE B 741 23.93 -10.49 9.07
N GLU B 742 24.68 -11.29 9.82
CA GLU B 742 25.72 -10.75 10.67
C GLU B 742 26.81 -10.04 9.85
N ARG B 743 27.30 -10.69 8.80
CA ARG B 743 28.38 -10.10 7.99
C ARG B 743 27.93 -8.87 7.23
N ALA B 744 26.70 -8.89 6.71
CA ALA B 744 26.21 -7.78 5.89
C ALA B 744 25.98 -6.50 6.70
N ALA B 745 25.82 -6.63 8.01
CA ALA B 745 25.55 -5.47 8.85
C ALA B 745 26.74 -4.49 8.91
N LYS B 746 27.94 -5.01 8.70
CA LYS B 746 29.13 -4.17 8.76
C LYS B 746 29.19 -3.24 7.54
N VAL B 747 29.55 -1.98 7.77
CA VAL B 747 29.76 -1.02 6.69
C VAL B 747 31.26 -0.84 6.47
N HIS B 748 31.76 -1.32 5.34
CA HIS B 748 33.19 -1.29 5.00
C HIS B 748 33.57 0.00 4.30
N PRO B 749 34.88 0.35 4.31
CA PRO B 749 35.32 1.53 3.55
C PRO B 749 34.84 1.50 2.10
N GLY B 750 34.25 2.60 1.63
CA GLY B 750 33.77 2.68 0.27
C GLY B 750 32.36 2.13 0.08
N GLN B 751 31.76 1.62 1.15
CA GLN B 751 30.41 1.06 1.05
C GLN B 751 29.36 2.18 1.08
N ALA B 752 28.52 2.22 0.05
CA ALA B 752 27.59 3.33 -0.09
C ALA B 752 26.33 3.21 0.75
N ASN B 753 25.84 1.99 0.97
CA ASN B 753 24.59 1.79 1.72
C ASN B 753 24.74 0.85 2.90
N VAL B 754 23.86 1.00 3.88
CA VAL B 754 23.65 -0.06 4.86
C VAL B 754 22.99 -1.20 4.08
N LYS B 755 23.57 -2.39 4.11
CA LYS B 755 23.08 -3.48 3.26
C LYS B 755 21.68 -3.98 3.65
N LYS B 756 20.83 -4.15 2.65
CA LYS B 756 19.46 -4.60 2.87
C LYS B 756 19.38 -6.11 2.71
N ILE B 757 18.75 -6.77 3.69
CA ILE B 757 18.62 -8.22 3.68
C ILE B 757 17.22 -8.65 3.33
N ILE B 758 17.08 -9.46 2.29
CA ILE B 758 15.84 -10.16 2.02
C ILE B 758 16.17 -11.64 2.14
N SER B 759 15.55 -12.31 3.11
CA SER B 759 15.98 -13.63 3.52
C SER B 759 14.79 -14.55 3.85
N GLU B 760 14.79 -15.72 3.23
CA GLU B 760 13.79 -16.73 3.52
C GLU B 760 14.56 -17.95 3.98
N MET B 761 14.37 -18.34 5.23
CA MET B 761 15.18 -19.40 5.80
C MET B 761 14.27 -20.62 6.05
N GLY B 762 14.66 -21.52 6.96
CA GLY B 762 13.94 -22.77 7.07
C GLY B 762 12.62 -22.75 7.83
N GLY B 763 12.06 -23.94 8.04
CA GLY B 763 10.95 -24.10 8.94
C GLY B 763 10.99 -25.50 9.52
N LYS B 764 10.24 -25.70 10.60
CA LYS B 764 9.99 -27.03 11.17
C LYS B 764 8.49 -27.03 11.31
N ASN B 765 7.80 -27.24 10.19
CA ASN B 765 6.38 -26.96 10.10
C ASN B 765 5.48 -28.12 10.57
N ALA B 766 4.49 -27.78 11.39
CA ALA B 766 3.56 -28.76 11.94
C ALA B 766 2.19 -28.66 11.28
N ILE B 767 1.53 -29.79 11.11
CA ILE B 767 0.11 -29.79 10.80
C ILE B 767 -0.61 -30.43 11.99
N ILE B 768 -1.61 -29.73 12.53
CA ILE B 768 -2.45 -30.25 13.60
C ILE B 768 -3.67 -31.04 13.10
N ILE B 769 -3.85 -32.24 13.63
CA ILE B 769 -5.00 -33.08 13.27
C ILE B 769 -5.93 -33.10 14.48
N ASP B 770 -6.99 -32.31 14.43
CA ASP B 770 -7.93 -32.17 15.55
C ASP B 770 -8.83 -33.40 15.63
N ASP B 771 -9.53 -33.56 16.75
CA ASP B 771 -10.43 -34.69 16.97
C ASP B 771 -11.46 -34.83 15.87
N ASP B 772 -11.97 -33.70 15.38
CA ASP B 772 -13.07 -33.74 14.42
C ASP B 772 -12.57 -33.64 12.98
N ALA B 773 -11.26 -33.77 12.80
CA ALA B 773 -10.66 -33.67 11.46
C ALA B 773 -11.31 -34.68 10.51
N ASP B 774 -11.52 -34.26 9.27
CA ASP B 774 -11.91 -35.16 8.20
C ASP B 774 -10.67 -35.92 7.76
N LEU B 775 -10.53 -37.17 8.20
CA LEU B 775 -9.32 -37.94 7.91
C LEU B 775 -9.17 -38.29 6.43
N ASP B 776 -10.27 -38.37 5.69
CA ASP B 776 -10.18 -38.63 4.26
C ASP B 776 -9.40 -37.53 3.56
N GLU B 777 -9.46 -36.31 4.08
CA GLU B 777 -8.68 -35.20 3.53
C GLU B 777 -7.33 -35.09 4.23
N ALA B 778 -7.35 -35.20 5.56
CA ALA B 778 -6.14 -34.94 6.35
C ALA B 778 -4.99 -35.86 5.93
N VAL B 779 -5.28 -37.15 5.80
CA VAL B 779 -4.24 -38.14 5.52
C VAL B 779 -3.49 -37.90 4.19
N PRO B 780 -4.19 -37.85 3.05
CA PRO B 780 -3.41 -37.57 1.82
C PRO B 780 -2.75 -36.20 1.81
N HIS B 781 -3.36 -35.20 2.45
CA HIS B 781 -2.74 -33.88 2.49
C HIS B 781 -1.47 -33.87 3.34
N VAL B 782 -1.49 -34.60 4.46
CA VAL B 782 -0.29 -34.70 5.28
C VAL B 782 0.80 -35.50 4.53
N LEU B 783 0.39 -36.56 3.84
CA LEU B 783 1.35 -37.38 3.11
C LEU B 783 2.07 -36.50 2.06
N TYR B 784 1.31 -35.69 1.34
CA TYR B 784 1.92 -34.84 0.30
C TYR B 784 2.79 -33.72 0.89
N SER B 785 2.30 -33.13 1.98
CA SER B 785 3.01 -32.05 2.66
C SER B 785 4.34 -32.55 3.17
N ALA B 786 4.36 -33.80 3.65
CA ALA B 786 5.56 -34.38 4.22
C ALA B 786 6.50 -34.94 3.16
N PHE B 787 5.95 -35.58 2.13
CA PHE B 787 6.81 -36.33 1.20
C PHE B 787 6.85 -35.86 -0.24
N GLY B 788 6.06 -34.85 -0.58
CA GLY B 788 6.12 -34.29 -1.92
C GLY B 788 7.52 -33.76 -2.16
N PHE B 789 8.08 -34.00 -3.35
CA PHE B 789 9.49 -33.67 -3.64
C PHE B 789 10.41 -34.13 -2.50
N GLN B 790 10.12 -35.30 -1.93
CA GLN B 790 11.00 -35.90 -0.90
C GLN B 790 11.10 -35.05 0.33
N GLY B 791 10.13 -34.17 0.57
CA GLY B 791 10.16 -33.31 1.74
C GLY B 791 11.19 -32.20 1.68
N GLN B 792 11.68 -31.89 0.50
CA GLN B 792 12.75 -30.90 0.37
C GLN B 792 12.18 -29.50 0.10
N LYS B 793 11.30 -29.05 0.99
CA LYS B 793 10.70 -27.73 0.87
C LYS B 793 10.79 -27.05 2.23
N CYS B 794 11.03 -25.74 2.24
CA CYS B 794 10.98 -25.00 3.50
C CYS B 794 9.59 -25.00 4.10
N SER B 795 8.59 -25.28 3.28
CA SER B 795 7.21 -25.27 3.76
C SER B 795 6.72 -26.65 4.20
N ALA B 796 7.53 -27.67 3.95
CA ALA B 796 7.12 -29.07 4.12
C ALA B 796 6.68 -29.39 5.53
N CYS B 797 5.67 -30.22 5.67
CA CYS B 797 5.27 -30.71 6.99
C CYS B 797 6.28 -31.73 7.50
N SER B 798 6.92 -31.42 8.63
CA SER B 798 7.88 -32.35 9.21
C SER B 798 7.45 -32.83 10.58
N ARG B 799 6.37 -32.23 11.07
CA ARG B 799 5.76 -32.61 12.35
C ARG B 799 4.26 -32.71 12.13
N VAL B 800 3.66 -33.85 12.44
CA VAL B 800 2.21 -33.90 12.43
C VAL B 800 1.77 -34.11 13.86
N ILE B 801 0.99 -33.16 14.37
CA ILE B 801 0.62 -33.15 15.76
C ILE B 801 -0.82 -33.59 15.86
N VAL B 802 -1.03 -34.77 16.43
CA VAL B 802 -2.33 -35.44 16.34
C VAL B 802 -2.98 -35.54 17.70
N LEU B 803 -4.24 -35.13 17.78
CA LEU B 803 -5.00 -35.19 19.02
C LEU B 803 -5.17 -36.63 19.51
N ASP B 804 -5.00 -36.80 20.82
CA ASP B 804 -5.04 -38.09 21.51
C ASP B 804 -6.09 -39.05 20.97
N ALA B 805 -7.35 -38.61 20.96
CA ALA B 805 -8.48 -39.50 20.68
C ALA B 805 -8.56 -39.97 19.24
N VAL B 806 -7.79 -39.36 18.36
CA VAL B 806 -7.92 -39.73 16.94
C VAL B 806 -6.59 -40.28 16.42
N TYR B 807 -5.63 -40.42 17.34
CA TYR B 807 -4.25 -40.74 16.99
C TYR B 807 -4.10 -42.10 16.35
N ASP B 808 -4.64 -43.13 16.99
CA ASP B 808 -4.52 -44.48 16.47
C ASP B 808 -5.11 -44.65 15.09
N LYS B 809 -6.30 -44.10 14.88
CA LYS B 809 -6.96 -44.19 13.58
C LYS B 809 -6.19 -43.41 12.51
N PHE B 810 -5.75 -42.21 12.86
CA PHE B 810 -4.99 -41.39 11.90
C PHE B 810 -3.71 -42.07 11.43
N ILE B 811 -2.88 -42.53 12.36
CA ILE B 811 -1.60 -43.09 11.95
C ILE B 811 -1.76 -44.40 11.18
N GLU B 812 -2.78 -45.19 11.52
CA GLU B 812 -3.08 -46.41 10.78
C GLU B 812 -3.35 -46.07 9.30
N ARG B 813 -4.22 -45.11 9.05
CA ARG B 813 -4.54 -44.71 7.69
C ARG B 813 -3.34 -44.06 6.98
N LEU B 814 -2.60 -43.22 7.69
CA LEU B 814 -1.42 -42.55 7.13
C LEU B 814 -0.35 -43.55 6.71
N VAL B 815 0.10 -44.36 7.66
CA VAL B 815 1.05 -45.44 7.40
C VAL B 815 0.59 -46.38 6.27
N SER B 816 -0.69 -46.74 6.27
CA SER B 816 -1.21 -47.63 5.22
C SER B 816 -1.20 -46.96 3.86
N MET B 817 -1.51 -45.67 3.81
CA MET B 817 -1.40 -44.96 2.53
C MET B 817 0.05 -44.87 2.07
N ALA B 818 0.93 -44.52 3.00
CA ALA B 818 2.37 -44.47 2.72
C ALA B 818 2.85 -45.78 2.08
N LYS B 819 2.36 -46.89 2.62
CA LYS B 819 2.82 -48.22 2.19
C LYS B 819 2.49 -48.51 0.74
N ALA B 820 1.45 -47.85 0.24
CA ALA B 820 1.02 -48.05 -1.15
C ALA B 820 1.89 -47.26 -2.14
N THR B 821 2.60 -46.25 -1.65
CA THR B 821 3.42 -45.41 -2.53
C THR B 821 4.77 -46.06 -2.83
N LYS B 822 5.33 -45.72 -3.98
CA LYS B 822 6.62 -46.26 -4.41
C LYS B 822 7.67 -45.17 -4.46
N VAL B 823 8.87 -45.50 -4.01
CA VAL B 823 10.01 -44.60 -4.08
C VAL B 823 10.89 -44.99 -5.28
N GLY B 824 11.23 -44.01 -6.12
CA GLY B 824 12.07 -44.28 -7.28
C GLY B 824 12.24 -43.05 -8.17
N PRO B 825 12.98 -43.21 -9.28
CA PRO B 825 13.32 -42.10 -10.18
C PRO B 825 12.11 -41.21 -10.52
N SER B 826 12.32 -39.91 -10.42
CA SER B 826 11.27 -38.94 -10.66
C SER B 826 10.87 -38.85 -12.13
N GLU B 827 11.70 -39.36 -13.04
CA GLU B 827 11.29 -39.33 -14.46
C GLU B 827 10.18 -40.36 -14.72
N ASP B 828 10.07 -41.37 -13.85
CA ASP B 828 8.97 -42.34 -13.90
C ASP B 828 7.79 -41.81 -13.08
N PRO B 829 6.68 -41.49 -13.75
CA PRO B 829 5.57 -40.85 -13.03
C PRO B 829 4.84 -41.77 -12.05
N ALA B 830 5.15 -43.06 -12.08
CA ALA B 830 4.52 -44.01 -11.13
C ALA B 830 5.08 -43.87 -9.70
N ASN B 831 6.25 -43.27 -9.55
CA ASN B 831 6.81 -43.04 -8.22
C ASN B 831 6.25 -41.81 -7.55
N TYR B 832 5.97 -41.95 -6.26
CA TYR B 832 5.48 -40.84 -5.45
C TYR B 832 6.60 -39.83 -5.18
N MET B 833 7.76 -40.35 -4.79
CA MET B 833 8.94 -39.54 -4.51
C MET B 833 10.20 -40.32 -4.91
N GLY B 834 11.33 -39.62 -5.00
CA GLY B 834 12.55 -40.25 -5.49
C GLY B 834 13.76 -39.83 -4.67
N ALA B 835 14.94 -39.89 -5.27
CA ALA B 835 16.16 -39.57 -4.56
C ALA B 835 16.18 -38.11 -4.11
N VAL B 836 16.94 -37.83 -3.06
CA VAL B 836 17.13 -36.48 -2.56
C VAL B 836 18.30 -35.83 -3.32
N ALA B 837 18.62 -34.59 -2.97
CA ALA B 837 19.37 -33.71 -3.87
C ALA B 837 20.76 -34.23 -4.27
N ASP B 838 21.53 -34.70 -3.30
CA ASP B 838 22.88 -35.17 -3.57
C ASP B 838 23.38 -36.08 -2.46
N ASP B 839 24.63 -36.52 -2.57
CA ASP B 839 25.19 -37.46 -1.60
C ASP B 839 25.19 -36.88 -0.19
N LYS B 840 25.58 -35.62 -0.04
CA LYS B 840 25.60 -34.97 1.27
C LYS B 840 24.21 -34.98 1.92
N ALA B 841 23.19 -34.66 1.14
CA ALA B 841 21.80 -34.64 1.64
C ALA B 841 21.38 -36.02 2.11
N MET B 842 21.68 -37.04 1.31
CA MET B 842 21.31 -38.42 1.62
C MET B 842 21.91 -38.86 2.95
N LYS B 843 23.19 -38.55 3.14
CA LYS B 843 23.88 -38.92 4.37
C LYS B 843 23.36 -38.14 5.57
N SER B 844 23.13 -36.85 5.39
CA SER B 844 22.56 -36.00 6.44
C SER B 844 21.17 -36.48 6.88
N ILE B 845 20.28 -36.67 5.93
CA ILE B 845 18.92 -37.10 6.20
C ILE B 845 18.90 -38.49 6.86
N LYS B 846 19.64 -39.43 6.28
CA LYS B 846 19.74 -40.79 6.84
C LYS B 846 20.20 -40.79 8.30
N GLU B 847 21.09 -39.86 8.66
CA GLU B 847 21.56 -39.80 10.04
C GLU B 847 20.49 -39.24 10.97
N TYR B 848 19.77 -38.24 10.48
CA TYR B 848 18.63 -37.71 11.21
C TYR B 848 17.59 -38.80 11.45
N ALA B 849 17.30 -39.59 10.42
CA ALA B 849 16.37 -40.71 10.57
C ALA B 849 16.83 -41.66 11.68
N GLU B 850 18.13 -41.93 11.76
CA GLU B 850 18.64 -42.80 12.81
C GLU B 850 18.49 -42.15 14.19
N ILE B 851 18.75 -40.85 14.25
CA ILE B 851 18.54 -40.07 15.48
C ILE B 851 17.07 -40.15 15.91
N GLY B 852 16.18 -39.87 14.98
CA GLY B 852 14.75 -39.96 15.25
C GLY B 852 14.29 -41.34 15.68
N LYS B 853 14.92 -42.39 15.14
CA LYS B 853 14.51 -43.74 15.48
C LYS B 853 14.96 -44.13 16.89
N ARG B 854 16.00 -43.46 17.39
CA ARG B 854 16.40 -43.65 18.77
C ARG B 854 15.52 -42.80 19.72
N GLU B 855 14.97 -41.70 19.21
CA GLU B 855 14.13 -40.81 20.03
C GLU B 855 12.69 -41.32 20.14
N GLY B 856 12.09 -41.67 19.01
CA GLY B 856 10.73 -42.16 18.99
C GLY B 856 10.71 -43.62 18.56
N HIS B 857 9.67 -44.00 17.84
CA HIS B 857 9.57 -45.36 17.36
C HIS B 857 9.12 -45.36 15.92
N VAL B 858 9.84 -46.11 15.09
CA VAL B 858 9.61 -46.14 13.66
C VAL B 858 8.24 -46.75 13.35
N LEU B 859 7.49 -46.10 12.46
CA LEU B 859 6.16 -46.57 12.11
C LEU B 859 6.18 -47.11 10.69
N TYR B 860 6.97 -46.46 9.84
CA TYR B 860 7.10 -46.86 8.45
C TYR B 860 8.48 -46.48 7.90
N GLU B 861 9.08 -47.40 7.16
CA GLU B 861 10.34 -47.12 6.46
C GLU B 861 10.27 -47.83 5.11
N SER B 862 10.03 -47.06 4.05
CA SER B 862 9.75 -47.63 2.74
C SER B 862 10.93 -48.42 2.18
N PRO B 863 10.65 -49.37 1.28
CA PRO B 863 11.75 -49.90 0.48
C PRO B 863 12.27 -48.78 -0.44
N VAL B 864 13.50 -48.93 -0.94
CA VAL B 864 14.05 -48.04 -1.96
C VAL B 864 14.66 -48.92 -3.05
N PRO B 865 14.84 -48.39 -4.28
CA PRO B 865 15.42 -49.21 -5.36
C PRO B 865 16.83 -49.63 -5.01
N ALA B 866 17.26 -50.78 -5.50
CA ALA B 866 18.65 -51.23 -5.36
C ALA B 866 19.50 -50.48 -6.38
N GLY B 867 20.80 -50.40 -6.14
CA GLY B 867 21.69 -49.74 -7.09
C GLY B 867 21.87 -48.24 -6.85
N GLU B 868 22.32 -47.52 -7.88
CA GLU B 868 22.69 -46.12 -7.70
C GLU B 868 21.50 -45.19 -7.56
N GLY B 869 21.74 -44.04 -6.93
CA GLY B 869 20.68 -43.07 -6.65
C GLY B 869 20.73 -42.64 -5.19
N TYR B 870 20.43 -41.37 -4.91
CA TYR B 870 20.54 -40.85 -3.56
C TYR B 870 19.25 -41.08 -2.79
N PHE B 871 18.89 -42.35 -2.62
CA PHE B 871 17.60 -42.69 -2.04
C PHE B 871 17.58 -42.70 -0.53
N VAL B 872 16.57 -42.04 0.03
CA VAL B 872 16.27 -42.13 1.45
C VAL B 872 14.86 -42.68 1.54
N PRO B 873 14.65 -43.69 2.39
CA PRO B 873 13.31 -44.24 2.56
C PRO B 873 12.29 -43.18 2.97
N MET B 874 11.08 -43.27 2.43
CA MET B 874 9.96 -42.55 3.00
C MET B 874 9.81 -43.05 4.44
N THR B 875 9.98 -42.15 5.42
CA THR B 875 10.14 -42.54 6.82
C THR B 875 9.16 -41.84 7.75
N ILE B 876 8.47 -42.61 8.59
CA ILE B 876 7.55 -42.02 9.54
C ILE B 876 7.89 -42.52 10.95
N ILE B 877 7.99 -41.61 11.91
CA ILE B 877 8.44 -41.93 13.26
C ILE B 877 7.46 -41.35 14.26
N GLY B 878 6.96 -42.18 15.17
CA GLY B 878 6.01 -41.72 16.16
C GLY B 878 6.65 -41.61 17.52
N GLY B 879 5.86 -41.21 18.53
CA GLY B 879 6.39 -41.06 19.89
C GLY B 879 7.24 -39.81 20.02
N ILE B 880 7.12 -38.91 19.06
CA ILE B 880 7.98 -37.72 19.09
C ILE B 880 7.43 -36.62 20.01
N LYS B 881 8.33 -35.98 20.75
CA LYS B 881 7.99 -34.95 21.71
C LYS B 881 8.81 -33.70 21.43
N PRO B 882 8.33 -32.52 21.89
CA PRO B 882 8.98 -31.26 21.52
C PRO B 882 10.45 -31.21 21.92
N GLU B 883 10.82 -31.95 22.96
CA GLU B 883 12.20 -31.94 23.44
C GLU B 883 13.13 -32.77 22.55
N HIS B 884 12.57 -33.49 21.58
CA HIS B 884 13.40 -34.31 20.71
C HIS B 884 14.05 -33.51 19.60
N ARG B 885 15.25 -33.91 19.19
CA ARG B 885 15.95 -33.24 18.11
C ARG B 885 15.11 -33.20 16.82
N ILE B 886 14.48 -34.31 16.45
CA ILE B 886 13.76 -34.30 15.19
C ILE B 886 12.39 -33.63 15.32
N ALA B 887 12.10 -33.08 16.49
CA ALA B 887 10.94 -32.20 16.62
C ALA B 887 11.36 -30.73 16.49
N GLN B 888 12.66 -30.49 16.34
CA GLN B 888 13.21 -29.14 16.38
C GLN B 888 14.02 -28.74 15.15
N GLU B 889 14.86 -29.66 14.67
CA GLU B 889 15.84 -29.35 13.64
C GLU B 889 15.31 -29.73 12.25
N GLU B 890 15.50 -28.83 11.29
CA GLU B 890 15.01 -29.03 9.94
C GLU B 890 15.87 -30.09 9.26
N ILE B 891 15.23 -31.16 8.80
CA ILE B 891 15.92 -32.27 8.17
C ILE B 891 15.93 -32.12 6.64
N PHE B 892 14.86 -31.53 6.10
CA PHE B 892 14.74 -31.26 4.66
C PHE B 892 14.79 -32.56 3.85
N GLY B 893 14.10 -33.59 4.32
CA GLY B 893 14.05 -34.87 3.66
C GLY B 893 12.78 -35.63 4.07
N PRO B 894 12.58 -36.83 3.52
CA PRO B 894 11.35 -37.57 3.78
C PRO B 894 11.33 -38.28 5.14
N VAL B 895 11.38 -37.48 6.21
CA VAL B 895 11.29 -37.98 7.58
C VAL B 895 10.27 -37.19 8.38
N LEU B 896 9.15 -37.86 8.70
CA LEU B 896 8.02 -37.22 9.35
C LEU B 896 7.92 -37.62 10.83
N ALA B 897 7.85 -36.62 11.71
CA ALA B 897 7.64 -36.86 13.14
C ALA B 897 6.15 -36.83 13.45
N VAL B 898 5.68 -37.87 14.14
CA VAL B 898 4.28 -37.92 14.59
C VAL B 898 4.25 -37.70 16.10
N MET B 899 3.49 -36.69 16.51
CA MET B 899 3.49 -36.23 17.89
C MET B 899 2.07 -36.36 18.42
N ARG B 900 1.94 -36.96 19.60
CA ARG B 900 0.61 -37.21 20.17
C ARG B 900 0.27 -36.22 21.28
N ALA B 901 -0.67 -35.31 20.97
CA ALA B 901 -1.05 -34.25 21.88
C ALA B 901 -2.24 -34.66 22.74
N LYS B 902 -2.22 -34.30 24.02
CA LYS B 902 -3.27 -34.74 24.95
C LYS B 902 -4.56 -33.95 24.84
N ASP B 903 -4.45 -32.70 24.37
CA ASP B 903 -5.61 -31.85 24.15
C ASP B 903 -5.24 -30.72 23.19
N PHE B 904 -6.24 -29.93 22.77
CA PHE B 904 -6.01 -28.95 21.72
C PHE B 904 -5.03 -27.86 22.16
N ASP B 905 -5.13 -27.47 23.42
CA ASP B 905 -4.19 -26.51 23.98
C ASP B 905 -2.75 -26.99 23.83
N GLN B 906 -2.50 -28.25 24.18
CA GLN B 906 -1.14 -28.78 24.05
C GLN B 906 -0.71 -28.86 22.58
N ALA B 907 -1.66 -29.15 21.69
CA ALA B 907 -1.34 -29.19 20.27
C ALA B 907 -0.82 -27.85 19.79
N ILE B 908 -1.52 -26.78 20.17
CA ILE B 908 -1.09 -25.42 19.82
C ILE B 908 0.26 -25.09 20.45
N GLU B 909 0.36 -25.36 21.74
CA GLU B 909 1.61 -25.18 22.46
C GLU B 909 2.76 -25.92 21.75
N TRP B 910 2.56 -27.19 21.41
CA TRP B 910 3.59 -27.95 20.69
C TRP B 910 3.89 -27.42 19.29
N ALA B 911 2.86 -26.94 18.59
CA ALA B 911 3.09 -26.35 17.28
C ALA B 911 4.04 -25.16 17.41
N ASN B 912 3.87 -24.39 18.48
CA ASN B 912 4.67 -23.19 18.71
C ASN B 912 5.98 -23.42 19.47
N SER B 913 6.44 -24.66 19.55
CA SER B 913 7.57 -24.97 20.43
C SER B 913 8.94 -24.98 19.76
N THR B 914 9.02 -24.53 18.51
CA THR B 914 10.30 -24.49 17.81
C THR B 914 10.77 -23.06 17.65
N GLN B 915 11.92 -22.86 17.00
CA GLN B 915 12.43 -21.51 16.80
C GLN B 915 11.98 -20.95 15.45
N PHE B 916 11.21 -21.76 14.71
CA PHE B 916 10.78 -21.39 13.37
C PHE B 916 9.31 -20.99 13.32
N ALA B 917 8.90 -20.32 12.23
CA ALA B 917 7.51 -19.91 12.11
C ALA B 917 7.13 -19.66 10.67
N LEU B 918 7.42 -20.64 9.83
CA LEU B 918 7.26 -20.47 8.40
C LEU B 918 5.85 -20.84 7.95
N THR B 919 5.55 -22.14 7.90
CA THR B 919 4.20 -22.58 7.59
C THR B 919 3.61 -23.46 8.69
N GLY B 920 2.31 -23.71 8.59
CA GLY B 920 1.61 -24.54 9.54
C GLY B 920 0.32 -25.01 8.90
N GLY B 921 -0.25 -26.08 9.45
CA GLY B 921 -1.52 -26.57 9.00
C GLY B 921 -2.40 -26.97 10.17
N ILE B 922 -3.70 -26.95 9.94
CA ILE B 922 -4.63 -27.53 10.90
C ILE B 922 -5.81 -28.12 10.16
N PHE B 923 -6.09 -29.39 10.41
CA PHE B 923 -7.35 -29.97 10.01
C PHE B 923 -8.26 -30.02 11.21
N SER B 924 -9.33 -29.25 11.15
CA SER B 924 -10.30 -29.17 12.23
C SER B 924 -11.58 -28.63 11.65
N ARG B 925 -12.71 -28.99 12.26
CA ARG B 925 -13.97 -28.48 11.79
C ARG B 925 -14.70 -27.85 12.96
N SER B 926 -13.89 -27.36 13.90
CA SER B 926 -14.39 -26.67 15.06
C SER B 926 -14.13 -25.17 14.89
N PRO B 927 -15.19 -24.37 14.77
CA PRO B 927 -15.02 -22.92 14.59
C PRO B 927 -14.16 -22.32 15.71
N GLU B 928 -14.31 -22.83 16.93
CA GLU B 928 -13.56 -22.33 18.07
C GLU B 928 -12.07 -22.66 17.98
N HIS B 929 -11.75 -23.89 17.58
CA HIS B 929 -10.36 -24.29 17.44
C HIS B 929 -9.68 -23.58 16.28
N LEU B 930 -10.42 -23.36 15.21
CA LEU B 930 -9.87 -22.67 14.04
C LEU B 930 -9.54 -21.23 14.39
N ALA B 931 -10.45 -20.59 15.12
CA ALA B 931 -10.23 -19.25 15.65
C ALA B 931 -9.00 -19.16 16.58
N LYS B 932 -8.84 -20.15 17.45
CA LYS B 932 -7.70 -20.17 18.34
C LYS B 932 -6.41 -20.33 17.52
N ALA B 933 -6.49 -21.17 16.49
CA ALA B 933 -5.35 -21.38 15.61
C ALA B 933 -5.01 -20.12 14.79
N ARG B 934 -6.02 -19.49 14.18
CA ARG B 934 -5.80 -18.25 13.42
C ARG B 934 -5.05 -17.25 14.29
N ARG B 935 -5.43 -17.18 15.56
CA ARG B 935 -4.85 -16.20 16.46
C ARG B 935 -3.47 -16.59 16.99
N GLU B 936 -3.33 -17.81 17.52
CA GLU B 936 -2.13 -18.20 18.26
C GLU B 936 -1.11 -19.05 17.50
N PHE B 937 -1.51 -19.68 16.40
CA PHE B 937 -0.59 -20.53 15.64
C PHE B 937 0.12 -19.60 14.68
N ARG B 938 1.07 -18.83 15.22
CA ARG B 938 1.58 -17.64 14.52
C ARG B 938 2.69 -17.91 13.51
N VAL B 939 2.38 -18.67 12.46
CA VAL B 939 3.35 -18.91 11.39
C VAL B 939 3.14 -17.89 10.27
N GLY B 940 4.10 -17.80 9.34
CA GLY B 940 3.96 -16.87 8.23
C GLY B 940 2.77 -17.20 7.33
N ASN B 941 2.57 -18.50 7.11
CA ASN B 941 1.47 -18.99 6.29
C ASN B 941 0.77 -20.15 6.99
N LEU B 942 -0.44 -19.90 7.46
CA LEU B 942 -1.23 -20.92 8.14
C LEU B 942 -2.30 -21.44 7.20
N TYR B 943 -2.36 -22.76 7.05
CA TYR B 943 -3.33 -23.35 6.14
C TYR B 943 -4.41 -24.12 6.91
N ILE B 944 -5.66 -23.93 6.54
CA ILE B 944 -6.77 -24.59 7.20
C ILE B 944 -7.42 -25.60 6.26
N ASN B 945 -7.43 -26.86 6.70
CA ASN B 945 -8.04 -27.97 5.95
C ASN B 945 -7.48 -28.23 4.56
N ARG B 946 -6.15 -28.15 4.45
CA ARG B 946 -5.46 -28.48 3.21
C ARG B 946 -3.97 -28.55 3.52
N ASN B 947 -3.19 -29.05 2.56
CA ASN B 947 -1.75 -29.17 2.74
C ASN B 947 -1.11 -27.82 3.00
N ASN B 948 0.05 -27.79 3.66
CA ASN B 948 0.68 -26.52 3.98
C ASN B 948 1.80 -26.15 3.02
N THR B 949 1.82 -26.75 1.84
CA THR B 949 2.87 -26.50 0.85
C THR B 949 2.29 -25.88 -0.43
N GLY B 950 3.15 -25.50 -1.36
CA GLY B 950 2.70 -24.99 -2.65
C GLY B 950 1.98 -23.64 -2.65
N ALA B 951 2.49 -22.68 -1.89
CA ALA B 951 1.96 -21.33 -1.95
C ALA B 951 2.04 -20.76 -3.36
N LEU B 952 0.99 -20.07 -3.78
CA LEU B 952 0.91 -19.49 -5.12
C LEU B 952 1.11 -17.97 -5.04
N VAL B 953 1.72 -17.41 -6.06
CA VAL B 953 1.90 -15.95 -6.13
C VAL B 953 0.57 -15.21 -5.99
N GLU B 954 0.59 -14.13 -5.20
CA GLU B 954 -0.57 -13.28 -4.88
C GLU B 954 -1.56 -13.90 -3.90
N ARG B 955 -2.00 -15.13 -4.21
CA ARG B 955 -2.90 -15.86 -3.32
C ARG B 955 -2.26 -16.17 -1.97
N GLN B 956 -1.03 -16.66 -1.97
CA GLN B 956 -0.31 -16.92 -0.74
C GLN B 956 1.11 -16.30 -0.73
N PRO B 957 1.21 -14.98 -0.44
CA PRO B 957 2.56 -14.42 -0.28
C PRO B 957 3.29 -15.19 0.82
N PHE B 958 4.53 -15.57 0.56
CA PHE B 958 5.20 -16.59 1.35
C PHE B 958 6.39 -16.05 2.14
N GLY B 959 6.41 -16.35 3.44
CA GLY B 959 7.53 -15.99 4.30
C GLY B 959 7.14 -15.73 5.75
N GLY B 960 8.12 -15.82 6.63
CA GLY B 960 7.86 -15.70 8.05
C GLY B 960 8.91 -14.90 8.80
N ALA B 961 8.73 -14.81 10.10
CA ALA B 961 9.69 -14.18 10.99
C ALA B 961 10.30 -15.28 11.87
N ARG B 962 10.54 -14.97 13.15
CA ARG B 962 11.32 -15.84 14.03
C ARG B 962 12.63 -16.20 13.33
N MET B 963 13.00 -17.48 13.36
CA MET B 963 14.20 -17.92 12.65
C MET B 963 13.92 -18.37 11.21
N SER B 964 12.67 -18.18 10.77
CA SER B 964 12.29 -18.57 9.43
C SER B 964 12.55 -17.46 8.39
N GLY B 965 12.87 -16.25 8.84
CA GLY B 965 13.00 -15.15 7.90
C GLY B 965 13.07 -13.81 8.59
N VAL B 966 13.02 -12.75 7.79
CA VAL B 966 13.07 -11.39 8.30
C VAL B 966 11.77 -10.65 8.01
N GLY B 967 10.71 -11.42 7.76
CA GLY B 967 9.40 -10.85 7.57
C GLY B 967 9.15 -10.28 6.19
N THR B 968 9.91 -10.75 5.20
CA THR B 968 9.63 -10.39 3.81
C THR B 968 8.82 -11.52 3.18
N LYS B 969 7.86 -11.16 2.33
CA LYS B 969 6.99 -12.16 1.71
C LYS B 969 7.02 -12.06 0.19
N ALA B 970 7.77 -12.95 -0.44
CA ALA B 970 7.76 -13.12 -1.90
C ALA B 970 6.36 -13.40 -2.41
N GLY B 971 6.06 -12.88 -3.60
CA GLY B 971 4.77 -13.13 -4.21
C GLY B 971 3.62 -12.29 -3.67
N GLY B 972 3.93 -11.28 -2.87
CA GLY B 972 2.90 -10.41 -2.32
C GLY B 972 3.18 -8.94 -2.51
N PRO B 973 2.23 -8.08 -2.12
CA PRO B 973 2.26 -6.66 -2.49
C PRO B 973 3.14 -5.79 -1.60
N ASP B 974 3.82 -6.36 -0.61
CA ASP B 974 4.81 -5.60 0.15
C ASP B 974 6.25 -5.88 -0.32
N TYR B 975 6.40 -6.79 -1.27
CA TYR B 975 7.72 -7.37 -1.57
C TYR B 975 8.67 -6.41 -2.29
N LEU B 976 8.23 -5.83 -3.40
CA LEU B 976 9.09 -4.96 -4.21
C LEU B 976 9.69 -3.78 -3.43
N LEU B 977 8.96 -3.26 -2.44
CA LEU B 977 9.44 -2.14 -1.62
C LEU B 977 10.74 -2.46 -0.88
N HIS B 978 10.96 -3.73 -0.54
CA HIS B 978 12.18 -4.15 0.14
C HIS B 978 13.42 -3.98 -0.75
N PHE B 979 13.20 -3.83 -2.04
CA PHE B 979 14.32 -3.72 -2.99
C PHE B 979 14.60 -2.27 -3.35
N MET B 980 13.91 -1.34 -2.70
CA MET B 980 14.02 0.06 -3.05
C MET B 980 14.09 0.91 -1.80
N ASP B 981 14.33 2.20 -1.98
CA ASP B 981 14.20 3.18 -0.90
C ASP B 981 13.31 4.31 -1.39
N PRO B 982 12.44 4.82 -0.50
CA PRO B 982 11.53 5.91 -0.87
C PRO B 982 12.27 7.26 -0.96
N ARG B 983 11.78 8.14 -1.82
CA ARG B 983 12.28 9.50 -1.93
C ARG B 983 11.07 10.41 -2.02
N VAL B 984 11.20 11.62 -1.50
CA VAL B 984 10.18 12.64 -1.68
C VAL B 984 10.80 13.89 -2.32
N VAL B 985 10.11 14.45 -3.31
CA VAL B 985 10.47 15.75 -3.84
C VAL B 985 9.36 16.73 -3.45
N THR B 986 9.75 17.81 -2.79
CA THR B 986 8.82 18.84 -2.39
C THR B 986 9.12 20.13 -3.11
N GLU B 987 8.13 20.65 -3.82
CA GLU B 987 8.31 21.89 -4.55
C GLU B 987 7.38 23.00 -4.09
N ASN B 988 7.94 24.15 -3.75
CA ASN B 988 7.17 25.37 -3.57
C ASN B 988 6.79 25.91 -4.95
N THR B 989 5.52 25.79 -5.31
CA THR B 989 5.06 26.16 -6.65
C THR B 989 4.66 27.63 -6.76
N MET B 990 4.78 28.36 -5.67
CA MET B 990 4.42 29.76 -5.69
C MET B 990 5.57 30.67 -6.16
N ARG B 991 5.31 31.48 -7.18
CA ARG B 991 6.27 32.45 -7.67
C ARG B 991 5.60 33.81 -7.72
N ARG B 992 6.21 34.81 -7.09
CA ARG B 992 5.69 36.17 -7.15
C ARG B 992 4.21 36.20 -6.73
N GLY B 993 3.87 35.44 -5.71
CA GLY B 993 2.54 35.48 -5.12
C GLY B 993 1.45 34.69 -5.83
N PHE B 994 1.80 33.89 -6.83
CA PHE B 994 0.81 33.03 -7.45
C PHE B 994 1.31 31.59 -7.64
N ALA B 995 0.38 30.65 -7.55
CA ALA B 995 0.70 29.26 -7.72
C ALA B 995 -0.37 28.58 -8.56
N PRO B 996 0.03 27.61 -9.39
CA PRO B 996 -0.96 26.84 -10.13
C PRO B 996 -1.86 26.10 -9.15
N ILE B 997 -3.16 26.07 -9.44
CA ILE B 997 -4.08 25.29 -8.62
C ILE B 997 -4.13 23.87 -9.16
N GLU B 998 -3.86 22.90 -8.31
CA GLU B 998 -3.88 21.50 -8.73
C GLU B 998 -5.17 20.81 -8.29
N GLU B 999 -5.49 19.70 -8.96
CA GLU B 999 -6.80 19.07 -8.84
C GLU B 999 -7.14 18.68 -7.40
N ASP B 1000 -6.17 18.11 -6.70
CA ASP B 1000 -6.40 17.62 -5.36
C ASP B 1000 -5.97 18.58 -4.26
N ASP B 1001 -5.81 19.87 -4.60
CA ASP B 1001 -5.45 20.89 -3.62
C ASP B 1001 -6.60 21.13 -2.65
N ASP B 1002 -6.27 21.30 -1.38
CA ASP B 1002 -7.22 21.91 -0.46
C ASP B 1002 -7.31 23.38 -0.85
N TRP B 1003 -8.45 23.79 -1.39
CA TRP B 1003 -8.61 25.16 -1.85
C TRP B 1003 -9.91 25.77 -1.32
N VAL B 1004 -10.44 26.75 -2.03
CA VAL B 1004 -11.64 27.46 -1.59
C VAL B 1004 -12.75 27.34 -2.62
#